data_4GSL
#
_entry.id   4GSL
#
_cell.length_a   281.556
_cell.length_b   125.083
_cell.length_c   71.079
_cell.angle_alpha   90.000
_cell.angle_beta   103.320
_cell.angle_gamma   90.000
#
_symmetry.space_group_name_H-M   'C 1 2 1'
#
loop_
_entity.id
_entity.type
_entity.pdbx_description
1 polymer 'Ubiquitin-like modifier-activating enzyme ATG7'
2 polymer 'Autophagy-related protein 3'
3 non-polymer 'ZINC ION'
4 water water
#
loop_
_entity_poly.entity_id
_entity_poly.type
_entity_poly.pdbx_seq_one_letter_code
_entity_poly.pdbx_strand_id
1 'polypeptide(L)'
;GSMSSERVLSYAPAFKSFLDTSFFQELSRLKLDVLKLDSTCQPLTVNLDLHNIPKSADQVPLFLTNRSFEKHNNKRTNEV
PLQGSIFNFNVLDEFKNLDKQLFLHQRALECWEDGIKDINKCVSFVIISFADLKKYRFYYWLGVPCFQRPSSTVLHVRPE
PSLKGLFSKCQKWFDVNYSKWVCILDADDEIVNYDKCIIRKTKVLAIRDTSTMENVPSALTKNFLSVLQYDVPDLIDFKL
LIIRQNEGSFALNATFASIDPQSSSSNPDMKVSGWERNVQGKLAPRVVDLSSLLDPLKIADQSVDLNLKLMKWRILPDLN
LDIIKNTKVLLLGAGTLGCYVSRALIAWGVRKITFVDNGTVSYSNPVRQALYNFEDCGKPKAELAAASLKRIFPLMDATG
VKLSIPMIGHKLVNEEAQHKDFDRLRALIKEHDIIFLLVDSRESRWLPSLLSNIENKTVINAALGFDSYLVMRHGNRDEQ
SSKQLGCYFCHDVVAPTDSLTDRTLDQMCTVTRPGVAMMASSLAVELMTSLLQTKYSGSETTVLGDIPHQIRGFLHNFSI
LKLETPAYEHCPACSPKVIEAFTDLGWEFVKKALEHPLYLEEISGLSVIKQEVER
;
A,B
2 'polypeptide(L)'
;GSMIRSTLSSWREYLTPITHKSTFLTTGQITPEEFVQAGDYLAHMFPTWKWNEESSDISYRDFLPKNKQFLIIRKVPADK
RAEQAVEVEGPDVIMKGFAEDGDEDDVLEYIGSETEHVQSTPAGGTKDSSIDDIDELIQDMEIKEEDENDDTEEFNAKGG
LAKDMAQERYYDLYIAYSTSYRVPKMYIVGFNSNGSPLSPEQMFEDISADYRTKTATIEKLPFYKNSVLSVSIHPCKHAN
VMKILLDKVRVVRQRRRKELQEEQELDGVGDWEDLQDDIDDSLRVDQYLIVFLKFITSVTPSIQHDYTMEGW
;
C,D
#
loop_
_chem_comp.id
_chem_comp.type
_chem_comp.name
_chem_comp.formula
ZN non-polymer 'ZINC ION' 'Zn 2'
#
# COMPACT_ATOMS: atom_id res chain seq x y z
N SER A 5 -78.87 12.29 -1.33
CA SER A 5 -77.67 13.15 -1.40
C SER A 5 -76.77 13.00 -0.15
N GLU A 6 -77.23 12.20 0.80
CA GLU A 6 -76.61 12.06 2.10
C GLU A 6 -75.68 10.86 2.12
N ARG A 7 -74.40 11.08 2.41
CA ARG A 7 -73.43 9.98 2.43
C ARG A 7 -72.81 9.74 3.80
N VAL A 8 -72.31 8.53 3.99
CA VAL A 8 -71.48 8.25 5.14
C VAL A 8 -70.10 8.80 4.84
N LEU A 9 -69.58 9.67 5.70
CA LEU A 9 -68.27 10.26 5.38
C LEU A 9 -67.12 9.22 5.32
N SER A 10 -66.36 9.24 4.23
CA SER A 10 -65.10 8.46 4.16
C SER A 10 -63.86 9.36 4.12
N TYR A 11 -62.68 8.79 4.35
CA TYR A 11 -61.47 9.59 4.53
C TYR A 11 -60.30 9.15 3.64
N ALA A 12 -59.35 10.05 3.39
CA ALA A 12 -58.13 9.72 2.64
C ALA A 12 -56.91 9.63 3.59
N PRO A 13 -55.87 8.85 3.22
CA PRO A 13 -54.69 8.80 4.12
C PRO A 13 -54.15 10.21 4.34
N ALA A 14 -53.80 10.53 5.58
CA ALA A 14 -53.37 11.89 5.97
C ALA A 14 -52.10 12.36 5.27
N PHE A 15 -51.13 11.46 5.11
CA PHE A 15 -49.80 11.85 4.65
C PHE A 15 -49.19 10.87 3.63
N LYS A 16 -48.28 11.39 2.81
CA LYS A 16 -47.43 10.59 1.93
C LYS A 16 -45.98 10.69 2.41
N SER A 17 -45.42 9.59 2.90
CA SER A 17 -44.02 9.64 3.36
C SER A 17 -42.96 9.81 2.25
N PHE A 18 -42.03 10.73 2.43
CA PHE A 18 -40.83 10.75 1.62
C PHE A 18 -39.62 10.62 2.51
N LEU A 19 -38.84 9.57 2.31
CA LEU A 19 -37.59 9.40 3.07
C LEU A 19 -36.35 9.83 2.32
N ASP A 20 -35.79 10.95 2.77
CA ASP A 20 -34.51 11.42 2.26
C ASP A 20 -33.38 10.54 2.78
N THR A 21 -32.27 10.58 2.06
CA THR A 21 -31.11 9.76 2.37
C THR A 21 -30.49 10.21 3.68
N SER A 22 -30.60 11.50 3.97
CA SER A 22 -30.01 12.04 5.20
C SER A 22 -30.71 11.48 6.42
N PHE A 23 -31.95 11.05 6.24
CA PHE A 23 -32.69 10.45 7.33
C PHE A 23 -32.09 9.13 7.79
N PHE A 24 -31.82 8.27 6.81
CA PHE A 24 -31.18 6.99 7.08
C PHE A 24 -29.74 7.27 7.52
N GLN A 25 -29.11 8.20 6.81
CA GLN A 25 -27.77 8.61 7.15
C GLN A 25 -27.66 8.93 8.65
N GLU A 26 -28.67 9.61 9.19
CA GLU A 26 -28.58 10.12 10.56
C GLU A 26 -28.87 9.04 11.59
N LEU A 27 -29.53 7.98 11.14
CA LEU A 27 -29.72 6.78 11.97
C LEU A 27 -28.38 6.13 12.28
N SER A 28 -27.69 5.71 11.21
CA SER A 28 -26.34 5.20 11.31
C SER A 28 -25.57 6.05 12.31
N ARG A 29 -25.24 7.26 11.87
CA ARG A 29 -24.45 8.21 12.65
C ARG A 29 -24.69 8.11 14.16
N LEU A 30 -25.91 7.74 14.54
CA LEU A 30 -26.28 7.68 15.95
C LEU A 30 -25.80 6.40 16.61
N LYS A 31 -25.07 5.58 15.84
CA LYS A 31 -24.45 4.34 16.33
C LYS A 31 -25.43 3.42 17.03
N LEU A 32 -26.52 3.07 16.35
CA LEU A 32 -27.58 2.30 16.99
C LEU A 32 -27.40 0.77 16.90
N ASP A 33 -26.68 0.32 15.87
CA ASP A 33 -26.27 -1.09 15.71
C ASP A 33 -25.27 -1.51 16.79
N VAL A 34 -24.38 -0.58 17.11
CA VAL A 34 -23.35 -0.69 18.14
C VAL A 34 -23.93 -0.66 19.57
N LEU A 35 -25.24 -0.49 19.68
CA LEU A 35 -25.86 -0.42 21.00
C LEU A 35 -26.63 -1.70 21.33
N LYS A 36 -26.31 -2.32 22.47
CA LYS A 36 -27.02 -3.54 22.87
C LYS A 36 -28.40 -3.22 23.48
N LEU A 37 -29.30 -2.72 22.65
CA LEU A 37 -30.68 -2.41 23.05
C LEU A 37 -31.64 -2.96 22.00
N ASP A 38 -32.68 -3.65 22.42
CA ASP A 38 -33.55 -4.34 21.45
C ASP A 38 -34.30 -3.37 20.55
N SER A 39 -34.72 -2.27 21.15
CA SER A 39 -35.38 -1.21 20.42
C SER A 39 -35.11 0.12 21.09
N THR A 40 -35.41 1.19 20.36
CA THR A 40 -35.01 2.51 20.76
C THR A 40 -36.07 3.50 20.25
N CYS A 41 -36.38 4.50 21.06
CA CYS A 41 -37.44 5.43 20.73
C CYS A 41 -36.96 6.88 20.73
N GLN A 42 -37.07 7.56 19.61
CA GLN A 42 -36.72 8.98 19.56
C GLN A 42 -37.84 9.85 18.96
N PRO A 43 -37.97 11.11 19.43
CA PRO A 43 -38.98 12.00 18.84
C PRO A 43 -38.55 12.55 17.49
N LEU A 44 -39.52 12.79 16.61
CA LEU A 44 -39.24 13.40 15.33
C LEU A 44 -40.05 14.66 15.19
N THR A 45 -39.54 15.59 14.38
CA THR A 45 -40.32 16.76 13.98
C THR A 45 -40.20 17.03 12.46
N VAL A 46 -41.33 17.02 11.76
CA VAL A 46 -41.34 17.51 10.38
C VAL A 46 -42.17 18.78 10.32
N ASN A 47 -41.83 19.66 9.38
CA ASN A 47 -42.61 20.87 9.15
C ASN A 47 -43.43 20.70 7.87
N LEU A 48 -44.74 20.48 8.00
CA LEU A 48 -45.61 20.31 6.82
C LEU A 48 -45.77 21.62 6.07
N ASP A 49 -45.80 21.53 4.74
CA ASP A 49 -46.06 22.71 3.91
C ASP A 49 -47.29 22.45 3.05
N LEU A 50 -48.44 23.00 3.47
CA LEU A 50 -49.71 22.70 2.83
C LEU A 50 -49.98 23.53 1.58
N HIS A 51 -49.08 24.47 1.28
CA HIS A 51 -49.13 25.26 0.04
C HIS A 51 -48.45 24.60 -1.17
N ASN A 52 -47.65 23.57 -0.93
CA ASN A 52 -46.88 22.93 -1.99
C ASN A 52 -47.11 21.42 -1.96
N ILE A 53 -48.28 21.00 -2.42
CA ILE A 53 -48.61 19.60 -2.54
C ILE A 53 -48.62 19.20 -4.01
N PRO A 54 -47.77 18.23 -4.38
CA PRO A 54 -47.65 17.73 -5.74
C PRO A 54 -49.00 17.31 -6.39
N LYS A 55 -49.27 17.73 -7.62
CA LYS A 55 -50.49 17.31 -8.32
C LYS A 55 -50.75 15.80 -8.24
N SER A 56 -49.68 15.00 -8.35
CA SER A 56 -49.79 13.55 -8.42
C SER A 56 -49.95 12.88 -7.05
N ALA A 57 -49.83 13.68 -5.99
CA ALA A 57 -50.09 13.23 -4.64
C ALA A 57 -51.54 13.52 -4.25
N ASP A 58 -52.06 12.73 -3.31
CA ASP A 58 -53.40 12.95 -2.79
C ASP A 58 -53.40 13.55 -1.39
N GLN A 59 -52.21 13.83 -0.87
CA GLN A 59 -52.09 14.36 0.48
C GLN A 59 -50.70 14.97 0.68
N VAL A 60 -50.55 15.80 1.71
CA VAL A 60 -49.27 16.42 2.05
C VAL A 60 -48.11 15.45 2.16
N PRO A 61 -46.97 15.83 1.60
CA PRO A 61 -45.74 15.08 1.83
C PRO A 61 -45.29 15.18 3.29
N LEU A 62 -44.91 14.04 3.86
CA LEU A 62 -44.30 14.00 5.17
C LEU A 62 -42.81 13.66 4.97
N PHE A 63 -41.98 14.68 4.86
CA PHE A 63 -40.60 14.55 4.40
C PHE A 63 -39.59 14.42 5.56
N LEU A 64 -39.03 13.23 5.72
CA LEU A 64 -38.11 12.94 6.82
C LEU A 64 -36.67 13.12 6.39
N THR A 65 -35.93 13.97 7.08
CA THR A 65 -34.50 14.11 6.81
C THR A 65 -33.69 13.91 8.09
N ASN A 66 -32.38 14.16 8.02
CA ASN A 66 -31.59 14.16 9.24
C ASN A 66 -32.11 15.19 10.24
N ARG A 67 -32.45 16.37 9.73
CA ARG A 67 -33.03 17.49 10.49
C ARG A 67 -34.32 17.14 11.25
N SER A 68 -34.96 16.04 10.88
CA SER A 68 -36.14 15.59 11.58
C SER A 68 -35.87 15.12 13.04
N PHE A 69 -34.60 14.96 13.40
CA PHE A 69 -34.27 14.47 14.73
C PHE A 69 -34.05 15.63 15.70
N GLU A 70 -33.92 16.84 15.15
CA GLU A 70 -33.43 18.01 15.91
C GLU A 70 -34.52 18.69 16.76
N LYS A 71 -35.77 18.22 16.61
CA LYS A 71 -36.78 18.47 17.64
C LYS A 71 -37.26 19.91 17.68
N HIS A 72 -36.34 20.86 17.50
CA HIS A 72 -36.70 22.26 17.34
C HIS A 72 -36.28 22.68 15.95
N ASN A 73 -35.18 23.43 15.87
CA ASN A 73 -34.66 23.90 14.59
C ASN A 73 -35.57 25.00 14.00
N ASN A 74 -35.05 25.70 13.00
CA ASN A 74 -35.79 26.79 12.37
C ASN A 74 -36.89 26.32 11.40
N LYS A 75 -38.04 27.00 11.50
CA LYS A 75 -39.24 26.62 10.78
C LYS A 75 -39.64 27.76 9.84
N ARG A 76 -40.09 27.42 8.65
CA ARG A 76 -40.53 28.47 7.73
C ARG A 76 -41.90 28.98 8.13
N THR A 77 -42.13 30.26 7.83
CA THR A 77 -43.40 30.93 8.08
C THR A 77 -44.58 30.12 7.48
N ASN A 78 -45.64 29.97 8.28
CA ASN A 78 -46.83 29.14 7.97
C ASN A 78 -46.65 27.64 7.60
N GLU A 79 -45.45 27.10 7.85
CA GLU A 79 -45.22 25.66 7.79
C GLU A 79 -45.77 25.06 9.08
N VAL A 80 -46.51 23.96 8.99
CA VAL A 80 -47.12 23.40 10.20
C VAL A 80 -46.23 22.33 10.81
N PRO A 81 -45.78 22.54 12.04
CA PRO A 81 -44.94 21.52 12.70
C PRO A 81 -45.73 20.30 13.14
N LEU A 82 -45.22 19.11 12.85
CA LEU A 82 -45.86 17.86 13.22
C LEU A 82 -44.90 17.03 14.10
N GLN A 83 -45.36 16.65 15.29
CA GLN A 83 -44.52 15.90 16.23
C GLN A 83 -44.77 14.40 16.06
N GLY A 84 -43.68 13.63 15.99
CA GLY A 84 -43.81 12.18 15.91
C GLY A 84 -42.68 11.46 16.64
N SER A 85 -42.52 10.17 16.34
CA SER A 85 -41.39 9.42 16.87
C SER A 85 -40.98 8.29 15.96
N ILE A 86 -39.74 7.85 16.11
CA ILE A 86 -39.28 6.66 15.41
C ILE A 86 -38.90 5.64 16.47
N PHE A 87 -39.52 4.47 16.40
CA PHE A 87 -39.11 3.32 17.18
C PHE A 87 -38.26 2.45 16.29
N ASN A 88 -36.98 2.36 16.59
CA ASN A 88 -36.11 1.52 15.79
C ASN A 88 -35.83 0.17 16.46
N PHE A 89 -35.85 -0.91 15.69
CA PHE A 89 -35.60 -2.25 16.25
C PHE A 89 -34.24 -2.78 15.82
N ASN A 90 -33.52 -3.39 16.75
CA ASN A 90 -32.23 -3.98 16.39
C ASN A 90 -32.33 -5.42 15.87
N VAL A 91 -33.43 -6.09 16.22
CA VAL A 91 -33.71 -7.46 15.85
C VAL A 91 -34.87 -7.51 14.82
N LEU A 92 -34.54 -7.71 13.55
CA LEU A 92 -35.55 -7.85 12.50
C LEU A 92 -36.76 -8.65 12.95
N ASP A 93 -36.51 -9.76 13.62
CA ASP A 93 -37.61 -10.61 14.01
C ASP A 93 -38.67 -9.86 14.79
N GLU A 94 -38.26 -8.95 15.67
CA GLU A 94 -39.25 -8.28 16.52
C GLU A 94 -39.84 -7.02 15.87
N PHE A 95 -39.23 -6.59 14.78
CA PHE A 95 -39.85 -5.67 13.85
C PHE A 95 -40.98 -6.41 13.15
N LYS A 96 -40.71 -7.64 12.72
CA LYS A 96 -41.68 -8.41 11.94
C LYS A 96 -42.88 -8.88 12.74
N ASN A 97 -42.66 -9.33 13.97
CA ASN A 97 -43.74 -9.89 14.77
C ASN A 97 -44.41 -8.89 15.70
N LEU A 98 -43.99 -7.62 15.59
CA LEU A 98 -44.66 -6.54 16.28
C LEU A 98 -46.11 -6.47 15.83
N ASP A 99 -47.02 -6.56 16.80
CA ASP A 99 -48.45 -6.44 16.53
C ASP A 99 -48.79 -5.03 16.09
N LYS A 100 -48.90 -4.83 14.79
CA LYS A 100 -49.11 -3.50 14.20
C LYS A 100 -50.41 -2.80 14.67
N GLN A 101 -51.51 -3.52 14.77
CA GLN A 101 -52.78 -2.96 15.24
C GLN A 101 -52.70 -2.43 16.65
N LEU A 102 -52.23 -3.30 17.56
CA LEU A 102 -52.08 -2.96 18.98
C LEU A 102 -51.06 -1.83 19.17
N PHE A 103 -50.01 -1.85 18.36
CA PHE A 103 -48.98 -0.82 18.44
C PHE A 103 -49.55 0.55 18.04
N LEU A 104 -50.31 0.59 16.95
CA LEU A 104 -50.80 1.86 16.45
C LEU A 104 -51.92 2.35 17.36
N HIS A 105 -52.62 1.41 17.98
CA HIS A 105 -53.64 1.73 18.97
C HIS A 105 -53.03 2.43 20.20
N GLN A 106 -51.81 2.07 20.55
CA GLN A 106 -51.16 2.65 21.71
C GLN A 106 -50.78 4.09 21.39
N ARG A 107 -50.31 4.31 20.17
CA ARG A 107 -50.02 5.64 19.68
C ARG A 107 -51.30 6.50 19.61
N ALA A 108 -52.43 5.89 19.28
CA ALA A 108 -53.71 6.62 19.23
C ALA A 108 -54.10 7.09 20.63
N LEU A 109 -53.97 6.20 21.62
CA LEU A 109 -54.33 6.56 22.99
C LEU A 109 -53.55 7.77 23.48
N GLU A 110 -52.26 7.84 23.15
CA GLU A 110 -51.47 9.04 23.46
C GLU A 110 -52.12 10.25 22.81
N CYS A 111 -52.35 10.19 21.50
CA CYS A 111 -53.04 11.28 20.84
C CYS A 111 -54.33 11.64 21.57
N TRP A 112 -55.05 10.62 22.05
CA TRP A 112 -56.28 10.87 22.80
C TRP A 112 -56.03 11.64 24.08
N GLU A 113 -55.13 11.11 24.93
CA GLU A 113 -54.80 11.77 26.18
C GLU A 113 -54.40 13.23 26.00
N ASP A 114 -53.71 13.51 24.90
CA ASP A 114 -53.30 14.86 24.56
C ASP A 114 -54.48 15.67 24.05
N GLY A 115 -55.30 15.02 23.22
CA GLY A 115 -56.40 15.66 22.54
C GLY A 115 -57.41 16.23 23.50
N ILE A 116 -57.69 15.52 24.59
CA ILE A 116 -58.69 15.99 25.54
C ILE A 116 -58.18 17.14 26.41
N LYS A 117 -56.87 17.40 26.38
CA LYS A 117 -56.38 18.61 27.04
C LYS A 117 -56.22 19.75 26.05
N ASP A 118 -55.97 19.42 24.79
CA ASP A 118 -55.85 20.42 23.73
C ASP A 118 -56.10 19.72 22.39
N ILE A 119 -57.12 20.17 21.68
CA ILE A 119 -57.62 19.47 20.51
C ILE A 119 -56.67 19.61 19.32
N ASN A 120 -55.80 20.60 19.37
CA ASN A 120 -54.79 20.82 18.34
C ASN A 120 -53.54 19.97 18.53
N LYS A 121 -53.56 19.15 19.57
CA LYS A 121 -52.46 18.26 19.81
C LYS A 121 -52.83 16.79 19.73
N CYS A 122 -53.93 16.46 19.04
CA CYS A 122 -54.38 15.06 18.98
C CYS A 122 -53.90 14.39 17.71
N VAL A 123 -52.91 15.00 17.09
CA VAL A 123 -52.42 14.52 15.83
C VAL A 123 -50.94 14.16 15.92
N SER A 124 -50.56 13.06 15.30
CA SER A 124 -49.18 12.61 15.39
C SER A 124 -48.81 11.70 14.25
N PHE A 125 -47.57 11.21 14.26
CA PHE A 125 -47.17 10.12 13.38
C PHE A 125 -46.11 9.26 14.05
N VAL A 126 -45.91 8.05 13.51
CA VAL A 126 -44.84 7.20 13.98
C VAL A 126 -44.13 6.43 12.86
N ILE A 127 -42.82 6.32 12.96
CA ILE A 127 -42.05 5.46 12.07
C ILE A 127 -41.53 4.27 12.86
N ILE A 128 -41.84 3.07 12.40
CA ILE A 128 -41.15 1.88 12.89
C ILE A 128 -40.11 1.44 11.89
N SER A 129 -38.95 1.01 12.37
CA SER A 129 -37.85 0.74 11.47
C SER A 129 -36.94 -0.39 11.91
N PHE A 130 -36.41 -1.09 10.93
CA PHE A 130 -35.29 -1.98 11.13
C PHE A 130 -34.25 -1.61 10.10
N ALA A 131 -33.01 -1.47 10.55
CA ALA A 131 -31.93 -1.09 9.64
C ALA A 131 -30.88 -2.18 9.53
N ASP A 132 -30.62 -2.65 8.30
CA ASP A 132 -29.47 -3.55 8.07
C ASP A 132 -28.27 -2.71 7.68
N LEU A 133 -27.52 -2.22 8.66
CA LEU A 133 -26.50 -1.20 8.44
C LEU A 133 -25.29 -1.68 7.65
N LYS A 134 -25.25 -2.97 7.32
CA LYS A 134 -24.14 -3.52 6.56
C LYS A 134 -24.57 -3.71 5.10
N LYS A 135 -25.74 -4.31 4.90
CA LYS A 135 -26.33 -4.41 3.56
C LYS A 135 -26.95 -3.08 3.10
N TYR A 136 -26.89 -2.07 3.95
CA TYR A 136 -27.51 -0.77 3.68
C TYR A 136 -28.98 -0.86 3.25
N ARG A 137 -29.67 -1.89 3.74
CA ARG A 137 -31.11 -2.09 3.50
C ARG A 137 -31.93 -1.55 4.69
N PHE A 138 -32.81 -0.59 4.42
CA PHE A 138 -33.69 -0.07 5.49
C PHE A 138 -35.17 -0.44 5.30
N TYR A 139 -35.74 -1.03 6.33
CA TYR A 139 -37.16 -1.35 6.38
C TYR A 139 -37.84 -0.33 7.29
N TYR A 140 -38.99 0.18 6.85
CA TYR A 140 -39.75 1.13 7.65
C TYR A 140 -41.24 1.10 7.33
N TRP A 141 -42.02 1.70 8.20
CA TRP A 141 -43.45 1.79 7.97
C TRP A 141 -43.93 3.01 8.71
N LEU A 142 -44.47 3.99 7.98
CA LEU A 142 -45.18 5.11 8.59
C LEU A 142 -46.52 4.71 9.20
N GLY A 143 -46.78 5.15 10.42
CA GLY A 143 -48.11 5.02 11.01
C GLY A 143 -48.66 6.39 11.40
N VAL A 144 -49.91 6.64 11.04
CA VAL A 144 -50.57 7.88 11.39
C VAL A 144 -51.85 7.55 12.14
N PRO A 145 -51.79 7.61 13.50
CA PRO A 145 -52.94 7.20 14.33
C PRO A 145 -54.11 8.10 14.06
N CYS A 146 -55.14 7.51 13.47
CA CYS A 146 -56.42 8.17 13.22
C CYS A 146 -57.47 7.34 13.94
N PHE A 147 -58.17 7.96 14.87
CA PHE A 147 -59.07 7.20 15.73
C PHE A 147 -60.53 7.70 15.77
N GLN A 148 -61.47 6.76 15.77
CA GLN A 148 -62.87 7.03 16.02
C GLN A 148 -63.14 6.58 17.45
N ARG A 149 -63.32 7.51 18.37
CA ARG A 149 -63.75 7.15 19.71
C ARG A 149 -65.02 7.91 20.04
N PRO A 150 -66.10 7.18 20.35
CA PRO A 150 -66.07 5.70 20.34
C PRO A 150 -66.15 5.08 18.93
N SER A 151 -65.93 3.77 18.86
CA SER A 151 -65.91 3.09 17.57
C SER A 151 -67.24 3.17 16.87
N SER A 152 -68.30 3.23 17.68
CA SER A 152 -69.68 3.12 17.19
C SER A 152 -70.09 4.33 16.37
N THR A 153 -69.35 5.42 16.51
CA THR A 153 -69.73 6.69 15.93
C THR A 153 -69.22 6.84 14.50
N VAL A 154 -70.10 7.25 13.58
CA VAL A 154 -69.71 7.59 12.22
C VAL A 154 -70.35 8.91 11.86
N LEU A 155 -70.10 9.41 10.66
CA LEU A 155 -70.60 10.73 10.34
C LEU A 155 -71.40 10.72 9.03
N HIS A 156 -72.64 11.20 9.09
CA HIS A 156 -73.44 11.46 7.88
C HIS A 156 -73.13 12.87 7.40
N VAL A 157 -73.05 13.05 6.09
CA VAL A 157 -72.76 14.38 5.55
C VAL A 157 -73.48 14.66 4.24
N ARG A 158 -73.65 15.94 3.95
CA ARG A 158 -74.28 16.41 2.72
C ARG A 158 -73.64 17.76 2.42
N PRO A 159 -73.43 18.06 1.15
CA PRO A 159 -72.80 19.31 0.70
C PRO A 159 -73.48 20.54 1.26
N GLU A 160 -72.68 21.57 1.52
CA GLU A 160 -73.16 22.84 2.06
C GLU A 160 -72.55 23.94 1.22
N PRO A 161 -73.26 24.39 0.20
CA PRO A 161 -72.67 25.33 -0.75
C PRO A 161 -72.53 26.69 -0.10
N SER A 162 -73.28 26.91 0.97
CA SER A 162 -73.59 28.25 1.46
C SER A 162 -72.50 28.93 2.28
N LEU A 163 -71.41 28.21 2.54
CA LEU A 163 -70.38 28.74 3.41
C LEU A 163 -69.09 29.01 2.64
N LYS A 164 -69.22 29.70 1.52
CA LYS A 164 -68.07 29.87 0.63
C LYS A 164 -67.10 31.01 0.99
N GLY A 165 -67.63 32.16 1.45
CA GLY A 165 -66.79 33.31 1.79
C GLY A 165 -65.89 33.07 2.99
N LEU A 166 -66.29 32.08 3.79
CA LEU A 166 -65.52 31.62 4.92
C LEU A 166 -64.14 31.03 4.55
N PHE A 167 -64.08 30.31 3.44
CA PHE A 167 -62.85 29.59 3.11
C PHE A 167 -61.63 30.50 3.05
N SER A 168 -61.81 31.71 2.56
CA SER A 168 -60.69 32.64 2.51
C SER A 168 -60.23 32.99 3.93
N LYS A 169 -61.20 33.29 4.79
CA LYS A 169 -60.88 33.68 6.14
C LYS A 169 -60.15 32.53 6.88
N CYS A 170 -60.68 31.31 6.73
CA CYS A 170 -60.05 30.13 7.33
C CYS A 170 -58.67 29.81 6.78
N GLN A 171 -58.51 29.82 5.47
CA GLN A 171 -57.20 29.59 4.89
C GLN A 171 -56.23 30.58 5.54
N LYS A 172 -56.64 31.83 5.58
CA LYS A 172 -55.76 32.91 6.01
C LYS A 172 -55.55 32.89 7.52
N TRP A 173 -56.55 32.43 8.25
CA TRP A 173 -56.40 32.20 9.68
C TRP A 173 -55.45 31.01 9.98
N PHE A 174 -55.58 29.89 9.26
CA PHE A 174 -54.64 28.78 9.49
C PHE A 174 -53.19 29.14 9.18
N ASP A 175 -52.95 29.88 8.10
CA ASP A 175 -51.58 30.31 7.80
C ASP A 175 -50.92 31.00 8.97
N VAL A 176 -51.65 31.87 9.66
CA VAL A 176 -51.09 32.61 10.79
C VAL A 176 -50.93 31.68 12.00
N ASN A 177 -51.98 30.97 12.34
CA ASN A 177 -51.98 30.09 13.50
C ASN A 177 -51.50 28.70 13.18
N TYR A 178 -50.20 28.63 12.86
CA TYR A 178 -49.59 27.47 12.24
C TYR A 178 -49.57 26.24 13.17
N SER A 179 -49.76 26.45 14.46
CA SER A 179 -49.78 25.34 15.41
C SER A 179 -51.18 24.82 15.66
N LYS A 180 -52.14 25.33 14.90
CA LYS A 180 -53.55 25.00 15.12
C LYS A 180 -54.04 24.12 13.99
N TRP A 181 -54.87 23.13 14.29
CA TRP A 181 -55.47 22.25 13.28
C TRP A 181 -56.96 22.51 13.15
N VAL A 182 -57.50 23.22 14.13
CA VAL A 182 -58.94 23.44 14.24
C VAL A 182 -59.20 24.90 14.58
N CYS A 183 -60.32 25.41 14.08
CA CYS A 183 -60.90 26.67 14.53
C CYS A 183 -62.40 26.60 14.35
N ILE A 184 -63.09 27.56 14.96
CA ILE A 184 -64.55 27.61 14.97
C ILE A 184 -65.08 29.04 14.71
N LEU A 185 -66.38 29.18 14.51
CA LEU A 185 -67.01 30.48 14.52
C LEU A 185 -67.57 30.77 15.91
N ASP A 186 -67.48 32.03 16.35
CA ASP A 186 -68.14 32.47 17.57
C ASP A 186 -69.49 33.08 17.19
N ALA A 187 -70.23 33.63 18.15
CA ALA A 187 -71.59 34.06 17.84
C ALA A 187 -71.69 35.16 16.78
N ASP A 188 -70.56 35.83 16.49
CA ASP A 188 -70.52 36.90 15.47
C ASP A 188 -70.03 36.43 14.07
N ASP A 189 -69.90 35.12 13.88
CA ASP A 189 -69.30 34.59 12.65
C ASP A 189 -67.81 34.99 12.47
N GLU A 190 -67.15 35.29 13.58
CA GLU A 190 -65.72 35.52 13.54
C GLU A 190 -64.97 34.21 13.79
N ILE A 191 -63.80 34.07 13.18
CA ILE A 191 -63.00 32.89 13.43
C ILE A 191 -62.32 33.02 14.78
N VAL A 192 -62.43 31.98 15.61
CA VAL A 192 -61.68 31.95 16.86
C VAL A 192 -61.17 30.55 17.18
N ASN A 193 -60.32 30.43 18.19
CA ASN A 193 -59.81 29.12 18.59
C ASN A 193 -60.91 28.20 19.03
N TYR A 194 -60.69 26.90 18.87
CA TYR A 194 -61.67 25.95 19.36
C TYR A 194 -61.83 26.15 20.87
N ASP A 195 -63.08 26.11 21.31
CA ASP A 195 -63.45 26.21 22.72
C ASP A 195 -64.79 25.49 22.86
N LYS A 196 -64.82 24.46 23.70
CA LYS A 196 -65.99 23.62 23.81
C LYS A 196 -67.24 24.43 24.18
N CYS A 197 -67.06 25.48 24.97
CA CYS A 197 -68.22 26.25 25.43
C CYS A 197 -68.82 27.05 24.30
N ILE A 198 -67.98 27.55 23.41
CA ILE A 198 -68.49 28.25 22.24
C ILE A 198 -69.14 27.33 21.22
N ILE A 199 -68.47 26.22 20.88
CA ILE A 199 -68.94 25.42 19.73
C ILE A 199 -70.21 24.67 20.05
N ARG A 200 -70.37 24.31 21.33
CA ARG A 200 -71.63 23.80 21.86
C ARG A 200 -72.82 24.69 21.43
N LYS A 201 -72.59 26.01 21.31
CA LYS A 201 -73.64 26.93 20.87
C LYS A 201 -73.61 27.23 19.38
N THR A 202 -72.47 27.66 18.86
CA THR A 202 -72.37 28.08 17.45
C THR A 202 -72.31 26.93 16.45
N LYS A 203 -71.85 25.76 16.91
CA LYS A 203 -71.87 24.55 16.08
C LYS A 203 -71.25 24.71 14.69
N VAL A 204 -70.11 25.40 14.58
CA VAL A 204 -69.38 25.42 13.30
C VAL A 204 -67.90 25.10 13.46
N LEU A 205 -67.46 23.98 12.90
CA LEU A 205 -66.07 23.54 13.03
C LEU A 205 -65.30 23.52 11.71
N ALA A 206 -64.16 24.22 11.65
CA ALA A 206 -63.28 24.16 10.48
C ALA A 206 -62.00 23.35 10.80
N ILE A 207 -61.66 22.40 9.94
CA ILE A 207 -60.42 21.65 10.11
C ILE A 207 -59.38 21.96 9.02
N ARG A 208 -58.11 22.06 9.43
CA ARG A 208 -57.04 22.25 8.47
C ARG A 208 -56.77 20.89 7.82
N ASP A 209 -57.28 20.72 6.60
CA ASP A 209 -57.21 19.44 5.89
C ASP A 209 -55.83 19.13 5.27
N THR A 210 -55.39 17.87 5.35
CA THR A 210 -54.10 17.45 4.75
C THR A 210 -54.23 16.64 3.46
N SER A 211 -55.44 16.42 2.98
CA SER A 211 -55.64 15.70 1.73
C SER A 211 -55.96 16.66 0.56
N THR A 212 -55.76 16.22 -0.68
CA THR A 212 -56.26 16.97 -1.84
C THR A 212 -57.32 16.25 -2.65
N MET A 213 -57.70 15.05 -2.21
CA MET A 213 -58.78 14.30 -2.85
C MET A 213 -60.09 15.06 -2.85
N GLU A 214 -60.62 15.30 -4.03
CA GLU A 214 -61.92 15.96 -4.15
C GLU A 214 -62.93 15.38 -3.16
N ASN A 215 -63.39 16.24 -2.25
CA ASN A 215 -64.48 15.92 -1.33
C ASN A 215 -64.23 14.79 -0.34
N VAL A 216 -62.97 14.45 -0.13
CA VAL A 216 -62.59 13.40 0.82
C VAL A 216 -61.56 13.98 1.75
N PRO A 217 -61.95 14.25 3.01
CA PRO A 217 -61.02 14.87 3.98
C PRO A 217 -59.96 13.89 4.51
N SER A 218 -58.85 14.45 5.00
CA SER A 218 -57.83 13.65 5.65
C SER A 218 -58.46 12.84 6.77
N ALA A 219 -57.93 11.65 7.02
CA ALA A 219 -58.37 10.79 8.11
C ALA A 219 -58.07 11.36 9.51
N LEU A 220 -57.24 12.41 9.56
CA LEU A 220 -57.03 13.13 10.80
C LEU A 220 -58.37 13.66 11.32
N THR A 221 -59.28 13.89 10.38
CA THR A 221 -60.59 14.44 10.69
C THR A 221 -61.25 13.68 11.84
N LYS A 222 -61.05 12.37 11.89
CA LYS A 222 -61.73 11.52 12.87
C LYS A 222 -61.28 11.84 14.28
N ASN A 223 -59.96 12.09 14.42
CA ASN A 223 -59.38 12.42 15.71
C ASN A 223 -60.10 13.65 16.30
N PHE A 224 -60.24 14.69 15.48
CA PHE A 224 -60.85 15.92 15.94
C PHE A 224 -62.35 15.75 16.28
N LEU A 225 -63.09 15.05 15.42
CA LEU A 225 -64.49 14.78 15.72
C LEU A 225 -64.64 14.00 17.01
N SER A 226 -63.65 13.16 17.32
CA SER A 226 -63.74 12.33 18.52
C SER A 226 -63.64 13.18 19.78
N VAL A 227 -62.71 14.14 19.76
CA VAL A 227 -62.59 15.14 20.82
C VAL A 227 -63.87 16.01 20.91
N LEU A 228 -64.35 16.48 19.76
CA LEU A 228 -65.53 17.32 19.72
C LEU A 228 -66.69 16.62 20.40
N GLN A 229 -66.92 15.36 20.03
CA GLN A 229 -68.01 14.60 20.59
C GLN A 229 -67.89 14.45 22.13
N TYR A 230 -66.66 14.28 22.61
CA TYR A 230 -66.40 14.11 24.04
C TYR A 230 -66.66 15.40 24.82
N ASP A 231 -66.35 16.55 24.21
CA ASP A 231 -66.64 17.83 24.83
C ASP A 231 -68.12 18.14 24.73
N VAL A 232 -68.77 17.60 23.72
CA VAL A 232 -70.12 18.00 23.39
C VAL A 232 -70.94 16.78 22.98
N PRO A 233 -71.16 15.87 23.93
CA PRO A 233 -71.80 14.60 23.53
C PRO A 233 -73.23 14.78 23.10
N ASP A 234 -73.79 15.95 23.39
CA ASP A 234 -75.20 16.20 23.06
C ASP A 234 -75.32 16.74 21.63
N LEU A 235 -74.16 16.96 21.00
CA LEU A 235 -74.12 17.46 19.63
C LEU A 235 -74.51 16.40 18.60
N ILE A 236 -75.50 16.74 17.80
CA ILE A 236 -75.99 15.86 16.75
C ILE A 236 -75.55 16.48 15.43
N ASP A 237 -75.99 17.72 15.21
CA ASP A 237 -75.92 18.41 13.92
C ASP A 237 -75.07 19.67 13.94
N PHE A 238 -74.14 19.79 13.01
CA PHE A 238 -73.25 20.93 12.99
C PHE A 238 -72.71 21.15 11.58
N LYS A 239 -72.04 22.27 11.34
CA LYS A 239 -71.40 22.52 10.06
C LYS A 239 -69.92 22.11 10.14
N LEU A 240 -69.40 21.52 9.07
CA LEU A 240 -68.00 21.15 9.05
C LEU A 240 -67.31 21.70 7.79
N LEU A 241 -66.33 22.59 8.03
CA LEU A 241 -65.55 23.17 6.94
C LEU A 241 -64.22 22.43 6.80
N ILE A 242 -63.99 21.83 5.64
CA ILE A 242 -62.72 21.20 5.35
C ILE A 242 -61.82 22.18 4.58
N ILE A 243 -60.83 22.75 5.24
CA ILE A 243 -60.06 23.83 4.65
C ILE A 243 -58.74 23.38 3.99
N ARG A 244 -58.54 23.79 2.74
CA ARG A 244 -57.31 23.48 2.02
C ARG A 244 -56.69 24.75 1.48
N GLN A 245 -55.39 24.71 1.19
CA GLN A 245 -54.74 25.92 0.72
C GLN A 245 -54.76 26.05 -0.79
N ASN A 246 -55.59 25.24 -1.44
CA ASN A 246 -55.82 25.42 -2.86
C ASN A 246 -57.27 25.80 -3.03
N GLU A 247 -57.84 25.47 -4.20
CA GLU A 247 -59.22 25.86 -4.48
C GLU A 247 -60.26 24.83 -4.01
N GLY A 248 -59.79 23.74 -3.41
CA GLY A 248 -60.63 22.59 -3.11
C GLY A 248 -61.24 22.44 -1.72
N SER A 249 -61.27 23.51 -0.95
CA SER A 249 -62.01 23.53 0.31
C SER A 249 -63.51 23.26 0.06
N PHE A 250 -64.17 22.64 1.04
CA PHE A 250 -65.61 22.39 0.98
C PHE A 250 -66.28 22.42 2.36
N ALA A 251 -67.58 22.64 2.35
CA ALA A 251 -68.38 22.66 3.56
C ALA A 251 -69.35 21.49 3.53
N LEU A 252 -69.88 21.11 4.69
CA LEU A 252 -70.73 19.96 4.82
C LEU A 252 -71.69 20.18 5.99
N ASN A 253 -72.94 19.73 5.83
CA ASN A 253 -73.79 19.47 6.98
C ASN A 253 -73.46 18.11 7.52
N ALA A 254 -73.04 18.07 8.77
CA ALA A 254 -72.54 16.84 9.33
C ALA A 254 -73.47 16.45 10.44
N THR A 255 -73.68 15.14 10.61
CA THR A 255 -74.52 14.60 11.66
C THR A 255 -73.84 13.40 12.29
N PHE A 256 -73.68 13.41 13.61
CA PHE A 256 -73.17 12.22 14.29
C PHE A 256 -74.26 11.13 14.35
N ALA A 257 -73.95 9.97 13.80
CA ALA A 257 -74.77 8.78 13.97
C ALA A 257 -73.95 7.75 14.74
N SER A 258 -74.59 6.62 15.00
CA SER A 258 -74.03 5.59 15.83
C SER A 258 -74.48 4.22 15.35
N ILE A 259 -73.50 3.33 15.29
CA ILE A 259 -73.75 1.96 14.89
C ILE A 259 -73.40 1.05 16.07
N ASP A 260 -74.40 0.34 16.59
CA ASP A 260 -74.17 -0.62 17.66
C ASP A 260 -73.53 0.07 18.87
N PRO A 261 -74.22 1.09 19.41
CA PRO A 261 -73.69 1.84 20.56
C PRO A 261 -73.47 0.95 21.79
N GLN A 262 -72.37 1.19 22.51
CA GLN A 262 -72.11 0.52 23.79
C GLN A 262 -72.76 1.29 24.92
N SER A 263 -72.89 0.66 26.09
CA SER A 263 -73.63 1.24 27.23
C SER A 263 -73.22 2.68 27.60
N SER A 264 -74.19 3.42 28.13
CA SER A 264 -74.00 4.82 28.52
C SER A 264 -72.76 5.04 29.39
N ASN A 267 -67.58 2.53 28.91
CA ASN A 267 -66.12 2.44 28.79
C ASN A 267 -65.65 2.45 27.33
N PRO A 268 -65.80 3.61 26.68
CA PRO A 268 -65.60 3.82 25.23
C PRO A 268 -64.31 3.20 24.69
N ASP A 269 -64.44 2.24 23.78
CA ASP A 269 -63.29 1.73 23.07
C ASP A 269 -63.08 2.62 21.87
N MET A 270 -62.07 2.34 21.06
CA MET A 270 -61.80 3.19 19.92
C MET A 270 -61.35 2.42 18.69
N LYS A 271 -61.74 2.92 17.53
CA LYS A 271 -61.39 2.32 16.26
C LYS A 271 -60.21 3.08 15.68
N VAL A 272 -59.06 2.42 15.62
CA VAL A 272 -57.84 3.03 15.09
C VAL A 272 -57.44 2.56 13.68
N SER A 273 -56.86 3.46 12.88
CA SER A 273 -56.28 3.07 11.60
C SER A 273 -55.25 4.09 11.15
N GLY A 274 -54.42 3.70 10.20
CA GLY A 274 -53.53 4.66 9.58
C GLY A 274 -52.14 4.21 9.20
N TRP A 275 -51.88 2.90 9.21
CA TRP A 275 -50.66 2.37 8.59
C TRP A 275 -50.64 2.76 7.10
N GLU A 276 -49.55 3.33 6.62
CA GLU A 276 -49.48 3.82 5.24
C GLU A 276 -49.34 2.65 4.29
N ARG A 277 -49.97 2.76 3.13
CA ARG A 277 -49.87 1.73 2.09
C ARG A 277 -48.73 2.03 1.15
N ASN A 278 -48.27 0.99 0.45
CA ASN A 278 -47.32 1.21 -0.65
C ASN A 278 -48.06 1.59 -1.95
N VAL A 279 -47.30 1.82 -3.02
CA VAL A 279 -47.87 2.21 -4.32
C VAL A 279 -48.89 1.20 -4.82
N GLN A 280 -48.59 -0.09 -4.61
CA GLN A 280 -49.45 -1.18 -5.07
C GLN A 280 -50.79 -1.20 -4.34
N GLY A 281 -50.90 -0.40 -3.29
CA GLY A 281 -52.14 -0.27 -2.54
C GLY A 281 -52.20 -1.16 -1.31
N LYS A 282 -51.04 -1.65 -0.86
CA LYS A 282 -51.04 -2.67 0.19
C LYS A 282 -50.59 -2.15 1.55
N LEU A 283 -51.27 -2.62 2.61
CA LEU A 283 -50.83 -2.31 3.98
C LEU A 283 -49.64 -3.19 4.32
N ALA A 284 -48.44 -2.71 3.96
CA ALA A 284 -47.20 -3.48 4.08
C ALA A 284 -46.01 -2.53 4.23
N PRO A 285 -44.96 -2.99 4.92
CA PRO A 285 -43.79 -2.12 5.11
C PRO A 285 -43.11 -1.78 3.79
N ARG A 286 -42.29 -0.72 3.80
CA ARG A 286 -41.33 -0.45 2.73
C ARG A 286 -40.02 -1.11 3.11
N VAL A 287 -39.30 -1.66 2.12
CA VAL A 287 -37.89 -2.03 2.31
C VAL A 287 -37.06 -1.31 1.25
N VAL A 288 -35.88 -0.82 1.61
CA VAL A 288 -35.16 0.08 0.73
C VAL A 288 -33.66 -0.23 0.64
N ASP A 289 -33.11 -0.28 -0.57
CA ASP A 289 -31.66 -0.44 -0.74
C ASP A 289 -30.99 0.91 -0.96
N LEU A 290 -30.17 1.35 -0.02
CA LEU A 290 -29.51 2.64 -0.22
C LEU A 290 -28.01 2.52 -0.53
N SER A 291 -27.54 1.28 -0.74
CA SER A 291 -26.12 1.03 -1.01
C SER A 291 -25.59 1.97 -2.09
N SER A 292 -26.32 2.01 -3.21
CA SER A 292 -25.96 2.89 -4.31
C SER A 292 -25.83 4.36 -3.93
N LEU A 293 -26.32 4.75 -2.74
CA LEU A 293 -26.25 6.14 -2.28
C LEU A 293 -25.46 6.32 -0.99
N LEU A 294 -25.18 5.23 -0.28
CA LEU A 294 -24.53 5.37 1.01
C LEU A 294 -23.33 4.46 1.26
N ASP A 295 -23.35 3.28 0.64
CA ASP A 295 -22.26 2.30 0.77
C ASP A 295 -21.02 2.73 -0.03
N PRO A 296 -19.95 3.16 0.66
CA PRO A 296 -18.81 3.73 -0.07
C PRO A 296 -18.12 2.73 -1.04
N LEU A 297 -18.14 1.43 -0.77
CA LEU A 297 -17.77 0.43 -1.77
C LEU A 297 -18.57 0.63 -3.05
N LYS A 298 -19.89 0.67 -2.90
CA LYS A 298 -20.82 0.72 -4.03
C LYS A 298 -20.81 2.10 -4.70
N ILE A 299 -20.42 3.14 -3.97
CA ILE A 299 -20.31 4.47 -4.57
C ILE A 299 -19.05 4.53 -5.44
N ALA A 300 -17.90 4.24 -4.84
CA ALA A 300 -16.64 4.18 -5.58
C ALA A 300 -16.74 3.26 -6.80
N ASP A 301 -17.20 2.02 -6.59
CA ASP A 301 -17.35 1.04 -7.68
C ASP A 301 -18.13 1.61 -8.89
N GLN A 302 -19.18 2.38 -8.62
CA GLN A 302 -19.99 3.01 -9.66
C GLN A 302 -19.32 4.24 -10.24
N SER A 303 -18.46 4.87 -9.44
CA SER A 303 -17.69 6.01 -9.91
C SER A 303 -16.62 5.56 -10.92
N VAL A 304 -16.01 4.40 -10.66
CA VAL A 304 -15.04 3.82 -11.58
C VAL A 304 -15.73 3.55 -12.92
N ASP A 305 -16.90 2.93 -12.87
CA ASP A 305 -17.63 2.58 -14.09
C ASP A 305 -18.24 3.79 -14.79
N LEU A 306 -18.34 4.90 -14.10
CA LEU A 306 -18.79 6.12 -14.75
C LEU A 306 -17.62 6.76 -15.48
N ASN A 307 -16.48 6.78 -14.83
CA ASN A 307 -15.25 7.27 -15.43
C ASN A 307 -15.02 6.57 -16.78
N LEU A 308 -15.19 5.25 -16.80
CA LEU A 308 -14.98 4.47 -18.02
C LEU A 308 -16.07 4.70 -19.07
N LYS A 309 -17.31 4.81 -18.63
CA LYS A 309 -18.41 5.03 -19.55
C LYS A 309 -18.29 6.41 -20.21
N LEU A 310 -17.63 7.36 -19.54
CA LEU A 310 -17.41 8.69 -20.14
C LEU A 310 -16.45 8.66 -21.35
N MET A 311 -15.72 7.56 -21.49
CA MET A 311 -14.85 7.41 -22.64
C MET A 311 -15.71 6.94 -23.80
N LYS A 312 -16.55 5.95 -23.53
CA LYS A 312 -17.45 5.40 -24.54
C LYS A 312 -18.40 6.47 -25.11
N TRP A 313 -18.94 7.30 -24.22
CA TRP A 313 -19.90 8.33 -24.60
C TRP A 313 -19.30 9.57 -25.21
N ARG A 314 -18.18 10.02 -24.65
CA ARG A 314 -17.58 11.26 -25.12
C ARG A 314 -16.69 11.07 -26.35
N ILE A 315 -16.10 9.89 -26.49
CA ILE A 315 -15.08 9.66 -27.51
C ILE A 315 -15.31 8.42 -28.39
N LEU A 316 -15.39 7.22 -27.79
CA LEU A 316 -15.54 6.00 -28.58
C LEU A 316 -16.88 5.28 -28.35
N PRO A 317 -17.94 5.75 -29.00
CA PRO A 317 -19.30 5.24 -28.76
C PRO A 317 -19.42 3.73 -28.93
N ASP A 318 -18.76 3.14 -29.92
CA ASP A 318 -18.90 1.70 -30.14
C ASP A 318 -17.81 0.90 -29.46
N LEU A 319 -17.26 1.48 -28.39
CA LEU A 319 -16.32 0.83 -27.50
C LEU A 319 -17.00 -0.17 -26.53
N ASN A 320 -16.52 -1.41 -26.48
CA ASN A 320 -17.11 -2.41 -25.58
C ASN A 320 -16.44 -2.48 -24.19
N LEU A 321 -16.95 -1.68 -23.24
CA LEU A 321 -16.44 -1.68 -21.87
C LEU A 321 -16.77 -2.96 -21.12
N ASP A 322 -17.82 -3.65 -21.52
CA ASP A 322 -18.31 -4.81 -20.78
C ASP A 322 -17.44 -6.04 -21.01
N ILE A 323 -17.12 -6.31 -22.26
CA ILE A 323 -16.33 -7.49 -22.58
C ILE A 323 -14.97 -7.44 -21.87
N ILE A 324 -14.51 -6.23 -21.57
CA ILE A 324 -13.29 -6.03 -20.80
C ILE A 324 -13.48 -6.39 -19.32
N LYS A 325 -14.39 -5.67 -18.66
CA LYS A 325 -14.71 -5.92 -17.26
C LYS A 325 -14.88 -7.42 -16.88
N ASN A 326 -15.41 -8.21 -17.80
CA ASN A 326 -15.70 -9.63 -17.53
C ASN A 326 -14.60 -10.60 -17.92
N THR A 327 -13.48 -10.08 -18.39
CA THR A 327 -12.40 -10.96 -18.81
C THR A 327 -11.67 -11.50 -17.58
N LYS A 328 -11.60 -12.81 -17.48
CA LYS A 328 -10.86 -13.45 -16.40
C LYS A 328 -9.39 -13.51 -16.78
N VAL A 329 -8.57 -12.73 -16.08
CA VAL A 329 -7.16 -12.59 -16.42
C VAL A 329 -6.31 -13.38 -15.45
N LEU A 330 -5.44 -14.24 -15.99
CA LEU A 330 -4.48 -14.95 -15.16
C LEU A 330 -3.12 -14.29 -15.37
N LEU A 331 -2.49 -13.83 -14.30
CA LEU A 331 -1.15 -13.22 -14.43
C LEU A 331 -0.09 -14.21 -13.93
N LEU A 332 0.64 -14.81 -14.85
CA LEU A 332 1.73 -15.70 -14.44
C LEU A 332 2.97 -14.85 -14.16
N GLY A 333 3.14 -14.48 -12.89
CA GLY A 333 4.23 -13.62 -12.46
C GLY A 333 3.72 -12.43 -11.67
N ALA A 334 4.18 -12.31 -10.42
CA ALA A 334 3.77 -11.20 -9.57
C ALA A 334 4.95 -10.29 -9.24
N GLY A 335 5.89 -10.18 -10.18
CA GLY A 335 7.01 -9.27 -10.03
C GLY A 335 6.73 -7.87 -10.58
N THR A 336 7.80 -7.20 -11.00
CA THR A 336 7.68 -5.87 -11.59
C THR A 336 6.54 -5.81 -12.62
N LEU A 337 6.45 -6.83 -13.48
CA LEU A 337 5.47 -6.86 -14.57
C LEU A 337 4.04 -7.17 -14.12
N GLY A 338 3.88 -8.16 -13.23
CA GLY A 338 2.55 -8.55 -12.78
C GLY A 338 1.90 -7.38 -12.05
N CYS A 339 2.72 -6.64 -11.32
CA CYS A 339 2.23 -5.56 -10.50
C CYS A 339 1.69 -4.44 -11.37
N TYR A 340 2.47 -4.00 -12.35
CA TYR A 340 2.04 -2.88 -13.18
C TYR A 340 0.88 -3.27 -14.11
N VAL A 341 0.90 -4.49 -14.64
CA VAL A 341 -0.20 -4.98 -15.46
C VAL A 341 -1.52 -5.00 -14.69
N SER A 342 -1.51 -5.51 -13.46
CA SER A 342 -2.75 -5.60 -12.67
C SER A 342 -3.40 -4.21 -12.37
N ARG A 343 -2.56 -3.21 -12.18
CA ARG A 343 -2.99 -1.84 -11.92
C ARG A 343 -3.55 -1.14 -13.17
N ALA A 344 -3.10 -1.59 -14.33
CA ALA A 344 -3.62 -1.11 -15.59
C ALA A 344 -4.95 -1.81 -15.83
N LEU A 345 -5.00 -3.10 -15.50
CA LEU A 345 -6.22 -3.88 -15.65
C LEU A 345 -7.35 -3.30 -14.80
N ILE A 346 -7.08 -2.95 -13.55
CA ILE A 346 -8.16 -2.37 -12.73
C ILE A 346 -8.61 -0.98 -13.21
N ALA A 347 -7.69 -0.19 -13.76
CA ALA A 347 -8.04 1.11 -14.31
C ALA A 347 -9.00 0.95 -15.48
N TRP A 348 -8.89 -0.18 -16.18
CA TRP A 348 -9.74 -0.52 -17.32
C TRP A 348 -11.00 -1.27 -16.87
N GLY A 349 -11.07 -1.58 -15.57
CA GLY A 349 -12.25 -2.17 -14.99
C GLY A 349 -12.35 -3.67 -15.04
N VAL A 350 -11.24 -4.37 -15.28
CA VAL A 350 -11.20 -5.82 -15.12
C VAL A 350 -11.49 -6.17 -13.65
N ARG A 351 -12.24 -7.24 -13.38
CA ARG A 351 -12.65 -7.54 -12.00
C ARG A 351 -12.17 -8.86 -11.46
N LYS A 352 -11.79 -9.78 -12.34
CA LYS A 352 -11.25 -11.04 -11.88
C LYS A 352 -9.80 -11.09 -12.32
N ILE A 353 -8.90 -11.09 -11.34
CA ILE A 353 -7.48 -11.23 -11.61
C ILE A 353 -6.90 -12.27 -10.67
N THR A 354 -6.09 -13.18 -11.21
CA THR A 354 -5.51 -14.24 -10.41
C THR A 354 -3.99 -14.34 -10.58
N PHE A 355 -3.23 -13.96 -9.55
CA PHE A 355 -1.76 -13.98 -9.62
C PHE A 355 -1.24 -15.40 -9.37
N VAL A 356 -0.09 -15.72 -9.96
CA VAL A 356 0.58 -16.99 -9.72
C VAL A 356 2.07 -16.73 -9.63
N ASP A 357 2.68 -17.11 -8.51
CA ASP A 357 4.08 -16.82 -8.28
C ASP A 357 4.50 -17.64 -7.07
N ASN A 358 5.71 -18.17 -7.13
CA ASN A 358 6.17 -19.12 -6.12
C ASN A 358 6.91 -18.47 -4.97
N GLY A 359 7.43 -17.27 -5.21
CA GLY A 359 8.33 -16.64 -4.27
C GLY A 359 7.72 -15.70 -3.24
N THR A 360 8.54 -14.73 -2.85
CA THR A 360 8.44 -14.07 -1.57
C THR A 360 8.93 -12.62 -1.73
N VAL A 361 8.28 -11.66 -1.09
CA VAL A 361 8.73 -10.28 -1.23
C VAL A 361 10.11 -10.08 -0.62
N SER A 362 11.04 -9.57 -1.41
CA SER A 362 12.38 -9.30 -0.92
C SER A 362 12.56 -7.81 -0.60
N TYR A 363 13.62 -7.52 0.13
CA TYR A 363 13.97 -6.15 0.52
C TYR A 363 14.11 -5.22 -0.70
N SER A 364 14.59 -5.76 -1.82
CA SER A 364 14.77 -4.96 -3.04
C SER A 364 13.46 -4.73 -3.82
N ASN A 365 12.47 -5.60 -3.61
CA ASN A 365 11.20 -5.60 -4.38
C ASN A 365 10.33 -4.35 -4.37
N PRO A 366 9.92 -3.87 -3.20
CA PRO A 366 8.91 -2.78 -3.19
C PRO A 366 9.21 -1.52 -4.05
N VAL A 367 10.48 -1.18 -4.25
CA VAL A 367 10.82 0.03 -5.03
C VAL A 367 10.52 -0.16 -6.52
N ARG A 368 10.55 -1.42 -6.97
CA ARG A 368 10.30 -1.74 -8.38
C ARG A 368 8.93 -2.35 -8.62
N GLN A 369 8.45 -3.08 -7.61
CA GLN A 369 7.25 -3.91 -7.69
C GLN A 369 6.09 -3.24 -6.95
N ALA A 370 5.18 -2.67 -7.72
CA ALA A 370 4.30 -1.64 -7.19
C ALA A 370 3.09 -2.15 -6.45
N LEU A 371 3.13 -3.40 -5.95
CA LEU A 371 2.04 -3.88 -5.08
C LEU A 371 2.39 -4.06 -3.58
N TYR A 372 3.67 -3.91 -3.22
CA TYR A 372 4.20 -4.25 -1.89
C TYR A 372 4.86 -3.06 -1.19
N ASN A 373 4.75 -3.01 0.14
CA ASN A 373 5.48 -2.02 0.92
C ASN A 373 6.68 -2.65 1.67
N PHE A 374 7.54 -1.81 2.25
CA PHE A 374 8.62 -2.35 3.09
C PHE A 374 8.12 -3.34 4.16
N GLU A 375 6.98 -3.04 4.76
CA GLU A 375 6.42 -3.87 5.82
C GLU A 375 6.05 -5.27 5.31
N ASP A 376 6.00 -5.43 3.99
CA ASP A 376 5.51 -6.68 3.42
C ASP A 376 6.63 -7.71 3.27
N CYS A 377 7.88 -7.25 3.34
CA CYS A 377 9.03 -8.10 3.06
C CYS A 377 9.00 -9.43 3.83
N GLY A 378 9.41 -10.49 3.15
CA GLY A 378 9.45 -11.83 3.71
C GLY A 378 8.20 -12.68 3.51
N LYS A 379 7.05 -12.02 3.27
CA LYS A 379 5.76 -12.69 3.00
C LYS A 379 5.62 -13.22 1.55
N PRO A 380 4.70 -14.20 1.33
CA PRO A 380 4.44 -14.79 0.01
C PRO A 380 3.86 -13.80 -1.01
N LYS A 381 4.42 -13.77 -2.22
CA LYS A 381 4.08 -12.76 -3.22
C LYS A 381 2.64 -12.79 -3.74
N ALA A 382 2.22 -13.93 -4.27
CA ALA A 382 0.93 -14.02 -4.94
C ALA A 382 -0.22 -13.53 -4.06
N GLU A 383 -0.33 -14.12 -2.87
CA GLU A 383 -1.45 -13.84 -1.99
C GLU A 383 -1.41 -12.40 -1.52
N LEU A 384 -0.19 -11.85 -1.47
CA LEU A 384 0.00 -10.47 -1.03
C LEU A 384 -0.44 -9.47 -2.10
N ALA A 385 -0.07 -9.76 -3.34
CA ALA A 385 -0.53 -9.02 -4.52
C ALA A 385 -2.06 -8.93 -4.58
N ALA A 386 -2.71 -10.10 -4.64
CA ALA A 386 -4.18 -10.19 -4.53
C ALA A 386 -4.67 -9.25 -3.45
N ALA A 387 -4.11 -9.37 -2.25
CA ALA A 387 -4.53 -8.54 -1.12
C ALA A 387 -4.31 -7.06 -1.39
N SER A 388 -3.21 -6.74 -2.07
CA SER A 388 -2.91 -5.33 -2.39
C SER A 388 -3.97 -4.75 -3.33
N LEU A 389 -4.44 -5.58 -4.27
CA LEU A 389 -5.50 -5.18 -5.19
C LEU A 389 -6.81 -4.89 -4.44
N LYS A 390 -7.15 -5.76 -3.50
CA LYS A 390 -8.34 -5.54 -2.68
C LYS A 390 -8.30 -4.25 -1.85
N ARG A 391 -7.14 -3.93 -1.27
CA ARG A 391 -6.97 -2.67 -0.54
C ARG A 391 -7.22 -1.46 -1.46
N ILE A 392 -6.82 -1.59 -2.73
CA ILE A 392 -6.99 -0.52 -3.71
C ILE A 392 -8.47 -0.41 -4.10
N PHE A 393 -9.09 -1.57 -4.32
CA PHE A 393 -10.48 -1.64 -4.73
C PHE A 393 -11.06 -2.98 -4.32
N PRO A 394 -11.74 -3.03 -3.16
CA PRO A 394 -12.27 -4.22 -2.46
C PRO A 394 -13.27 -5.08 -3.25
N LEU A 395 -14.06 -4.49 -4.12
CA LEU A 395 -14.95 -5.29 -4.98
C LEU A 395 -14.17 -6.30 -5.86
N MET A 396 -12.85 -6.14 -5.92
CA MET A 396 -11.99 -6.97 -6.78
C MET A 396 -11.94 -8.46 -6.39
N ASP A 397 -12.30 -9.32 -7.34
CA ASP A 397 -12.12 -10.75 -7.17
C ASP A 397 -10.66 -11.04 -7.49
N ALA A 398 -9.80 -10.66 -6.55
CA ALA A 398 -8.37 -10.94 -6.68
C ALA A 398 -7.95 -12.11 -5.80
N THR A 399 -7.22 -13.04 -6.38
CA THR A 399 -6.79 -14.17 -5.60
C THR A 399 -5.38 -14.56 -6.04
N GLY A 400 -4.57 -14.99 -5.07
CA GLY A 400 -3.21 -15.42 -5.33
C GLY A 400 -3.05 -16.93 -5.21
N VAL A 401 -2.13 -17.49 -5.99
CA VAL A 401 -1.83 -18.91 -5.89
C VAL A 401 -0.32 -19.15 -5.93
N LYS A 402 0.24 -19.63 -4.81
CA LYS A 402 1.66 -19.91 -4.73
C LYS A 402 1.99 -21.26 -5.41
N LEU A 403 2.78 -21.20 -6.49
CA LEU A 403 2.88 -22.29 -7.42
C LEU A 403 4.12 -22.12 -8.30
N SER A 404 4.94 -23.16 -8.34
CA SER A 404 6.17 -23.12 -9.12
C SER A 404 5.86 -23.47 -10.56
N ILE A 405 6.47 -22.74 -11.49
CA ILE A 405 6.36 -23.05 -12.90
C ILE A 405 7.68 -23.66 -13.36
N PRO A 406 7.64 -24.92 -13.81
CA PRO A 406 8.84 -25.71 -14.09
C PRO A 406 9.65 -25.15 -15.25
N MET A 407 10.86 -24.69 -14.97
CA MET A 407 11.76 -24.19 -16.01
C MET A 407 12.26 -25.32 -16.93
N ILE A 408 12.49 -24.98 -18.19
CA ILE A 408 12.81 -25.97 -19.20
C ILE A 408 14.32 -26.11 -19.37
N GLY A 409 14.82 -27.34 -19.21
CA GLY A 409 16.25 -27.59 -19.21
C GLY A 409 16.78 -27.74 -17.78
N HIS A 410 15.87 -28.00 -16.84
CA HIS A 410 16.24 -28.17 -15.44
C HIS A 410 15.73 -29.51 -14.91
N LYS A 411 16.62 -30.27 -14.28
CA LYS A 411 16.24 -31.52 -13.63
C LYS A 411 15.17 -31.25 -12.58
N LEU A 412 14.19 -32.13 -12.49
CA LEU A 412 13.12 -31.96 -11.53
C LEU A 412 13.67 -32.15 -10.12
N VAL A 413 13.17 -31.37 -9.15
CA VAL A 413 13.61 -31.52 -7.76
C VAL A 413 12.70 -32.45 -6.98
N ASN A 414 11.50 -32.69 -7.51
CA ASN A 414 10.46 -33.40 -6.77
C ASN A 414 9.23 -33.68 -7.64
N GLU A 415 9.25 -34.83 -8.31
CA GLU A 415 8.18 -35.19 -9.22
C GLU A 415 6.78 -34.78 -8.70
N GLU A 416 6.28 -35.47 -7.69
CA GLU A 416 4.87 -35.32 -7.29
C GLU A 416 4.44 -33.88 -7.03
N ALA A 417 5.21 -33.14 -6.24
CA ALA A 417 4.85 -31.76 -5.97
C ALA A 417 4.81 -30.95 -7.27
N GLN A 418 5.73 -31.26 -8.18
CA GLN A 418 5.75 -30.60 -9.48
C GLN A 418 4.70 -31.18 -10.44
N HIS A 419 4.46 -32.48 -10.36
CA HIS A 419 3.39 -33.10 -11.13
C HIS A 419 2.06 -32.48 -10.71
N LYS A 420 1.94 -32.14 -9.43
CA LYS A 420 0.73 -31.50 -8.92
C LYS A 420 0.66 -30.04 -9.36
N ASP A 421 1.82 -29.38 -9.46
CA ASP A 421 1.88 -27.98 -9.86
C ASP A 421 1.48 -27.83 -11.32
N PHE A 422 1.84 -28.83 -12.14
CA PHE A 422 1.44 -28.91 -13.53
C PHE A 422 -0.09 -28.87 -13.60
N ASP A 423 -0.71 -29.94 -13.12
CA ASP A 423 -2.15 -30.06 -13.17
C ASP A 423 -2.80 -28.78 -12.72
N ARG A 424 -2.27 -28.19 -11.63
CA ARG A 424 -2.86 -27.00 -11.05
C ARG A 424 -2.70 -25.79 -11.95
N LEU A 425 -1.59 -25.79 -12.72
CA LEU A 425 -1.32 -24.73 -13.67
C LEU A 425 -2.29 -24.80 -14.84
N ARG A 426 -2.40 -25.98 -15.44
CA ARG A 426 -3.36 -26.16 -16.52
C ARG A 426 -4.75 -25.73 -16.09
N ALA A 427 -5.14 -26.15 -14.89
CA ALA A 427 -6.44 -25.83 -14.32
C ALA A 427 -6.74 -24.34 -14.38
N LEU A 428 -5.83 -23.55 -13.83
CA LEU A 428 -6.00 -22.11 -13.72
C LEU A 428 -6.10 -21.52 -15.11
N ILE A 429 -5.36 -22.11 -16.04
CA ILE A 429 -5.38 -21.65 -17.42
C ILE A 429 -6.73 -21.86 -18.09
N LYS A 430 -7.25 -23.09 -18.05
CA LYS A 430 -8.58 -23.36 -18.59
C LYS A 430 -9.57 -22.42 -17.94
N GLU A 431 -9.42 -22.23 -16.63
CA GLU A 431 -10.35 -21.42 -15.85
C GLU A 431 -10.45 -19.96 -16.29
N HIS A 432 -9.45 -19.47 -17.02
CA HIS A 432 -9.42 -18.03 -17.36
C HIS A 432 -9.54 -17.74 -18.86
N ASP A 433 -9.73 -16.45 -19.19
CA ASP A 433 -9.94 -16.05 -20.58
C ASP A 433 -8.64 -15.55 -21.22
N ILE A 434 -7.89 -14.74 -20.50
CA ILE A 434 -6.65 -14.19 -21.02
C ILE A 434 -5.49 -14.46 -20.07
N ILE A 435 -4.46 -15.10 -20.61
CA ILE A 435 -3.28 -15.48 -19.85
C ILE A 435 -2.13 -14.54 -20.19
N PHE A 436 -1.67 -13.75 -19.22
CA PHE A 436 -0.45 -12.95 -19.38
C PHE A 436 0.74 -13.76 -18.89
N LEU A 437 1.75 -13.94 -19.72
CA LEU A 437 3.02 -14.47 -19.28
C LEU A 437 3.95 -13.33 -18.86
N LEU A 438 4.05 -13.12 -17.56
CA LEU A 438 4.96 -12.14 -16.98
C LEU A 438 6.03 -12.84 -16.12
N VAL A 439 6.58 -13.93 -16.64
CA VAL A 439 7.64 -14.65 -15.95
C VAL A 439 9.00 -14.01 -16.24
N ASP A 440 10.04 -14.52 -15.58
CA ASP A 440 11.34 -13.85 -15.56
C ASP A 440 12.31 -14.29 -16.65
N SER A 441 12.34 -15.58 -16.98
CA SER A 441 13.21 -16.07 -18.03
C SER A 441 12.40 -16.84 -19.08
N ARG A 442 13.02 -17.15 -20.21
CA ARG A 442 12.27 -17.77 -21.29
C ARG A 442 11.97 -19.24 -20.98
N GLU A 443 12.86 -19.87 -20.22
CA GLU A 443 12.70 -21.26 -19.86
C GLU A 443 11.44 -21.50 -19.01
N SER A 444 10.87 -20.40 -18.50
CA SER A 444 9.64 -20.48 -17.74
C SER A 444 8.43 -20.18 -18.62
N ARG A 445 8.65 -19.68 -19.83
CA ARG A 445 7.53 -19.45 -20.73
C ARG A 445 7.06 -20.75 -21.37
N TRP A 446 7.98 -21.70 -21.54
CA TRP A 446 7.70 -22.85 -22.37
C TRP A 446 6.39 -23.56 -22.05
N LEU A 447 6.30 -24.15 -20.88
CA LEU A 447 5.13 -24.93 -20.49
C LEU A 447 3.82 -24.12 -20.53
N PRO A 448 3.78 -22.96 -19.85
CA PRO A 448 2.54 -22.17 -19.93
C PRO A 448 2.17 -21.68 -21.36
N SER A 449 3.15 -21.54 -22.24
CA SER A 449 2.82 -21.27 -23.64
C SER A 449 2.02 -22.47 -24.17
N LEU A 450 2.65 -23.65 -24.08
CA LEU A 450 2.05 -24.93 -24.48
C LEU A 450 0.64 -25.17 -23.95
N LEU A 451 0.45 -25.05 -22.64
CA LEU A 451 -0.87 -25.33 -22.07
C LEU A 451 -1.89 -24.36 -22.64
N SER A 452 -1.47 -23.12 -22.79
CA SER A 452 -2.34 -22.04 -23.23
C SER A 452 -2.68 -22.18 -24.71
N ASN A 453 -1.73 -22.73 -25.46
CA ASN A 453 -2.00 -23.19 -26.80
C ASN A 453 -3.12 -24.23 -26.69
N ILE A 454 -2.78 -25.38 -26.10
CA ILE A 454 -3.71 -26.52 -25.90
C ILE A 454 -5.11 -26.18 -25.37
N GLU A 455 -5.21 -25.20 -24.49
CA GLU A 455 -6.50 -24.83 -23.93
C GLU A 455 -7.13 -23.65 -24.67
N ASN A 456 -6.70 -23.46 -25.92
CA ASN A 456 -7.15 -22.40 -26.82
C ASN A 456 -7.37 -21.06 -26.14
N LYS A 457 -6.29 -20.51 -25.60
CA LYS A 457 -6.37 -19.29 -24.83
C LYS A 457 -5.53 -18.22 -25.50
N THR A 458 -5.95 -16.96 -25.36
CA THR A 458 -5.16 -15.86 -25.88
C THR A 458 -4.08 -15.53 -24.86
N VAL A 459 -2.84 -15.49 -25.33
CA VAL A 459 -1.72 -15.30 -24.42
C VAL A 459 -0.94 -14.04 -24.77
N ILE A 460 -0.76 -13.16 -23.81
CA ILE A 460 0.10 -11.99 -23.97
C ILE A 460 1.42 -12.21 -23.23
N ASN A 461 2.50 -12.36 -23.97
CA ASN A 461 3.83 -12.41 -23.37
C ASN A 461 4.39 -11.00 -23.16
N ALA A 462 5.14 -10.82 -22.08
CA ALA A 462 5.91 -9.59 -21.90
C ALA A 462 7.27 -9.97 -21.37
N ALA A 463 8.33 -9.65 -22.12
CA ALA A 463 9.68 -9.93 -21.64
C ALA A 463 10.48 -8.64 -21.53
N LEU A 464 11.53 -8.66 -20.70
CA LEU A 464 12.36 -7.47 -20.49
C LEU A 464 13.87 -7.68 -20.61
N GLY A 465 14.54 -6.77 -21.31
CA GLY A 465 15.97 -6.68 -21.27
C GLY A 465 16.32 -5.39 -20.53
N PHE A 466 17.58 -5.02 -20.53
CA PHE A 466 18.04 -3.86 -19.77
C PHE A 466 17.40 -2.52 -20.18
N ASP A 467 17.24 -2.31 -21.48
CA ASP A 467 16.72 -1.05 -22.00
C ASP A 467 15.72 -1.25 -23.13
N SER A 468 15.12 -2.43 -23.19
CA SER A 468 14.19 -2.77 -24.27
C SER A 468 13.19 -3.76 -23.72
N TYR A 469 12.13 -4.00 -24.47
CA TYR A 469 11.11 -4.97 -24.06
C TYR A 469 10.47 -5.61 -25.28
N LEU A 470 9.78 -6.73 -25.06
CA LEU A 470 8.99 -7.37 -26.10
C LEU A 470 7.62 -7.68 -25.54
N VAL A 471 6.59 -7.31 -26.30
CA VAL A 471 5.22 -7.64 -25.93
C VAL A 471 4.61 -8.33 -27.14
N MET A 472 3.95 -9.47 -26.94
CA MET A 472 3.42 -10.22 -28.08
C MET A 472 2.35 -11.22 -27.71
N ARG A 473 1.31 -11.29 -28.54
CA ARG A 473 0.19 -12.19 -28.30
C ARG A 473 0.31 -13.50 -29.07
N HIS A 474 -0.21 -14.59 -28.48
CA HIS A 474 -0.33 -15.88 -29.17
C HIS A 474 -1.78 -16.04 -29.64
N GLY A 475 -2.29 -17.24 -29.38
CA GLY A 475 -3.51 -17.78 -29.97
C GLY A 475 -4.73 -16.94 -30.30
N ASN A 476 -5.70 -17.61 -30.92
CA ASN A 476 -7.01 -17.05 -31.29
C ASN A 476 -7.05 -16.19 -32.56
N LYS A 483 -5.39 -16.17 -40.98
CA LYS A 483 -3.92 -16.16 -41.03
C LYS A 483 -3.31 -16.65 -39.71
N GLN A 484 -2.17 -17.34 -39.81
CA GLN A 484 -1.60 -18.07 -38.67
C GLN A 484 -0.27 -17.46 -38.15
N LEU A 485 -0.32 -16.97 -36.91
CA LEU A 485 0.72 -16.08 -36.35
C LEU A 485 1.90 -16.71 -35.58
N GLY A 486 1.67 -17.80 -34.87
CA GLY A 486 2.78 -18.41 -34.16
C GLY A 486 3.17 -17.71 -32.86
N CYS A 487 3.84 -18.48 -32.01
CA CYS A 487 4.03 -18.10 -30.64
C CYS A 487 5.42 -17.52 -30.37
N TYR A 488 5.67 -17.31 -29.08
CA TYR A 488 6.91 -16.74 -28.57
C TYR A 488 8.12 -17.54 -29.01
N PHE A 489 7.94 -18.85 -29.21
CA PHE A 489 9.04 -19.75 -29.51
C PHE A 489 9.25 -20.10 -30.99
N CYS A 490 8.30 -19.68 -31.84
CA CYS A 490 8.42 -19.98 -33.27
C CYS A 490 9.73 -19.42 -33.79
N HIS A 491 10.07 -18.22 -33.33
CA HIS A 491 11.25 -17.55 -33.83
C HIS A 491 12.05 -16.86 -32.75
N ASP A 492 13.31 -17.27 -32.66
CA ASP A 492 14.39 -16.47 -32.08
C ASP A 492 14.01 -15.00 -32.04
N VAL A 493 13.65 -14.55 -30.85
CA VAL A 493 13.26 -13.15 -30.67
C VAL A 493 14.47 -12.25 -30.94
N VAL A 494 15.63 -12.70 -30.46
CA VAL A 494 16.87 -11.95 -30.61
C VAL A 494 17.95 -12.85 -31.20
N ALA A 495 18.80 -12.30 -32.06
CA ALA A 495 19.84 -13.08 -32.72
C ALA A 495 21.12 -13.04 -31.89
N PRO A 496 21.94 -14.09 -31.97
CA PRO A 496 23.14 -14.15 -31.13
C PRO A 496 24.21 -13.14 -31.56
N THR A 497 24.09 -12.63 -32.80
CA THR A 497 24.98 -11.58 -33.31
C THR A 497 24.63 -10.20 -32.76
N ASP A 498 23.37 -10.01 -32.34
CA ASP A 498 22.91 -8.71 -31.82
C ASP A 498 23.73 -8.21 -30.64
N SER A 499 23.45 -6.97 -30.23
CA SER A 499 24.20 -6.30 -29.17
C SER A 499 24.03 -6.93 -27.80
N LEU A 500 24.94 -6.57 -26.89
CA LEU A 500 24.91 -7.03 -25.51
C LEU A 500 23.60 -6.68 -24.78
N THR A 501 23.07 -5.49 -25.05
CA THR A 501 21.87 -5.03 -24.34
C THR A 501 20.56 -5.61 -24.91
N ASP A 502 20.52 -5.86 -26.21
CA ASP A 502 19.35 -6.49 -26.82
C ASP A 502 19.25 -7.93 -26.35
N ARG A 503 20.43 -8.53 -26.16
CA ARG A 503 20.54 -9.92 -25.77
C ARG A 503 20.11 -10.18 -24.32
N THR A 504 20.04 -9.12 -23.51
CA THR A 504 19.62 -9.29 -22.12
C THR A 504 18.13 -9.62 -22.00
N LEU A 505 17.38 -9.39 -23.08
CA LEU A 505 15.93 -9.64 -23.11
C LEU A 505 15.61 -11.03 -22.53
N ASP A 506 14.64 -11.07 -21.63
CA ASP A 506 14.20 -12.35 -21.05
C ASP A 506 15.34 -13.21 -20.53
N GLN A 507 16.40 -12.58 -20.05
CA GLN A 507 17.41 -13.28 -19.28
C GLN A 507 17.10 -13.10 -17.81
N MET A 508 17.33 -14.15 -17.03
CA MET A 508 17.18 -14.02 -15.59
C MET A 508 18.45 -13.43 -15.02
N CYS A 509 18.33 -12.72 -13.91
CA CYS A 509 19.48 -12.03 -13.32
C CYS A 509 19.90 -10.86 -14.22
N THR A 510 18.93 -10.31 -14.94
CA THR A 510 19.14 -9.07 -15.69
C THR A 510 18.52 -7.91 -14.90
N VAL A 511 19.35 -6.96 -14.50
CA VAL A 511 18.87 -5.70 -13.93
C VAL A 511 18.30 -4.85 -15.05
N THR A 512 17.03 -4.49 -14.98
CA THR A 512 16.40 -3.71 -16.05
C THR A 512 16.22 -2.27 -15.63
N ARG A 513 16.40 -1.34 -16.56
CA ARG A 513 16.03 0.05 -16.29
C ARG A 513 14.58 0.10 -15.79
N PRO A 514 14.34 0.88 -14.74
CA PRO A 514 13.02 0.92 -14.08
C PRO A 514 11.82 1.23 -14.99
N GLY A 515 11.98 2.13 -15.95
CA GLY A 515 10.89 2.53 -16.83
C GLY A 515 10.44 1.51 -17.85
N VAL A 516 11.36 0.61 -18.25
CA VAL A 516 11.08 -0.47 -19.19
C VAL A 516 9.85 -1.28 -18.77
N ALA A 517 9.82 -1.74 -17.53
CA ALA A 517 8.69 -2.55 -17.08
C ALA A 517 7.35 -1.80 -17.09
N MET A 518 7.38 -0.49 -16.91
CA MET A 518 6.13 0.31 -16.89
C MET A 518 5.58 0.41 -18.32
N MET A 519 6.47 0.68 -19.28
CA MET A 519 6.07 0.72 -20.67
C MET A 519 5.55 -0.65 -21.14
N ALA A 520 6.37 -1.68 -20.98
CA ALA A 520 5.93 -3.03 -21.28
C ALA A 520 4.52 -3.33 -20.73
N SER A 521 4.29 -3.06 -19.45
CA SER A 521 2.98 -3.30 -18.82
C SER A 521 1.80 -2.54 -19.47
N SER A 522 1.97 -1.23 -19.66
CA SER A 522 0.91 -0.42 -20.21
C SER A 522 0.55 -0.91 -21.61
N LEU A 523 1.57 -1.12 -22.44
CA LEU A 523 1.32 -1.59 -23.81
C LEU A 523 0.71 -3.00 -23.85
N ALA A 524 1.11 -3.88 -22.94
CA ALA A 524 0.51 -5.21 -22.87
C ALA A 524 -1.00 -5.18 -22.56
N VAL A 525 -1.43 -4.20 -21.75
CA VAL A 525 -2.84 -4.11 -21.32
C VAL A 525 -3.70 -3.39 -22.36
N GLU A 526 -3.15 -2.34 -22.95
CA GLU A 526 -3.76 -1.67 -24.09
C GLU A 526 -3.88 -2.62 -25.29
N LEU A 527 -2.90 -3.52 -25.43
CA LEU A 527 -2.97 -4.54 -26.48
C LEU A 527 -4.13 -5.47 -26.15
N MET A 528 -4.32 -5.76 -24.88
CA MET A 528 -5.40 -6.66 -24.50
C MET A 528 -6.76 -6.07 -24.81
N THR A 529 -7.03 -4.90 -24.27
CA THR A 529 -8.29 -4.24 -24.48
C THR A 529 -8.61 -4.22 -25.98
N SER A 530 -7.69 -3.67 -26.77
CA SER A 530 -7.84 -3.61 -28.22
C SER A 530 -8.26 -4.99 -28.79
N LEU A 531 -7.53 -6.03 -28.40
CA LEU A 531 -7.80 -7.40 -28.84
C LEU A 531 -9.23 -7.85 -28.53
N LEU A 532 -9.79 -7.33 -27.44
CA LEU A 532 -11.16 -7.68 -27.04
C LEU A 532 -12.25 -6.93 -27.82
N GLN A 533 -11.85 -5.91 -28.60
CA GLN A 533 -12.78 -5.15 -29.41
C GLN A 533 -13.03 -5.85 -30.74
N THR A 534 -14.22 -5.64 -31.33
CA THR A 534 -14.47 -6.21 -32.66
C THR A 534 -13.56 -5.56 -33.70
N LYS A 535 -13.04 -6.38 -34.62
CA LYS A 535 -12.21 -5.92 -35.72
C LYS A 535 -13.09 -5.32 -36.81
N TYR A 536 -12.53 -4.39 -37.58
CA TYR A 536 -13.26 -3.72 -38.65
C TYR A 536 -13.26 -4.50 -39.99
N SER A 537 -14.15 -4.09 -40.90
CA SER A 537 -14.46 -4.84 -42.12
C SER A 537 -13.29 -4.96 -43.10
N GLY A 538 -12.39 -5.90 -42.82
CA GLY A 538 -11.27 -6.18 -43.71
C GLY A 538 -9.99 -5.48 -43.33
N SER A 539 -10.03 -4.75 -42.21
CA SER A 539 -8.85 -4.09 -41.67
C SER A 539 -8.35 -4.92 -40.51
N GLU A 540 -7.15 -4.63 -40.02
CA GLU A 540 -6.71 -5.26 -38.77
C GLU A 540 -6.72 -4.23 -37.63
N THR A 541 -7.71 -3.33 -37.68
CA THR A 541 -7.87 -2.31 -36.65
C THR A 541 -9.22 -2.42 -35.93
N THR A 542 -9.23 -2.01 -34.66
CA THR A 542 -10.46 -1.97 -33.87
C THR A 542 -10.78 -0.51 -33.51
N VAL A 543 -11.81 -0.31 -32.68
CA VAL A 543 -12.21 1.03 -32.28
C VAL A 543 -11.12 1.64 -31.38
N LEU A 544 -10.20 0.80 -30.92
CA LEU A 544 -9.10 1.27 -30.07
C LEU A 544 -7.77 1.42 -30.82
N GLY A 545 -7.77 1.07 -32.10
CA GLY A 545 -6.57 1.18 -32.91
C GLY A 545 -6.08 -0.16 -33.45
N ASP A 546 -4.77 -0.26 -33.66
CA ASP A 546 -4.16 -1.47 -34.19
C ASP A 546 -4.03 -2.55 -33.12
N ILE A 547 -3.80 -3.78 -33.59
CA ILE A 547 -3.57 -4.94 -32.74
C ILE A 547 -2.39 -5.74 -33.28
N PRO A 548 -1.18 -5.18 -33.16
CA PRO A 548 0.02 -5.83 -33.71
C PRO A 548 0.25 -7.22 -33.10
N HIS A 549 0.97 -8.07 -33.82
CA HIS A 549 1.39 -9.36 -33.29
C HIS A 549 2.41 -9.12 -32.19
N GLN A 550 3.35 -8.22 -32.47
CA GLN A 550 4.51 -8.01 -31.63
C GLN A 550 4.90 -6.51 -31.57
N ILE A 551 5.21 -6.04 -30.37
CA ILE A 551 5.72 -4.67 -30.18
C ILE A 551 7.08 -4.75 -29.52
N ARG A 552 8.07 -4.04 -30.07
CA ARG A 552 9.38 -3.96 -29.43
C ARG A 552 9.71 -2.50 -29.15
N GLY A 553 10.15 -2.22 -27.92
CA GLY A 553 10.50 -0.87 -27.53
C GLY A 553 11.94 -0.75 -27.09
N PHE A 554 12.56 0.38 -27.43
CA PHE A 554 13.93 0.66 -27.01
C PHE A 554 14.03 2.04 -26.37
N LEU A 555 14.49 2.05 -25.13
CA LEU A 555 14.65 3.28 -24.35
C LEU A 555 15.77 4.22 -24.79
N HIS A 556 16.89 3.69 -25.27
CA HIS A 556 18.02 4.58 -25.54
C HIS A 556 17.71 5.50 -26.70
N ASN A 557 16.71 5.15 -27.50
CA ASN A 557 16.28 6.03 -28.59
C ASN A 557 14.77 6.23 -28.63
N PHE A 558 14.11 5.90 -27.53
CA PHE A 558 12.69 6.20 -27.37
C PHE A 558 11.95 5.82 -28.66
N SER A 559 11.96 4.54 -28.99
CA SER A 559 11.35 4.07 -30.25
C SER A 559 10.58 2.76 -30.08
N ILE A 560 9.60 2.55 -30.96
CA ILE A 560 8.72 1.40 -30.88
C ILE A 560 8.57 0.79 -32.26
N LEU A 561 8.74 -0.53 -32.32
CA LEU A 561 8.60 -1.30 -33.55
C LEU A 561 7.45 -2.31 -33.44
N LYS A 562 6.65 -2.40 -34.49
CA LYS A 562 5.62 -3.44 -34.58
C LYS A 562 6.05 -4.46 -35.64
N LEU A 563 5.90 -5.74 -35.33
CA LEU A 563 6.15 -6.78 -36.33
C LEU A 563 5.22 -7.99 -36.16
N GLU A 564 5.10 -8.78 -37.22
CA GLU A 564 4.38 -10.05 -37.18
C GLU A 564 5.32 -11.14 -37.70
N THR A 565 5.07 -12.37 -37.26
CA THR A 565 6.01 -13.46 -37.43
C THR A 565 5.21 -14.71 -37.73
N PRO A 566 5.67 -15.52 -38.68
CA PRO A 566 4.84 -16.69 -39.07
C PRO A 566 5.01 -17.86 -38.10
N ALA A 567 3.95 -18.64 -37.89
CA ALA A 567 4.06 -19.86 -37.10
C ALA A 567 5.14 -20.74 -37.71
N TYR A 568 5.76 -21.59 -36.90
CA TYR A 568 6.93 -22.36 -37.34
C TYR A 568 6.67 -23.84 -37.20
N GLU A 569 7.03 -24.58 -38.25
CA GLU A 569 6.65 -25.99 -38.34
C GLU A 569 7.33 -26.83 -37.27
N HIS A 570 8.60 -26.56 -37.02
CA HIS A 570 9.36 -27.31 -36.03
C HIS A 570 9.49 -26.57 -34.70
N CYS A 571 8.54 -25.67 -34.44
CA CYS A 571 8.55 -24.92 -33.20
C CYS A 571 8.35 -25.83 -32.00
N PRO A 572 9.19 -25.65 -30.98
CA PRO A 572 9.21 -26.48 -29.78
C PRO A 572 8.02 -26.26 -28.83
N ALA A 573 7.14 -25.31 -29.12
CA ALA A 573 5.91 -25.18 -28.34
C ALA A 573 4.65 -25.30 -29.18
N CYS A 574 4.80 -25.20 -30.50
CA CYS A 574 3.68 -25.03 -31.44
C CYS A 574 3.52 -26.13 -32.48
N SER A 575 4.66 -26.63 -32.98
CA SER A 575 4.69 -27.68 -33.99
C SER A 575 3.53 -28.65 -33.79
N PRO A 576 3.03 -29.21 -34.90
CA PRO A 576 2.02 -30.27 -34.86
C PRO A 576 2.51 -31.50 -34.07
N LYS A 577 3.75 -31.95 -34.34
CA LYS A 577 4.33 -33.12 -33.67
C LYS A 577 4.48 -32.91 -32.16
N VAL A 578 4.20 -31.70 -31.72
CA VAL A 578 4.40 -31.33 -30.32
C VAL A 578 3.07 -31.19 -29.62
N ILE A 579 2.05 -30.74 -30.35
CA ILE A 579 0.71 -30.82 -29.80
C ILE A 579 0.30 -32.29 -29.76
N GLU A 580 0.66 -33.02 -30.81
CA GLU A 580 0.42 -34.45 -30.86
C GLU A 580 0.96 -35.15 -29.62
N ALA A 581 2.29 -35.14 -29.46
CA ALA A 581 2.96 -35.80 -28.33
C ALA A 581 2.44 -35.43 -26.93
N PHE A 582 2.05 -34.16 -26.76
CA PHE A 582 1.44 -33.76 -25.50
C PHE A 582 0.09 -34.44 -25.36
N THR A 583 -0.83 -34.11 -26.26
CA THR A 583 -2.19 -34.66 -26.28
C THR A 583 -2.26 -36.10 -25.76
N ASP A 584 -1.40 -36.95 -26.29
CA ASP A 584 -1.39 -38.35 -25.93
C ASP A 584 -0.63 -38.61 -24.62
N LEU A 585 0.67 -38.32 -24.62
CA LEU A 585 1.57 -38.70 -23.54
C LEU A 585 1.53 -37.81 -22.30
N GLY A 586 0.63 -36.83 -22.32
CA GLY A 586 0.50 -35.86 -21.25
C GLY A 586 1.77 -35.54 -20.47
N TRP A 587 1.66 -35.74 -19.16
CA TRP A 587 2.70 -35.39 -18.20
C TRP A 587 4.06 -36.06 -18.46
N GLU A 588 4.05 -37.33 -18.89
CA GLU A 588 5.30 -38.05 -19.09
C GLU A 588 6.11 -37.40 -20.19
N PHE A 589 5.43 -36.89 -21.21
CA PHE A 589 6.09 -36.19 -22.30
C PHE A 589 6.68 -34.87 -21.80
N VAL A 590 5.85 -34.10 -21.09
CA VAL A 590 6.24 -32.82 -20.51
C VAL A 590 7.46 -32.93 -19.59
N LYS A 591 7.43 -33.94 -18.72
CA LYS A 591 8.56 -34.24 -17.85
C LYS A 591 9.88 -34.37 -18.63
N LYS A 592 9.88 -35.23 -19.64
CA LYS A 592 11.09 -35.52 -20.41
C LYS A 592 11.61 -34.28 -21.16
N ALA A 593 10.67 -33.46 -21.65
CA ALA A 593 11.01 -32.20 -22.33
C ALA A 593 11.71 -31.24 -21.37
N LEU A 594 11.15 -31.11 -20.17
CA LEU A 594 11.73 -30.26 -19.14
C LEU A 594 13.17 -30.61 -18.81
N GLU A 595 13.48 -31.91 -18.71
CA GLU A 595 14.80 -32.37 -18.28
C GLU A 595 15.79 -32.56 -19.44
N HIS A 596 15.32 -33.22 -20.50
CA HIS A 596 16.16 -33.39 -21.67
C HIS A 596 15.49 -32.69 -22.85
N PRO A 597 15.89 -31.44 -23.10
CA PRO A 597 15.19 -30.63 -24.11
C PRO A 597 15.66 -30.88 -25.53
N LEU A 598 16.72 -31.67 -25.73
CA LEU A 598 17.07 -32.08 -27.09
C LEU A 598 16.00 -33.03 -27.58
N TYR A 599 15.43 -33.76 -26.64
CA TYR A 599 14.26 -34.57 -26.91
C TYR A 599 13.21 -33.72 -27.62
N LEU A 600 12.91 -32.55 -27.06
CA LEU A 600 11.88 -31.64 -27.60
C LEU A 600 12.12 -31.28 -29.08
N GLU A 601 13.37 -30.98 -29.41
CA GLU A 601 13.73 -30.67 -30.78
C GLU A 601 13.69 -31.92 -31.65
N GLU A 602 13.92 -33.07 -31.02
CA GLU A 602 13.87 -34.35 -31.72
C GLU A 602 12.46 -34.53 -32.28
N ILE A 603 11.48 -34.22 -31.44
CA ILE A 603 10.06 -34.34 -31.76
C ILE A 603 9.57 -33.27 -32.71
N SER A 604 9.86 -32.01 -32.42
CA SER A 604 9.38 -30.91 -33.23
C SER A 604 9.86 -31.08 -34.66
N GLY A 605 11.06 -31.63 -34.79
CA GLY A 605 11.67 -31.85 -36.09
C GLY A 605 12.90 -30.98 -36.22
N LEU A 606 13.05 -30.04 -35.29
CA LEU A 606 14.13 -29.06 -35.30
C LEU A 606 15.52 -29.73 -35.34
N SER A 607 15.59 -30.92 -34.76
CA SER A 607 16.79 -31.75 -34.76
C SER A 607 17.15 -32.19 -36.17
N VAL A 608 16.13 -32.51 -36.96
CA VAL A 608 16.32 -33.02 -38.32
C VAL A 608 16.62 -31.92 -39.35
N ILE A 609 16.67 -30.67 -38.90
CA ILE A 609 17.01 -29.55 -39.78
C ILE A 609 18.43 -29.07 -39.47
N LYS A 610 18.91 -29.39 -38.27
CA LYS A 610 20.28 -29.10 -37.88
C LYS A 610 21.15 -30.35 -38.10
N SER B 5 69.34 -18.96 28.64
CA SER B 5 69.73 -17.59 28.32
C SER B 5 70.51 -16.93 29.48
N GLU B 6 69.86 -16.66 30.62
CA GLU B 6 68.45 -17.01 30.87
C GLU B 6 67.49 -15.81 31.06
N ARG B 7 66.20 -16.06 30.83
CA ARG B 7 65.24 -14.96 30.82
C ARG B 7 64.14 -15.09 31.87
N VAL B 8 63.42 -13.98 32.05
CA VAL B 8 62.19 -13.96 32.84
C VAL B 8 61.00 -14.29 31.93
N LEU B 9 60.28 -15.34 32.28
CA LEU B 9 59.17 -15.75 31.44
C LEU B 9 58.10 -14.66 31.30
N SER B 10 57.76 -14.31 30.05
CA SER B 10 56.64 -13.40 29.79
C SER B 10 55.60 -14.14 28.97
N TYR B 11 54.46 -13.50 28.71
CA TYR B 11 53.30 -14.24 28.23
C TYR B 11 52.55 -13.57 27.08
N ALA B 12 51.91 -14.38 26.24
CA ALA B 12 50.96 -13.89 25.21
C ALA B 12 49.53 -13.92 25.76
N PRO B 13 48.69 -12.95 25.35
CA PRO B 13 47.26 -13.10 25.68
C PRO B 13 46.75 -14.48 25.26
N ALA B 14 45.86 -15.06 26.06
CA ALA B 14 45.33 -16.41 25.82
C ALA B 14 44.42 -16.59 24.59
N PHE B 15 43.59 -15.60 24.29
CA PHE B 15 42.53 -15.78 23.30
C PHE B 15 42.32 -14.53 22.46
N LYS B 16 41.77 -14.73 21.28
CA LYS B 16 41.36 -13.64 20.42
C LYS B 16 39.84 -13.77 20.18
N SER B 17 39.06 -12.78 20.60
CA SER B 17 37.60 -12.85 20.48
C SER B 17 37.13 -12.66 19.06
N PHE B 18 36.22 -13.52 18.65
CA PHE B 18 35.45 -13.30 17.45
C PHE B 18 33.97 -13.33 17.82
N LEU B 19 33.26 -12.26 17.47
CA LEU B 19 31.80 -12.18 17.67
C LEU B 19 30.98 -12.25 16.38
N ASP B 20 30.20 -13.32 16.29
CA ASP B 20 29.28 -13.57 15.20
C ASP B 20 28.07 -12.70 15.45
N THR B 21 27.32 -12.34 14.40
CA THR B 21 26.13 -11.51 14.61
C THR B 21 25.10 -12.29 15.44
N SER B 22 25.11 -13.62 15.30
CA SER B 22 24.09 -14.46 15.92
C SER B 22 24.23 -14.38 17.42
N PHE B 23 25.41 -13.96 17.85
CA PHE B 23 25.63 -13.82 19.25
C PHE B 23 24.85 -12.60 19.73
N PHE B 24 24.98 -11.51 18.99
CA PHE B 24 24.24 -10.27 19.29
C PHE B 24 22.74 -10.46 19.05
N GLN B 25 22.36 -11.27 18.06
CA GLN B 25 20.94 -11.59 17.89
C GLN B 25 20.39 -12.33 19.10
N GLU B 26 21.11 -13.37 19.54
CA GLU B 26 20.63 -14.15 20.68
C GLU B 26 20.69 -13.31 21.96
N LEU B 27 21.63 -12.36 22.01
CA LEU B 27 21.70 -11.45 23.16
C LEU B 27 20.44 -10.58 23.19
N SER B 28 20.17 -9.87 22.09
CA SER B 28 18.93 -9.07 21.93
C SER B 28 17.64 -9.81 22.30
N ARG B 29 17.44 -11.00 21.76
CA ARG B 29 16.26 -11.82 22.10
C ARG B 29 16.07 -11.90 23.60
N LEU B 30 17.15 -12.24 24.30
CA LEU B 30 17.08 -12.53 25.73
C LEU B 30 16.85 -11.24 26.51
N LYS B 31 17.26 -10.12 25.89
CA LYS B 31 17.19 -8.80 26.51
C LYS B 31 15.84 -8.12 26.28
N LEU B 32 15.16 -8.47 25.19
CA LEU B 32 13.81 -7.99 24.92
C LEU B 32 12.79 -8.73 25.80
N ASP B 33 13.20 -9.88 26.31
CA ASP B 33 12.33 -10.71 27.12
C ASP B 33 12.17 -10.17 28.55
N VAL B 34 13.17 -9.43 29.04
CA VAL B 34 13.08 -8.82 30.37
C VAL B 34 12.81 -7.33 30.32
N LEU B 35 12.15 -6.82 31.36
CA LEU B 35 11.83 -5.41 31.45
C LEU B 35 12.60 -4.73 32.60
N LYS B 36 13.15 -5.55 33.50
CA LYS B 36 13.68 -5.10 34.79
C LYS B 36 14.94 -4.20 34.88
N LEU B 37 15.78 -4.13 33.86
CA LEU B 37 16.94 -3.19 33.90
C LEU B 37 18.16 -3.59 34.80
N ASP B 38 17.94 -4.40 35.84
CA ASP B 38 19.05 -5.00 36.59
C ASP B 38 20.11 -5.61 35.67
N SER B 39 21.38 -5.46 36.02
CA SER B 39 22.39 -6.20 35.30
C SER B 39 22.19 -7.70 35.59
N THR B 40 22.67 -8.53 34.66
CA THR B 40 22.40 -9.95 34.71
C THR B 40 23.69 -10.75 34.45
N CYS B 41 23.68 -12.05 34.80
CA CYS B 41 24.85 -12.90 34.59
C CYS B 41 24.52 -14.32 34.11
N GLN B 42 24.93 -14.67 32.88
CA GLN B 42 24.67 -15.98 32.30
C GLN B 42 25.95 -16.72 31.90
N PRO B 43 25.98 -18.05 32.08
CA PRO B 43 27.07 -18.94 31.68
C PRO B 43 27.26 -18.95 30.16
N LEU B 44 28.49 -19.09 29.71
CA LEU B 44 28.74 -19.19 28.28
C LEU B 44 29.65 -20.36 28.04
N THR B 45 29.55 -20.90 26.82
CA THR B 45 30.44 -21.98 26.40
C THR B 45 30.98 -21.80 25.00
N VAL B 46 32.29 -21.95 24.87
CA VAL B 46 32.89 -22.06 23.57
C VAL B 46 33.72 -23.32 23.50
N ASN B 47 33.80 -23.87 22.30
CA ASN B 47 34.61 -25.03 22.04
C ASN B 47 35.82 -24.59 21.24
N LEU B 48 37.00 -24.67 21.86
CA LEU B 48 38.24 -24.22 21.22
C LEU B 48 38.78 -25.23 20.23
N ASP B 49 39.26 -24.73 19.10
CA ASP B 49 39.91 -25.60 18.15
C ASP B 49 41.38 -25.24 18.09
N LEU B 50 42.21 -25.92 18.88
CA LEU B 50 43.65 -25.60 18.93
C LEU B 50 44.40 -26.14 17.74
N HIS B 51 43.70 -26.85 16.87
CA HIS B 51 44.30 -27.38 15.64
C HIS B 51 44.09 -26.46 14.46
N ASN B 52 43.38 -25.36 14.66
CA ASN B 52 43.05 -24.42 13.59
C ASN B 52 43.16 -22.99 14.08
N ILE B 53 44.40 -22.59 14.29
CA ILE B 53 44.69 -21.24 14.71
C ILE B 53 45.22 -20.54 13.48
N PRO B 54 44.47 -19.55 12.99
CA PRO B 54 44.85 -18.91 11.72
C PRO B 54 46.24 -18.27 11.82
N LYS B 55 47.07 -18.45 10.79
CA LYS B 55 48.48 -18.01 10.78
C LYS B 55 48.76 -16.58 11.25
N SER B 56 47.83 -15.66 11.02
CA SER B 56 48.04 -14.25 11.36
C SER B 56 47.57 -13.94 12.77
N ALA B 57 47.05 -14.96 13.45
CA ALA B 57 46.68 -14.84 14.85
C ALA B 57 47.85 -15.30 15.70
N ASP B 58 47.85 -14.88 16.95
CA ASP B 58 48.89 -15.25 17.87
C ASP B 58 48.36 -16.18 18.98
N GLN B 59 47.02 -16.28 19.03
CA GLN B 59 46.38 -17.15 20.00
C GLN B 59 45.14 -17.73 19.34
N VAL B 60 44.57 -18.76 19.95
CA VAL B 60 43.31 -19.40 19.53
C VAL B 60 42.17 -18.40 19.42
N PRO B 61 41.39 -18.49 18.34
CA PRO B 61 40.11 -17.79 18.30
C PRO B 61 39.11 -18.25 19.36
N LEU B 62 38.54 -17.29 20.09
CA LEU B 62 37.39 -17.53 20.94
C LEU B 62 36.10 -16.98 20.23
N PHE B 63 35.25 -17.90 19.75
CA PHE B 63 34.19 -17.57 18.79
C PHE B 63 32.83 -17.58 19.45
N LEU B 64 32.25 -16.41 19.70
CA LEU B 64 30.94 -16.38 20.33
C LEU B 64 29.79 -16.33 19.29
N THR B 65 28.83 -17.25 19.45
CA THR B 65 27.63 -17.28 18.63
C THR B 65 26.40 -17.38 19.52
N ASN B 66 25.21 -17.43 18.92
CA ASN B 66 24.00 -17.69 19.69
C ASN B 66 24.11 -19.01 20.44
N ARG B 67 24.92 -19.91 19.90
CA ARG B 67 25.06 -21.24 20.48
C ARG B 67 25.82 -21.22 21.82
N SER B 68 26.63 -20.18 22.03
CA SER B 68 27.41 -20.05 23.24
C SER B 68 26.53 -19.90 24.46
N PHE B 69 25.24 -19.61 24.23
CA PHE B 69 24.32 -19.36 25.34
C PHE B 69 23.68 -20.62 25.83
N GLU B 70 23.75 -21.66 25.00
CA GLU B 70 22.86 -22.80 25.10
C GLU B 70 23.57 -23.94 25.78
N LYS B 71 24.16 -23.65 26.93
CA LYS B 71 24.87 -24.69 27.65
C LYS B 71 25.85 -25.35 26.68
N HIS B 72 26.11 -26.64 26.92
CA HIS B 72 27.00 -27.41 26.07
C HIS B 72 26.27 -27.95 24.84
N ASN B 73 26.33 -27.21 23.75
CA ASN B 73 25.67 -27.61 22.51
C ASN B 73 26.49 -28.63 21.72
N ASN B 74 26.63 -29.82 22.28
CA ASN B 74 27.44 -30.87 21.68
C ASN B 74 28.90 -30.42 21.57
N LYS B 75 29.68 -31.15 20.79
CA LYS B 75 31.11 -30.91 20.70
C LYS B 75 31.81 -31.92 19.77
N ARG B 76 32.82 -31.44 19.06
CA ARG B 76 33.55 -32.27 18.11
C ARG B 76 34.56 -33.18 18.81
N THR B 77 35.56 -33.62 18.05
CA THR B 77 36.64 -34.40 18.62
C THR B 77 37.89 -33.54 18.55
N ASN B 78 38.72 -33.59 19.60
CA ASN B 78 39.93 -32.75 19.66
C ASN B 78 39.65 -31.27 19.92
N GLU B 79 38.42 -30.96 20.32
CA GLU B 79 38.07 -29.60 20.67
C GLU B 79 37.98 -29.47 22.18
N VAL B 80 38.24 -28.26 22.66
CA VAL B 80 38.32 -28.07 24.10
C VAL B 80 37.23 -27.11 24.56
N PRO B 81 36.33 -27.61 25.41
CA PRO B 81 35.25 -26.73 25.88
C PRO B 81 35.82 -25.71 26.84
N LEU B 82 35.39 -24.45 26.69
CA LEU B 82 35.82 -23.39 27.59
C LEU B 82 34.57 -22.78 28.25
N GLN B 83 34.53 -22.84 29.57
CA GLN B 83 33.40 -22.32 30.33
C GLN B 83 33.57 -20.85 30.58
N GLY B 84 32.52 -20.07 30.35
CA GLY B 84 32.60 -18.65 30.66
C GLY B 84 31.32 -18.08 31.19
N SER B 85 31.21 -16.75 31.15
CA SER B 85 29.97 -16.09 31.50
C SER B 85 29.88 -14.70 30.87
N ILE B 86 28.67 -14.25 30.65
CA ILE B 86 28.40 -12.89 30.20
C ILE B 86 27.66 -12.10 31.28
N PHE B 87 28.22 -10.94 31.64
CA PHE B 87 27.46 -9.99 32.46
C PHE B 87 26.94 -8.92 31.53
N ASN B 88 25.63 -8.90 31.31
CA ASN B 88 25.04 -7.84 30.51
C ASN B 88 24.60 -6.68 31.39
N PHE B 89 24.90 -5.47 30.99
CA PHE B 89 24.36 -4.31 31.69
C PHE B 89 23.31 -3.62 30.86
N ASN B 90 22.31 -3.05 31.53
CA ASN B 90 21.22 -2.38 30.83
C ASN B 90 21.20 -0.88 31.03
N VAL B 91 22.26 -0.37 31.64
CA VAL B 91 22.47 1.05 31.77
C VAL B 91 23.94 1.32 31.45
N LEU B 92 24.21 2.07 30.40
CA LEU B 92 25.57 2.29 29.93
C LEU B 92 26.51 2.86 31.01
N ASP B 93 25.94 3.48 32.03
CA ASP B 93 26.73 4.04 33.11
C ASP B 93 27.35 2.94 33.95
N GLU B 94 26.53 1.92 34.25
CA GLU B 94 27.03 0.78 35.01
C GLU B 94 28.19 0.15 34.23
N PHE B 95 27.98 -0.14 32.94
CA PHE B 95 29.03 -0.67 32.06
C PHE B 95 30.28 0.25 32.05
N LYS B 96 30.07 1.57 31.99
CA LYS B 96 31.20 2.51 31.92
C LYS B 96 31.99 2.62 33.24
N ASN B 97 31.29 2.60 34.38
CA ASN B 97 31.90 2.91 35.67
C ASN B 97 32.38 1.68 36.46
N LEU B 98 31.94 0.50 36.03
CA LEU B 98 32.42 -0.75 36.61
C LEU B 98 33.92 -0.63 36.68
N ASP B 99 34.47 -0.78 37.89
CA ASP B 99 35.91 -0.91 38.07
C ASP B 99 36.41 -2.22 37.37
N LYS B 100 36.93 -2.05 36.16
CA LYS B 100 37.37 -3.18 35.33
C LYS B 100 38.43 -4.10 35.99
N GLN B 101 39.48 -3.51 36.55
CA GLN B 101 40.49 -4.29 37.28
C GLN B 101 39.89 -5.06 38.48
N LEU B 102 39.16 -4.36 39.35
CA LEU B 102 38.46 -5.05 40.43
C LEU B 102 37.59 -6.24 39.92
N PHE B 103 36.85 -6.02 38.84
CA PHE B 103 35.99 -7.04 38.29
C PHE B 103 36.78 -8.30 37.86
N LEU B 104 37.85 -8.09 37.11
CA LEU B 104 38.62 -9.21 36.59
C LEU B 104 39.30 -9.98 37.73
N HIS B 105 39.75 -9.25 38.74
CA HIS B 105 40.33 -9.86 39.94
C HIS B 105 39.36 -10.75 40.69
N GLN B 106 38.11 -10.30 40.82
CA GLN B 106 37.10 -11.13 41.47
C GLN B 106 36.82 -12.43 40.66
N ARG B 107 36.79 -12.33 39.34
CA ARG B 107 36.73 -13.49 38.46
C ARG B 107 37.93 -14.40 38.71
N ALA B 108 39.10 -13.80 38.87
CA ALA B 108 40.30 -14.60 39.15
C ALA B 108 40.19 -15.34 40.47
N LEU B 109 39.59 -14.72 41.49
CA LEU B 109 39.35 -15.46 42.75
C LEU B 109 38.48 -16.70 42.56
N GLU B 110 37.41 -16.60 41.77
CA GLU B 110 36.62 -17.78 41.53
C GLU B 110 37.47 -18.87 40.87
N CYS B 111 38.16 -18.53 39.78
CA CYS B 111 39.08 -19.48 39.15
C CYS B 111 40.08 -20.10 40.12
N TRP B 112 40.64 -19.29 41.03
CA TRP B 112 41.55 -19.82 42.04
C TRP B 112 40.86 -20.83 42.96
N GLU B 113 39.69 -20.47 43.46
CA GLU B 113 38.92 -21.38 44.29
C GLU B 113 38.71 -22.69 43.56
N ASP B 114 38.32 -22.62 42.29
CA ASP B 114 38.12 -23.82 41.48
C ASP B 114 39.42 -24.56 41.26
N GLY B 115 40.47 -23.81 41.00
CA GLY B 115 41.77 -24.33 40.65
C GLY B 115 42.37 -25.20 41.72
N ILE B 116 42.28 -24.76 42.97
CA ILE B 116 42.89 -25.54 44.05
C ILE B 116 42.13 -26.85 44.36
N LYS B 117 40.89 -26.97 43.89
CA LYS B 117 40.19 -28.24 43.95
C LYS B 117 40.54 -29.15 42.74
N ASP B 118 40.84 -28.54 41.60
CA ASP B 118 41.15 -29.25 40.35
C ASP B 118 41.89 -28.29 39.42
N ILE B 119 43.20 -28.51 39.26
CA ILE B 119 44.05 -27.61 38.50
C ILE B 119 43.54 -27.37 37.07
N ASN B 120 42.77 -28.32 36.56
CA ASN B 120 42.21 -28.21 35.22
C ASN B 120 40.97 -27.32 35.13
N LYS B 121 40.45 -26.90 36.28
CA LYS B 121 39.24 -26.09 36.29
C LYS B 121 39.47 -24.63 36.66
N CYS B 122 40.69 -24.13 36.43
CA CYS B 122 41.05 -22.78 36.86
C CYS B 122 41.07 -21.79 35.69
N VAL B 123 40.39 -22.13 34.60
CA VAL B 123 40.47 -21.35 33.38
C VAL B 123 39.07 -20.98 32.95
N SER B 124 38.80 -19.69 32.78
CA SER B 124 37.52 -19.29 32.19
C SER B 124 37.66 -18.02 31.40
N PHE B 125 36.53 -17.45 31.02
CA PHE B 125 36.54 -16.16 30.40
C PHE B 125 35.25 -15.45 30.73
N VAL B 126 35.29 -14.15 30.56
CA VAL B 126 34.14 -13.32 30.81
C VAL B 126 34.01 -12.23 29.75
N ILE B 127 32.77 -12.01 29.34
CA ILE B 127 32.35 -10.88 28.51
C ILE B 127 31.49 -9.92 29.37
N ILE B 128 31.85 -8.64 29.39
CA ILE B 128 30.92 -7.63 29.89
C ILE B 128 30.33 -6.90 28.67
N SER B 129 29.09 -6.43 28.80
CA SER B 129 28.42 -5.88 27.63
C SER B 129 27.31 -4.88 27.91
N PHE B 130 27.12 -3.96 26.96
CA PHE B 130 25.91 -3.15 26.89
C PHE B 130 25.36 -3.15 25.47
N ALA B 131 24.10 -3.56 25.34
CA ALA B 131 23.42 -3.60 24.04
C ALA B 131 22.44 -2.43 23.85
N ASP B 132 22.71 -1.59 22.85
CA ASP B 132 21.78 -0.52 22.42
C ASP B 132 20.96 -1.02 21.23
N LEU B 133 19.86 -1.70 21.52
CA LEU B 133 19.01 -2.31 20.48
C LEU B 133 18.48 -1.41 19.35
N LYS B 134 17.95 -0.24 19.70
CA LYS B 134 17.41 0.69 18.71
C LYS B 134 18.47 1.05 17.68
N LYS B 135 19.68 1.36 18.14
CA LYS B 135 20.76 1.72 17.20
C LYS B 135 21.59 0.54 16.68
N TYR B 136 21.21 -0.68 17.08
CA TYR B 136 21.96 -1.89 16.71
C TYR B 136 23.45 -1.77 17.06
N ARG B 137 23.74 -1.17 18.21
CA ARG B 137 25.12 -0.99 18.67
C ARG B 137 25.44 -1.83 19.92
N PHE B 138 26.51 -2.60 19.86
CA PHE B 138 26.84 -3.46 20.98
C PHE B 138 28.24 -3.17 21.55
N TYR B 139 28.27 -2.92 22.86
CA TYR B 139 29.51 -2.65 23.57
C TYR B 139 29.94 -3.94 24.28
N TYR B 140 31.24 -4.22 24.25
CA TYR B 140 31.75 -5.44 24.87
C TYR B 140 33.23 -5.40 25.18
N TRP B 141 33.63 -6.31 26.06
CA TRP B 141 35.03 -6.45 26.40
C TRP B 141 35.22 -7.87 26.86
N LEU B 142 36.13 -8.60 26.21
CA LEU B 142 36.52 -9.93 26.65
C LEU B 142 37.54 -9.83 27.77
N GLY B 143 37.33 -10.58 28.87
CA GLY B 143 38.34 -10.68 29.90
C GLY B 143 38.66 -12.14 30.18
N VAL B 144 39.95 -12.47 30.13
CA VAL B 144 40.39 -13.81 30.52
C VAL B 144 41.24 -13.73 31.77
N PRO B 145 40.68 -14.05 32.95
CA PRO B 145 41.46 -13.82 34.17
C PRO B 145 42.64 -14.77 34.27
N CYS B 146 43.83 -14.17 34.16
CA CYS B 146 45.09 -14.86 34.27
C CYS B 146 45.76 -14.35 35.55
N PHE B 147 46.02 -15.26 36.49
CA PHE B 147 46.51 -14.82 37.79
C PHE B 147 47.88 -15.36 38.25
N GLN B 148 48.66 -14.47 38.85
CA GLN B 148 49.92 -14.78 39.54
C GLN B 148 49.70 -14.72 41.07
N ARG B 149 49.63 -15.86 41.73
CA ARG B 149 49.50 -15.88 43.19
C ARG B 149 50.59 -16.71 43.87
N PRO B 150 51.43 -16.07 44.69
CA PRO B 150 51.32 -14.63 44.97
C PRO B 150 51.93 -13.80 43.84
N SER B 151 51.79 -12.49 43.89
CA SER B 151 52.19 -11.65 42.76
C SER B 151 53.69 -11.51 42.72
N SER B 152 54.32 -11.93 43.82
CA SER B 152 55.74 -11.72 44.05
C SER B 152 56.52 -12.79 43.29
N THR B 153 55.81 -13.84 42.87
CA THR B 153 56.44 -14.97 42.24
C THR B 153 56.57 -14.76 40.75
N VAL B 154 57.75 -15.04 40.23
CA VAL B 154 57.99 -14.96 38.80
C VAL B 154 58.82 -16.16 38.41
N LEU B 155 59.00 -16.35 37.11
CA LEU B 155 59.63 -17.58 36.64
C LEU B 155 60.87 -17.25 35.83
N HIS B 156 62.03 -17.69 36.32
CA HIS B 156 63.25 -17.66 35.51
C HIS B 156 63.19 -18.88 34.59
N VAL B 157 63.46 -18.68 33.31
CA VAL B 157 63.55 -19.88 32.45
C VAL B 157 64.70 -19.83 31.46
N ARG B 158 65.05 -21.02 30.98
CA ARG B 158 65.96 -21.19 29.85
C ARG B 158 65.61 -22.42 29.03
N PRO B 159 66.05 -22.45 27.76
CA PRO B 159 65.64 -23.52 26.85
C PRO B 159 66.05 -24.90 27.29
N GLU B 160 65.22 -25.89 26.96
CA GLU B 160 65.49 -27.30 27.26
C GLU B 160 65.21 -28.13 26.03
N PRO B 161 66.08 -28.01 25.01
CA PRO B 161 65.81 -28.68 23.74
C PRO B 161 65.56 -30.16 23.99
N SER B 162 66.39 -30.75 24.85
CA SER B 162 66.43 -32.20 25.08
C SER B 162 65.08 -32.91 25.22
N LEU B 163 64.15 -32.30 25.96
CA LEU B 163 62.86 -32.96 26.20
C LEU B 163 61.95 -32.95 24.96
N LYS B 164 62.52 -33.17 23.77
CA LYS B 164 61.83 -32.93 22.50
C LYS B 164 60.88 -34.05 21.95
N GLY B 165 61.18 -35.33 22.16
CA GLY B 165 60.37 -36.42 21.62
C GLY B 165 59.09 -36.65 22.41
N LEU B 166 59.10 -36.06 23.60
CA LEU B 166 57.96 -35.99 24.49
C LEU B 166 56.74 -35.32 23.83
N PHE B 167 56.97 -34.29 23.02
CA PHE B 167 55.87 -33.44 22.58
C PHE B 167 54.75 -34.21 21.90
N SER B 168 55.11 -35.18 21.07
CA SER B 168 54.07 -35.91 20.36
C SER B 168 53.13 -36.57 21.34
N LYS B 169 53.68 -37.21 22.37
CA LYS B 169 52.86 -37.89 23.37
C LYS B 169 51.89 -36.93 24.09
N CYS B 170 52.36 -35.74 24.40
CA CYS B 170 51.52 -34.75 25.04
C CYS B 170 50.45 -34.25 24.09
N GLN B 171 50.85 -33.86 22.89
CA GLN B 171 49.89 -33.44 21.87
C GLN B 171 48.74 -34.42 21.81
N LYS B 172 49.09 -35.68 21.66
CA LYS B 172 48.14 -36.74 21.50
C LYS B 172 47.37 -37.01 22.78
N TRP B 173 48.05 -36.96 23.93
CA TRP B 173 47.37 -37.09 25.21
C TRP B 173 46.31 -35.98 25.39
N PHE B 174 46.66 -34.75 25.04
CA PHE B 174 45.70 -33.64 25.09
C PHE B 174 44.49 -33.78 24.16
N ASP B 175 44.69 -34.25 22.92
CA ASP B 175 43.56 -34.42 21.99
C ASP B 175 42.50 -35.33 22.58
N VAL B 176 42.97 -36.42 23.17
CA VAL B 176 42.09 -37.38 23.82
C VAL B 176 41.45 -36.76 25.09
N ASN B 177 42.28 -36.21 25.97
CA ASN B 177 41.78 -35.70 27.24
C ASN B 177 41.33 -34.25 27.17
N TYR B 178 40.19 -34.05 26.52
CA TYR B 178 39.80 -32.73 26.05
C TYR B 178 39.44 -31.74 27.17
N SER B 179 39.17 -32.24 28.36
CA SER B 179 38.83 -31.39 29.48
C SER B 179 40.07 -31.09 30.34
N LYS B 180 41.26 -31.40 29.83
CA LYS B 180 42.46 -31.19 30.63
C LYS B 180 43.35 -30.08 30.06
N TRP B 181 43.94 -29.28 30.93
CA TRP B 181 44.86 -28.22 30.53
C TRP B 181 46.29 -28.56 30.92
N VAL B 182 46.43 -29.67 31.63
CA VAL B 182 47.68 -29.97 32.27
C VAL B 182 47.86 -31.46 32.41
N CYS B 183 49.11 -31.88 32.27
CA CYS B 183 49.48 -33.25 32.59
C CYS B 183 50.92 -33.29 33.11
N ILE B 184 51.38 -34.46 33.54
CA ILE B 184 52.70 -34.60 34.14
C ILE B 184 53.31 -35.92 33.70
N LEU B 185 54.59 -36.12 34.00
CA LEU B 185 55.25 -37.42 33.80
C LEU B 185 55.31 -38.16 35.13
N ASP B 186 55.15 -39.48 35.07
CA ASP B 186 55.39 -40.32 36.23
C ASP B 186 56.85 -40.82 36.20
N ALA B 187 57.14 -41.87 36.95
CA ALA B 187 58.53 -42.25 37.15
C ALA B 187 59.18 -42.84 35.89
N ASP B 188 58.36 -43.39 34.99
CA ASP B 188 58.88 -43.97 33.75
C ASP B 188 58.71 -43.04 32.56
N ASP B 189 58.53 -41.75 32.84
CA ASP B 189 58.40 -40.76 31.78
C ASP B 189 57.18 -41.02 30.88
N GLU B 190 56.08 -41.48 31.49
CA GLU B 190 54.81 -41.64 30.77
C GLU B 190 53.77 -40.61 31.23
N ILE B 191 52.93 -40.14 30.31
CA ILE B 191 52.01 -39.07 30.65
C ILE B 191 50.89 -39.54 31.56
N VAL B 192 50.67 -38.80 32.64
CA VAL B 192 49.50 -39.03 33.49
C VAL B 192 48.89 -37.71 33.93
N ASN B 193 47.70 -37.77 34.54
CA ASN B 193 47.10 -36.57 35.08
C ASN B 193 47.92 -35.88 36.16
N TYR B 194 47.58 -34.64 36.46
CA TYR B 194 48.33 -33.89 37.44
C TYR B 194 47.97 -34.39 38.83
N ASP B 195 48.98 -34.87 39.54
CA ASP B 195 48.89 -35.17 40.96
C ASP B 195 50.03 -34.47 41.69
N LYS B 196 49.72 -33.86 42.82
CA LYS B 196 50.74 -33.08 43.51
C LYS B 196 51.77 -34.00 44.14
N CYS B 197 51.32 -35.15 44.64
CA CYS B 197 52.27 -36.11 45.21
C CYS B 197 53.25 -36.63 44.17
N ILE B 198 52.77 -36.90 42.96
CA ILE B 198 53.68 -37.31 41.88
C ILE B 198 54.59 -36.17 41.39
N ILE B 199 54.04 -35.00 41.06
CA ILE B 199 54.91 -33.98 40.46
C ILE B 199 55.94 -33.42 41.44
N ARG B 200 55.63 -33.45 42.73
CA ARG B 200 56.66 -33.15 43.74
C ARG B 200 57.94 -34.00 43.52
N LYS B 201 57.78 -35.28 43.19
CA LYS B 201 58.94 -36.14 42.91
C LYS B 201 59.44 -36.03 41.46
N THR B 202 58.52 -36.02 40.49
CA THR B 202 58.89 -36.05 39.06
C THR B 202 59.35 -34.74 38.45
N LYS B 203 58.82 -33.63 38.97
CA LYS B 203 59.26 -32.30 38.55
C LYS B 203 59.07 -32.01 37.03
N VAL B 204 58.03 -32.58 36.42
CA VAL B 204 57.75 -32.24 35.04
C VAL B 204 56.29 -31.90 34.74
N LEU B 205 56.08 -30.65 34.31
CA LEU B 205 54.73 -30.15 34.06
C LEU B 205 54.50 -29.72 32.60
N ALA B 206 53.53 -30.33 31.93
CA ALA B 206 53.15 -29.90 30.57
C ALA B 206 51.84 -29.16 30.55
N ILE B 207 51.82 -28.05 29.81
CA ILE B 207 50.61 -27.25 29.69
C ILE B 207 50.10 -27.23 28.27
N ARG B 208 48.77 -27.34 28.12
CA ARG B 208 48.12 -27.21 26.82
C ARG B 208 48.01 -25.73 26.52
N ASP B 209 48.81 -25.26 25.56
CA ASP B 209 49.02 -23.84 25.32
C ASP B 209 48.06 -23.26 24.30
N THR B 210 47.55 -22.05 24.56
CA THR B 210 46.62 -21.41 23.62
C THR B 210 47.24 -20.38 22.70
N SER B 211 48.53 -20.09 22.89
CA SER B 211 49.24 -19.14 22.04
C SER B 211 50.00 -19.79 20.88
N THR B 212 50.23 -19.02 19.82
CA THR B 212 51.17 -19.47 18.79
C THR B 212 52.44 -18.64 18.73
N MET B 213 52.51 -17.59 19.56
CA MET B 213 53.67 -16.72 19.54
C MET B 213 54.95 -17.51 19.84
N GLU B 214 55.94 -17.41 18.97
CA GLU B 214 57.19 -18.17 19.14
C GLU B 214 57.86 -17.97 20.50
N ASN B 215 58.06 -19.07 21.21
CA ASN B 215 58.70 -19.08 22.52
C ASN B 215 57.96 -18.30 23.58
N VAL B 216 56.74 -17.86 23.29
CA VAL B 216 55.99 -17.10 24.28
C VAL B 216 54.66 -17.76 24.66
N PRO B 217 54.60 -18.32 25.87
CA PRO B 217 53.43 -19.11 26.30
C PRO B 217 52.22 -18.23 26.61
N SER B 218 51.02 -18.78 26.44
CA SER B 218 49.78 -18.07 26.78
C SER B 218 49.76 -17.68 28.26
N ALA B 219 49.21 -16.50 28.56
CA ALA B 219 49.10 -16.03 29.95
C ALA B 219 48.36 -16.97 30.92
N LEU B 220 47.60 -17.93 30.40
CA LEU B 220 46.95 -18.88 31.27
C LEU B 220 47.98 -19.63 32.05
N THR B 221 49.22 -19.63 31.57
CA THR B 221 50.29 -20.33 32.25
C THR B 221 50.44 -19.83 33.69
N LYS B 222 50.30 -18.52 33.91
CA LYS B 222 50.34 -17.99 35.28
C LYS B 222 49.41 -18.80 36.20
N ASN B 223 48.19 -19.10 35.74
CA ASN B 223 47.20 -19.78 36.57
C ASN B 223 47.69 -21.11 37.09
N PHE B 224 48.21 -21.91 36.16
CA PHE B 224 48.60 -23.28 36.44
C PHE B 224 49.80 -23.23 37.40
N LEU B 225 50.75 -22.33 37.12
CA LEU B 225 51.90 -22.11 37.99
C LEU B 225 51.48 -21.72 39.41
N SER B 226 50.50 -20.83 39.52
CA SER B 226 50.07 -20.44 40.85
C SER B 226 49.55 -21.66 41.60
N VAL B 227 48.65 -22.43 41.00
CA VAL B 227 48.16 -23.65 41.66
C VAL B 227 49.32 -24.59 42.06
N LEU B 228 50.22 -24.87 41.11
CA LEU B 228 51.43 -25.68 41.36
C LEU B 228 52.23 -25.25 42.60
N GLN B 229 52.49 -23.96 42.72
CA GLN B 229 53.30 -23.44 43.83
C GLN B 229 52.58 -23.63 45.17
N TYR B 230 51.27 -23.56 45.13
CA TYR B 230 50.45 -23.79 46.31
C TYR B 230 50.36 -25.26 46.71
N ASP B 231 50.31 -26.16 45.73
CA ASP B 231 50.31 -27.61 45.99
C ASP B 231 51.70 -28.11 46.37
N VAL B 232 52.73 -27.36 45.97
CA VAL B 232 54.12 -27.75 46.19
C VAL B 232 54.99 -26.51 46.45
N PRO B 233 54.87 -25.93 47.67
CA PRO B 233 55.43 -24.64 48.08
C PRO B 233 56.93 -24.63 48.00
N ASP B 234 57.53 -25.81 48.13
CA ASP B 234 58.98 -25.94 48.21
C ASP B 234 59.62 -26.23 46.86
N LEU B 235 58.81 -26.34 45.81
CA LEU B 235 59.32 -26.58 44.47
C LEU B 235 60.04 -25.35 43.90
N ILE B 236 61.28 -25.55 43.48
CA ILE B 236 62.10 -24.44 42.98
C ILE B 236 62.42 -24.64 41.49
N ASP B 237 62.91 -25.83 41.15
CA ASP B 237 63.27 -26.18 39.77
C ASP B 237 62.41 -27.31 39.24
N PHE B 238 61.94 -27.14 38.02
CA PHE B 238 61.18 -28.17 37.36
C PHE B 238 61.35 -27.92 35.88
N LYS B 239 61.04 -28.92 35.06
CA LYS B 239 60.94 -28.74 33.63
C LYS B 239 59.49 -28.33 33.28
N LEU B 240 59.32 -27.39 32.36
CA LEU B 240 57.99 -26.96 31.91
C LEU B 240 57.83 -27.17 30.39
N LEU B 241 56.93 -28.05 29.98
CA LEU B 241 56.73 -28.24 28.54
C LEU B 241 55.52 -27.43 28.11
N ILE B 242 55.72 -26.57 27.11
CA ILE B 242 54.62 -25.83 26.51
C ILE B 242 54.15 -26.55 25.22
N ILE B 243 53.08 -27.33 25.35
CA ILE B 243 52.55 -28.14 24.24
C ILE B 243 51.56 -27.41 23.35
N ARG B 244 51.84 -27.38 22.04
CA ARG B 244 50.98 -26.76 21.03
C ARG B 244 50.67 -27.74 19.91
N GLN B 245 49.52 -27.57 19.25
CA GLN B 245 49.16 -28.51 18.19
C GLN B 245 49.69 -28.12 16.81
N ASN B 246 50.75 -27.35 16.78
CA ASN B 246 51.47 -27.10 15.55
C ASN B 246 52.84 -27.73 15.74
N GLU B 247 53.89 -27.14 15.16
CA GLU B 247 55.25 -27.62 15.37
C GLU B 247 56.04 -26.76 16.33
N GLY B 248 55.34 -25.81 16.94
CA GLY B 248 55.99 -24.80 17.75
C GLY B 248 56.07 -25.06 19.26
N SER B 249 55.84 -26.31 19.67
CA SER B 249 56.06 -26.72 21.06
C SER B 249 57.50 -26.45 21.51
N PHE B 250 57.68 -26.15 22.79
CA PHE B 250 59.02 -26.00 23.37
C PHE B 250 59.10 -26.44 24.85
N ALA B 251 60.31 -26.68 25.31
CA ALA B 251 60.53 -27.10 26.69
C ALA B 251 61.32 -26.02 27.43
N LEU B 252 61.05 -25.86 28.72
CA LEU B 252 61.78 -24.87 29.49
C LEU B 252 62.30 -25.52 30.72
N ASN B 253 63.51 -25.12 31.10
CA ASN B 253 64.01 -25.33 32.46
C ASN B 253 63.61 -24.14 33.34
N ALA B 254 62.87 -24.44 34.38
CA ALA B 254 62.11 -23.41 35.07
C ALA B 254 62.51 -23.29 36.54
N THR B 255 62.60 -22.05 37.01
CA THR B 255 62.93 -21.82 38.39
C THR B 255 62.03 -20.74 38.96
N PHE B 256 61.33 -21.07 40.03
CA PHE B 256 60.53 -20.07 40.74
C PHE B 256 61.42 -19.02 41.43
N ALA B 257 61.23 -17.77 41.09
CA ALA B 257 61.91 -16.68 41.77
C ALA B 257 60.87 -15.88 42.50
N SER B 258 61.32 -14.86 43.19
CA SER B 258 60.43 -14.15 44.05
C SER B 258 60.93 -12.75 44.26
N ILE B 259 60.00 -11.80 44.15
CA ILE B 259 60.30 -10.37 44.15
C ILE B 259 59.40 -9.71 45.18
N ASP B 260 59.99 -9.24 46.26
CA ASP B 260 59.26 -8.75 47.43
C ASP B 260 58.40 -9.80 48.13
N PRO B 261 59.00 -10.97 48.46
CA PRO B 261 58.20 -11.99 49.16
C PRO B 261 57.64 -11.51 50.51
N GLN B 262 56.32 -11.37 50.65
CA GLN B 262 55.73 -11.08 51.95
C GLN B 262 55.75 -12.35 52.80
N SER B 263 55.49 -12.24 54.10
CA SER B 263 55.52 -13.42 55.00
C SER B 263 54.17 -13.73 55.65
N SER B 264 53.90 -15.02 55.83
CA SER B 264 52.62 -15.48 56.36
C SER B 264 52.07 -14.56 57.45
N ASN B 267 48.37 -14.66 54.20
CA ASN B 267 47.39 -14.44 53.12
C ASN B 267 48.01 -13.84 51.85
N PRO B 268 48.40 -14.71 50.90
CA PRO B 268 49.05 -14.27 49.66
C PRO B 268 48.17 -13.39 48.77
N ASP B 269 48.79 -12.35 48.20
CA ASP B 269 48.09 -11.45 47.30
C ASP B 269 48.04 -11.98 45.86
N MET B 270 47.47 -11.20 44.94
CA MET B 270 47.22 -11.73 43.59
C MET B 270 47.32 -10.64 42.53
N LYS B 271 48.12 -10.87 41.50
CA LYS B 271 48.17 -9.98 40.36
C LYS B 271 47.45 -10.64 39.19
N VAL B 272 46.39 -9.99 38.73
CA VAL B 272 45.58 -10.49 37.62
C VAL B 272 45.75 -9.64 36.37
N SER B 273 45.99 -10.26 35.23
CA SER B 273 45.92 -9.58 33.93
C SER B 273 44.90 -10.31 33.06
N GLY B 274 44.69 -9.83 31.83
CA GLY B 274 43.78 -10.52 30.93
C GLY B 274 42.64 -9.78 30.22
N TRP B 275 42.46 -8.48 30.49
CA TRP B 275 41.53 -7.75 29.64
C TRP B 275 42.08 -7.74 28.22
N GLU B 276 41.26 -8.08 27.23
CA GLU B 276 41.70 -8.10 25.83
C GLU B 276 41.85 -6.71 25.26
N ARG B 277 42.83 -6.56 24.37
CA ARG B 277 43.11 -5.29 23.71
C ARG B 277 42.34 -5.19 22.40
N ASN B 278 42.20 -3.97 21.86
CA ASN B 278 41.79 -3.83 20.48
C ASN B 278 43.04 -3.85 19.60
N VAL B 279 42.87 -3.71 18.29
CA VAL B 279 44.02 -3.78 17.40
C VAL B 279 44.97 -2.60 17.54
N GLN B 280 44.48 -1.47 18.04
CA GLN B 280 45.35 -0.32 18.27
C GLN B 280 46.26 -0.55 19.48
N GLY B 281 46.12 -1.73 20.08
CA GLY B 281 46.96 -2.12 21.21
C GLY B 281 46.47 -1.59 22.53
N LYS B 282 45.26 -1.01 22.52
CA LYS B 282 44.75 -0.31 23.68
C LYS B 282 43.89 -1.22 24.54
N LEU B 283 44.03 -1.08 25.85
CA LEU B 283 43.15 -1.77 26.78
C LEU B 283 41.82 -1.01 26.87
N ALA B 284 40.96 -1.21 25.88
CA ALA B 284 39.71 -0.47 25.77
C ALA B 284 38.55 -1.37 25.32
N PRO B 285 37.31 -0.97 25.66
CA PRO B 285 36.19 -1.81 25.23
C PRO B 285 35.97 -1.74 23.72
N ARG B 286 35.31 -2.77 23.19
CA ARG B 286 34.87 -2.75 21.81
C ARG B 286 33.45 -2.17 21.69
N VAL B 287 33.22 -1.38 20.65
CA VAL B 287 31.86 -0.93 20.31
C VAL B 287 31.60 -1.29 18.87
N VAL B 288 30.53 -2.02 18.59
CA VAL B 288 30.24 -2.30 17.19
C VAL B 288 28.87 -1.85 16.70
N ASP B 289 28.83 -1.27 15.50
CA ASP B 289 27.56 -0.97 14.83
C ASP B 289 27.19 -2.12 13.88
N LEU B 290 26.17 -2.88 14.27
CA LEU B 290 25.73 -4.03 13.48
C LEU B 290 24.43 -3.72 12.74
N SER B 291 24.18 -2.45 12.42
CA SER B 291 22.90 -2.04 11.81
C SER B 291 22.80 -2.55 10.38
N SER B 292 23.88 -2.37 9.62
CA SER B 292 23.99 -2.88 8.27
C SER B 292 23.85 -4.40 8.16
N LEU B 293 23.92 -5.11 9.29
CA LEU B 293 23.81 -6.57 9.27
C LEU B 293 22.51 -7.03 9.88
N LEU B 294 21.88 -6.14 10.65
CA LEU B 294 20.75 -6.57 11.46
C LEU B 294 19.51 -5.76 11.26
N ASP B 295 19.69 -4.49 10.93
CA ASP B 295 18.57 -3.56 10.80
C ASP B 295 17.85 -3.70 9.45
N PRO B 296 16.59 -4.18 9.49
CA PRO B 296 15.84 -4.48 8.27
C PRO B 296 15.80 -3.29 7.33
N LEU B 297 15.53 -2.10 7.87
CA LEU B 297 15.56 -0.89 7.05
C LEU B 297 16.92 -0.63 6.36
N LYS B 298 18.01 -0.71 7.12
CA LYS B 298 19.36 -0.48 6.57
C LYS B 298 19.80 -1.59 5.60
N ILE B 299 19.32 -2.81 5.86
CA ILE B 299 19.54 -3.94 4.97
C ILE B 299 18.86 -3.75 3.60
N ALA B 300 17.66 -3.16 3.60
CA ALA B 300 16.94 -2.87 2.35
C ALA B 300 17.60 -1.76 1.55
N ASP B 301 17.93 -0.65 2.22
CA ASP B 301 18.70 0.41 1.61
C ASP B 301 19.89 -0.17 0.84
N GLN B 302 20.55 -1.16 1.43
CA GLN B 302 21.72 -1.81 0.83
C GLN B 302 21.38 -2.71 -0.36
N SER B 303 20.30 -3.50 -0.27
CA SER B 303 19.93 -4.37 -1.39
C SER B 303 19.50 -3.55 -2.62
N VAL B 304 18.87 -2.40 -2.35
CA VAL B 304 18.44 -1.50 -3.39
C VAL B 304 19.61 -0.78 -4.04
N ASP B 305 20.55 -0.26 -3.24
CA ASP B 305 21.74 0.37 -3.80
C ASP B 305 22.57 -0.64 -4.57
N LEU B 306 22.53 -1.90 -4.16
CA LEU B 306 23.25 -2.94 -4.88
C LEU B 306 22.62 -3.14 -6.25
N ASN B 307 21.29 -3.11 -6.28
CA ASN B 307 20.56 -3.33 -7.53
C ASN B 307 20.98 -2.31 -8.56
N LEU B 308 20.90 -1.04 -8.16
CA LEU B 308 21.31 0.03 -9.05
C LEU B 308 22.79 -0.05 -9.47
N LYS B 309 23.67 -0.51 -8.58
CA LYS B 309 25.08 -0.61 -8.93
C LYS B 309 25.31 -1.67 -10.02
N LEU B 310 24.63 -2.81 -9.90
CA LEU B 310 24.74 -3.88 -10.91
C LEU B 310 24.48 -3.44 -12.37
N MET B 311 23.57 -2.50 -12.55
CA MET B 311 23.34 -1.91 -13.86
C MET B 311 24.63 -1.28 -14.33
N LYS B 312 25.30 -0.59 -13.40
CA LYS B 312 26.52 0.15 -13.69
C LYS B 312 27.75 -0.75 -13.86
N TRP B 313 27.76 -1.89 -13.17
CA TRP B 313 28.89 -2.81 -13.28
C TRP B 313 28.69 -3.80 -14.43
N ARG B 314 27.49 -4.34 -14.56
CA ARG B 314 27.20 -5.36 -15.58
C ARG B 314 27.05 -4.80 -16.99
N ILE B 315 26.61 -3.55 -17.10
CA ILE B 315 26.12 -3.04 -18.38
C ILE B 315 26.59 -1.63 -18.75
N LEU B 316 26.32 -0.63 -17.91
CA LEU B 316 26.78 0.73 -18.19
C LEU B 316 27.76 1.25 -17.16
N PRO B 317 29.05 0.91 -17.32
CA PRO B 317 30.09 1.26 -16.34
C PRO B 317 30.20 2.77 -16.11
N ASP B 318 29.92 3.56 -17.14
CA ASP B 318 30.09 5.01 -17.07
C ASP B 318 28.85 5.73 -16.52
N LEU B 319 27.89 4.95 -16.03
CA LEU B 319 26.67 5.51 -15.51
C LEU B 319 26.90 6.17 -14.15
N ASN B 320 26.33 7.36 -13.97
CA ASN B 320 26.39 8.11 -12.71
C ASN B 320 25.09 7.97 -11.88
N LEU B 321 25.10 7.00 -10.96
CA LEU B 321 23.92 6.66 -10.17
C LEU B 321 23.69 7.60 -9.01
N ASP B 322 24.74 8.35 -8.65
CA ASP B 322 24.71 9.17 -7.46
C ASP B 322 24.06 10.51 -7.74
N ILE B 323 24.30 11.08 -8.92
CA ILE B 323 23.70 12.38 -9.20
C ILE B 323 22.18 12.27 -9.25
N ILE B 324 21.70 11.08 -9.59
CA ILE B 324 20.27 10.77 -9.51
C ILE B 324 19.85 10.75 -8.05
N LYS B 325 20.48 9.86 -7.29
CA LYS B 325 20.22 9.72 -5.85
C LYS B 325 20.07 11.09 -5.15
N ASN B 326 20.96 12.03 -5.47
CA ASN B 326 20.95 13.33 -4.81
C ASN B 326 20.12 14.43 -5.50
N THR B 327 19.48 14.08 -6.61
CA THR B 327 18.57 15.04 -7.23
C THR B 327 17.34 15.18 -6.35
N LYS B 328 17.09 16.39 -5.86
CA LYS B 328 15.88 16.68 -5.12
C LYS B 328 14.79 16.97 -6.16
N VAL B 329 13.75 16.15 -6.19
CA VAL B 329 12.68 16.27 -7.18
C VAL B 329 11.37 16.80 -6.61
N LEU B 330 10.88 17.88 -7.20
CA LEU B 330 9.57 18.42 -6.89
C LEU B 330 8.57 17.89 -7.91
N LEU B 331 7.52 17.23 -7.44
CA LEU B 331 6.47 16.73 -8.32
C LEU B 331 5.24 17.60 -8.19
N LEU B 332 5.06 18.56 -9.09
CA LEU B 332 3.86 19.39 -9.06
C LEU B 332 2.66 18.59 -9.59
N GLY B 333 1.93 17.95 -8.67
CA GLY B 333 0.83 17.06 -9.04
C GLY B 333 0.96 15.67 -8.45
N ALA B 334 -0.11 15.22 -7.80
CA ALA B 334 -0.11 13.91 -7.17
C ALA B 334 -1.26 13.10 -7.72
N GLY B 335 -1.62 13.43 -8.97
CA GLY B 335 -2.61 12.69 -9.73
C GLY B 335 -2.01 11.44 -10.33
N THR B 336 -2.59 10.97 -11.44
CA THR B 336 -2.15 9.73 -12.07
C THR B 336 -0.64 9.77 -12.34
N LEU B 337 -0.21 10.84 -12.99
CA LEU B 337 1.19 11.08 -13.30
C LEU B 337 2.11 11.12 -12.09
N GLY B 338 1.75 11.94 -11.11
CA GLY B 338 2.56 12.12 -9.91
C GLY B 338 2.82 10.80 -9.19
N CYS B 339 1.82 9.93 -9.18
CA CYS B 339 1.98 8.66 -8.50
C CYS B 339 2.98 7.77 -9.20
N TYR B 340 2.94 7.78 -10.53
CA TYR B 340 3.69 6.84 -11.33
C TYR B 340 5.13 7.33 -11.52
N VAL B 341 5.26 8.59 -11.94
CA VAL B 341 6.57 9.24 -11.95
C VAL B 341 7.34 8.95 -10.64
N SER B 342 6.65 9.08 -9.52
CA SER B 342 7.31 8.96 -8.23
C SER B 342 7.81 7.53 -7.97
N ARG B 343 7.07 6.54 -8.46
CA ARG B 343 7.51 5.15 -8.36
C ARG B 343 8.73 4.86 -9.26
N ALA B 344 8.71 5.43 -10.46
CA ALA B 344 9.84 5.32 -11.34
C ALA B 344 11.05 5.91 -10.65
N LEU B 345 10.85 7.06 -10.02
CA LEU B 345 11.92 7.79 -9.35
C LEU B 345 12.55 6.96 -8.24
N ILE B 346 11.73 6.34 -7.40
CA ILE B 346 12.30 5.56 -6.31
C ILE B 346 12.98 4.30 -6.84
N ALA B 347 12.45 3.74 -7.93
CA ALA B 347 13.12 2.59 -8.53
C ALA B 347 14.52 2.97 -9.01
N TRP B 348 14.76 4.27 -9.19
CA TRP B 348 16.04 4.77 -9.69
C TRP B 348 16.96 5.26 -8.57
N GLY B 349 16.43 5.31 -7.34
CA GLY B 349 17.22 5.72 -6.19
C GLY B 349 17.14 7.19 -5.83
N VAL B 350 16.15 7.90 -6.39
CA VAL B 350 15.88 9.27 -5.95
C VAL B 350 15.39 9.19 -4.51
N ARG B 351 15.91 10.04 -3.63
CA ARG B 351 15.57 9.92 -2.20
C ARG B 351 14.77 11.10 -1.62
N LYS B 352 14.87 12.27 -2.24
CA LYS B 352 14.05 13.39 -1.81
C LYS B 352 13.05 13.72 -2.92
N ILE B 353 11.78 13.45 -2.64
CA ILE B 353 10.68 13.79 -3.55
C ILE B 353 9.65 14.56 -2.75
N THR B 354 9.21 15.67 -3.29
CA THR B 354 8.25 16.55 -2.62
C THR B 354 7.03 16.75 -3.51
N PHE B 355 5.87 16.30 -3.04
CA PHE B 355 4.61 16.43 -3.79
C PHE B 355 3.97 17.79 -3.57
N VAL B 356 3.24 18.27 -4.58
CA VAL B 356 2.42 19.46 -4.44
C VAL B 356 1.08 19.24 -5.12
N ASP B 357 0.01 19.26 -4.32
CA ASP B 357 -1.34 19.02 -4.82
C ASP B 357 -2.36 19.59 -3.85
N ASN B 358 -3.34 20.29 -4.40
CA ASN B 358 -4.32 21.02 -3.59
C ASN B 358 -5.56 20.19 -3.30
N GLY B 359 -5.56 18.94 -3.71
CA GLY B 359 -6.79 18.15 -3.68
C GLY B 359 -6.88 17.00 -2.69
N THR B 360 -7.95 16.24 -2.89
CA THR B 360 -8.41 15.21 -1.96
C THR B 360 -8.50 13.89 -2.72
N VAL B 361 -8.14 12.78 -2.08
CA VAL B 361 -8.30 11.50 -2.77
C VAL B 361 -9.79 11.19 -3.00
N SER B 362 -10.15 10.83 -4.21
CA SER B 362 -11.57 10.58 -4.50
C SER B 362 -11.86 9.11 -4.72
N TYR B 363 -13.15 8.78 -4.80
CA TYR B 363 -13.58 7.40 -4.91
C TYR B 363 -13.00 6.70 -6.14
N SER B 364 -12.88 7.44 -7.24
CA SER B 364 -12.40 6.86 -8.49
C SER B 364 -10.88 6.96 -8.64
N ASN B 365 -10.23 7.58 -7.69
CA ASN B 365 -8.79 7.77 -7.79
C ASN B 365 -7.94 6.52 -7.60
N PRO B 366 -8.29 5.66 -6.64
CA PRO B 366 -7.29 4.60 -6.40
C PRO B 366 -7.02 3.64 -7.57
N VAL B 367 -7.99 3.46 -8.48
CA VAL B 367 -7.74 2.57 -9.64
C VAL B 367 -6.71 3.12 -10.62
N ARG B 368 -6.65 4.45 -10.70
CA ARG B 368 -5.78 5.16 -11.63
C ARG B 368 -4.52 5.75 -11.01
N GLN B 369 -4.59 6.14 -9.74
CA GLN B 369 -3.50 6.85 -9.08
C GLN B 369 -2.75 5.96 -8.09
N ALA B 370 -1.61 5.41 -8.53
CA ALA B 370 -1.01 4.26 -7.86
C ALA B 370 -0.40 4.49 -6.48
N LEU B 371 -0.84 5.50 -5.75
CA LEU B 371 -0.33 5.68 -4.38
C LEU B 371 -1.41 5.59 -3.28
N TYR B 372 -2.65 5.44 -3.70
CA TYR B 372 -3.82 5.55 -2.83
C TYR B 372 -4.59 4.22 -2.73
N ASN B 373 -5.08 3.91 -1.53
CA ASN B 373 -6.01 2.78 -1.35
C ASN B 373 -7.45 3.26 -1.18
N PHE B 374 -8.40 2.33 -1.20
CA PHE B 374 -9.79 2.66 -0.94
C PHE B 374 -9.96 3.38 0.42
N GLU B 375 -9.22 2.93 1.44
CA GLU B 375 -9.28 3.56 2.76
C GLU B 375 -8.86 5.03 2.74
N ASP B 376 -8.15 5.45 1.69
CA ASP B 376 -7.57 6.79 1.65
C ASP B 376 -8.56 7.86 1.18
N CYS B 377 -9.70 7.43 0.64
CA CYS B 377 -10.64 8.38 0.07
C CYS B 377 -11.06 9.44 1.10
N GLY B 378 -11.06 10.69 0.67
CA GLY B 378 -11.45 11.78 1.54
C GLY B 378 -10.28 12.52 2.18
N LYS B 379 -9.10 11.90 2.17
CA LYS B 379 -7.92 12.49 2.80
C LYS B 379 -7.14 13.30 1.77
N PRO B 380 -6.48 14.39 2.21
CA PRO B 380 -5.65 15.22 1.33
C PRO B 380 -4.52 14.43 0.64
N LYS B 381 -4.37 14.69 -0.67
CA LYS B 381 -3.54 13.89 -1.57
C LYS B 381 -2.04 14.02 -1.32
N ALA B 382 -1.56 15.25 -1.38
CA ALA B 382 -0.13 15.53 -1.33
C ALA B 382 0.55 14.87 -0.12
N GLU B 383 0.06 15.15 1.07
CA GLU B 383 0.61 14.58 2.30
C GLU B 383 0.52 13.07 2.26
N LEU B 384 -0.64 12.57 1.86
CA LEU B 384 -0.88 11.13 1.86
C LEU B 384 0.03 10.39 0.86
N ALA B 385 0.30 11.05 -0.27
CA ALA B 385 1.20 10.50 -1.29
C ALA B 385 2.61 10.31 -0.72
N ALA B 386 3.13 11.34 -0.06
CA ALA B 386 4.44 11.24 0.61
C ALA B 386 4.44 10.10 1.58
N ALA B 387 3.31 9.92 2.26
CA ALA B 387 3.20 8.86 3.26
C ALA B 387 3.21 7.49 2.61
N SER B 388 2.65 7.40 1.41
CA SER B 388 2.61 6.15 0.67
C SER B 388 4.02 5.77 0.18
N LEU B 389 4.83 6.78 -0.12
CA LEU B 389 6.19 6.53 -0.54
C LEU B 389 7.00 5.99 0.64
N LYS B 390 6.88 6.66 1.79
CA LYS B 390 7.56 6.22 3.02
C LYS B 390 7.16 4.78 3.38
N ARG B 391 5.88 4.44 3.22
CA ARG B 391 5.38 3.09 3.52
C ARG B 391 6.03 2.05 2.60
N ILE B 392 6.39 2.47 1.37
CA ILE B 392 7.11 1.61 0.43
C ILE B 392 8.58 1.56 0.80
N PHE B 393 9.19 2.71 0.97
CA PHE B 393 10.60 2.76 1.33
C PHE B 393 10.85 3.87 2.34
N PRO B 394 10.84 3.52 3.64
CA PRO B 394 10.81 4.46 4.76
C PRO B 394 12.00 5.44 4.83
N LEU B 395 13.09 5.14 4.14
CA LEU B 395 14.22 6.07 4.09
C LEU B 395 13.93 7.30 3.20
N MET B 396 12.85 7.21 2.42
CA MET B 396 12.45 8.29 1.53
C MET B 396 12.22 9.62 2.26
N ASP B 397 12.97 10.66 1.91
CA ASP B 397 12.64 12.00 2.35
C ASP B 397 11.43 12.51 1.57
N ALA B 398 10.32 11.79 1.73
CA ALA B 398 9.07 12.15 1.07
C ALA B 398 8.32 13.19 1.90
N THR B 399 7.77 14.18 1.22
CA THR B 399 7.09 15.26 1.88
C THR B 399 5.94 15.72 1.00
N GLY B 400 4.84 16.17 1.61
CA GLY B 400 3.67 16.62 0.87
C GLY B 400 3.22 18.02 1.26
N VAL B 401 2.94 18.85 0.27
CA VAL B 401 2.48 20.21 0.52
C VAL B 401 1.15 20.48 -0.16
N LYS B 402 0.09 20.64 0.62
CA LYS B 402 -1.22 21.00 0.07
C LYS B 402 -1.21 22.47 -0.34
N LEU B 403 -1.35 22.73 -1.63
CA LEU B 403 -0.99 24.03 -2.15
C LEU B 403 -1.57 24.26 -3.55
N SER B 404 -2.52 25.18 -3.66
CA SER B 404 -3.19 25.42 -4.93
C SER B 404 -2.27 26.13 -5.90
N ILE B 405 -2.42 25.84 -7.19
CA ILE B 405 -1.67 26.57 -8.21
C ILE B 405 -2.63 27.33 -9.11
N PRO B 406 -2.53 28.66 -9.09
CA PRO B 406 -3.41 29.57 -9.82
C PRO B 406 -3.47 29.26 -11.32
N MET B 407 -4.64 28.86 -11.81
CA MET B 407 -4.83 28.73 -13.25
C MET B 407 -4.83 30.12 -13.89
N ILE B 408 -4.36 30.21 -15.13
CA ILE B 408 -4.33 31.49 -15.82
C ILE B 408 -5.61 31.68 -16.64
N GLY B 409 -6.13 32.91 -16.64
CA GLY B 409 -7.37 33.21 -17.31
C GLY B 409 -8.53 33.15 -16.33
N HIS B 410 -8.18 33.13 -15.04
CA HIS B 410 -9.18 33.05 -13.99
C HIS B 410 -9.06 34.27 -13.10
N LYS B 411 -10.18 34.87 -12.72
CA LYS B 411 -10.13 35.88 -11.70
C LYS B 411 -9.76 35.15 -10.40
N LEU B 412 -9.06 35.84 -9.51
CA LEU B 412 -8.68 35.28 -8.22
C LEU B 412 -9.89 35.02 -7.32
N VAL B 413 -9.65 34.42 -6.15
CA VAL B 413 -10.70 34.19 -5.17
C VAL B 413 -10.22 34.60 -3.78
N ASN B 414 -8.91 34.58 -3.57
CA ASN B 414 -8.33 35.11 -2.35
C ASN B 414 -6.92 35.62 -2.56
N GLU B 415 -6.78 36.94 -2.74
CA GLU B 415 -5.50 37.56 -3.02
C GLU B 415 -4.44 37.18 -1.97
N GLU B 416 -4.81 37.31 -0.70
CA GLU B 416 -3.86 37.09 0.39
C GLU B 416 -3.50 35.61 0.49
N ALA B 417 -4.51 34.75 0.37
CA ALA B 417 -4.31 33.31 0.47
C ALA B 417 -3.51 32.78 -0.72
N GLN B 418 -3.76 33.35 -1.89
CA GLN B 418 -3.06 32.91 -3.10
C GLN B 418 -1.65 33.53 -3.21
N HIS B 419 -1.51 34.77 -2.76
CA HIS B 419 -0.19 35.38 -2.66
C HIS B 419 0.71 34.51 -1.78
N LYS B 420 0.13 33.93 -0.73
CA LYS B 420 0.87 33.02 0.13
C LYS B 420 1.16 31.70 -0.58
N ASP B 421 0.25 31.28 -1.45
CA ASP B 421 0.47 30.10 -2.24
C ASP B 421 1.64 30.35 -3.21
N PHE B 422 1.56 31.47 -3.94
CA PHE B 422 2.58 31.87 -4.90
C PHE B 422 4.00 31.83 -4.33
N ASP B 423 4.23 32.59 -3.25
CA ASP B 423 5.55 32.64 -2.61
C ASP B 423 5.97 31.25 -2.15
N ARG B 424 5.01 30.47 -1.68
CA ARG B 424 5.29 29.13 -1.19
C ARG B 424 5.66 28.21 -2.36
N LEU B 425 5.04 28.46 -3.51
CA LEU B 425 5.41 27.72 -4.72
C LEU B 425 6.85 28.04 -5.11
N ARG B 426 7.13 29.32 -5.35
CA ARG B 426 8.47 29.71 -5.78
C ARG B 426 9.58 29.20 -4.87
N ALA B 427 9.35 29.17 -3.55
CA ALA B 427 10.36 28.68 -2.62
C ALA B 427 10.55 27.18 -2.76
N LEU B 428 9.46 26.47 -3.01
CA LEU B 428 9.57 25.04 -3.23
C LEU B 428 10.50 24.76 -4.42
N ILE B 429 10.38 25.58 -5.45
CA ILE B 429 11.19 25.40 -6.66
C ILE B 429 12.67 25.65 -6.38
N LYS B 430 12.97 26.82 -5.80
CA LYS B 430 14.36 27.19 -5.55
C LYS B 430 15.03 26.13 -4.71
N GLU B 431 14.26 25.48 -3.84
CA GLU B 431 14.78 24.43 -2.95
C GLU B 431 15.09 23.12 -3.70
N HIS B 432 14.52 22.95 -4.89
CA HIS B 432 14.62 21.68 -5.59
C HIS B 432 15.46 21.70 -6.87
N ASP B 433 15.87 20.52 -7.30
CA ASP B 433 16.78 20.40 -8.43
C ASP B 433 16.10 20.16 -9.78
N ILE B 434 15.11 19.26 -9.79
CA ILE B 434 14.38 18.98 -11.02
C ILE B 434 12.89 19.10 -10.79
N ILE B 435 12.20 19.75 -11.72
CA ILE B 435 10.79 20.00 -11.51
C ILE B 435 9.92 19.32 -12.57
N PHE B 436 9.07 18.40 -12.11
CA PHE B 436 8.05 17.78 -12.94
C PHE B 436 6.71 18.55 -12.91
N LEU B 437 6.26 19.02 -14.07
CA LEU B 437 4.95 19.61 -14.20
C LEU B 437 3.92 18.54 -14.58
N LEU B 438 3.15 18.10 -13.60
CA LEU B 438 2.20 17.03 -13.79
C LEU B 438 0.81 17.49 -13.39
N VAL B 439 0.49 18.72 -13.78
CA VAL B 439 -0.81 19.34 -13.54
C VAL B 439 -1.88 18.80 -14.50
N ASP B 440 -3.15 19.17 -14.26
CA ASP B 440 -4.28 18.56 -14.96
C ASP B 440 -4.54 19.19 -16.32
N SER B 441 -4.24 20.48 -16.43
CA SER B 441 -4.49 21.19 -17.67
C SER B 441 -3.44 22.26 -17.86
N ARG B 442 -3.50 22.95 -19.00
CA ARG B 442 -2.45 23.90 -19.34
C ARG B 442 -2.51 25.22 -18.57
N GLU B 443 -3.70 25.63 -18.14
CA GLU B 443 -3.85 26.87 -17.35
C GLU B 443 -3.08 26.81 -16.03
N SER B 444 -3.04 25.61 -15.45
CA SER B 444 -2.29 25.36 -14.22
C SER B 444 -0.82 25.15 -14.55
N ARG B 445 -0.45 25.33 -15.82
CA ARG B 445 0.91 25.03 -16.26
C ARG B 445 1.78 26.28 -16.35
N TRP B 446 1.14 27.43 -16.58
CA TRP B 446 1.84 28.69 -16.86
C TRP B 446 2.75 29.20 -15.73
N LEU B 447 2.19 29.34 -14.52
CA LEU B 447 2.97 29.87 -13.40
C LEU B 447 4.20 29.01 -13.00
N PRO B 448 4.03 27.68 -12.90
CA PRO B 448 5.23 26.87 -12.61
C PRO B 448 6.29 27.07 -13.69
N SER B 449 5.87 27.13 -14.95
CA SER B 449 6.83 27.30 -16.04
C SER B 449 7.66 28.56 -15.82
N LEU B 450 6.98 29.70 -15.74
CA LEU B 450 7.63 30.99 -15.51
C LEU B 450 8.62 30.98 -14.33
N LEU B 451 8.18 30.47 -13.19
CA LEU B 451 9.05 30.47 -12.01
C LEU B 451 10.29 29.58 -12.20
N SER B 452 10.13 28.53 -13.00
CA SER B 452 11.24 27.61 -13.25
C SER B 452 12.21 28.24 -14.24
N ASN B 453 11.67 28.96 -15.22
CA ASN B 453 12.46 29.69 -16.20
C ASN B 453 13.23 30.83 -15.53
N ILE B 454 12.69 31.29 -14.41
CA ILE B 454 13.30 32.40 -13.67
C ILE B 454 14.27 31.87 -12.64
N GLU B 455 13.99 30.69 -12.09
CA GLU B 455 14.88 30.11 -11.09
C GLU B 455 15.92 29.22 -11.75
N ASN B 456 15.85 29.16 -13.09
CA ASN B 456 16.80 28.38 -13.89
C ASN B 456 16.83 26.91 -13.50
N LYS B 457 15.67 26.26 -13.55
CA LYS B 457 15.60 24.84 -13.20
C LYS B 457 15.30 24.01 -14.43
N THR B 458 15.67 22.74 -14.36
CA THR B 458 15.36 21.77 -15.39
C THR B 458 13.92 21.34 -15.19
N VAL B 459 13.11 21.47 -16.22
CA VAL B 459 11.68 21.21 -16.13
C VAL B 459 11.25 20.12 -17.09
N ILE B 460 10.88 18.95 -16.55
CA ILE B 460 10.20 17.90 -17.31
C ILE B 460 8.67 18.10 -17.22
N ASN B 461 8.03 18.39 -18.36
CA ASN B 461 6.58 18.51 -18.48
C ASN B 461 5.95 17.19 -18.95
N ALA B 462 4.81 16.82 -18.37
CA ALA B 462 4.03 15.70 -18.92
C ALA B 462 2.56 16.06 -19.09
N ALA B 463 1.99 15.74 -20.24
CA ALA B 463 0.57 16.04 -20.48
C ALA B 463 -0.16 14.92 -21.22
N LEU B 464 -1.44 14.78 -20.90
CA LEU B 464 -2.22 13.66 -21.38
C LEU B 464 -3.43 14.07 -22.23
N GLY B 465 -3.60 13.37 -23.35
CA GLY B 465 -4.80 13.42 -24.14
C GLY B 465 -5.43 12.05 -24.05
N PHE B 466 -6.61 11.88 -24.65
CA PHE B 466 -7.34 10.63 -24.54
C PHE B 466 -6.50 9.37 -24.84
N ASP B 467 -5.76 9.40 -25.95
CA ASP B 467 -4.81 8.34 -26.25
C ASP B 467 -3.39 8.84 -26.60
N SER B 468 -3.03 10.04 -26.15
CA SER B 468 -1.73 10.61 -26.46
C SER B 468 -1.12 11.28 -25.24
N TYR B 469 0.20 11.38 -25.23
CA TYR B 469 0.91 12.07 -24.17
C TYR B 469 2.02 12.95 -24.76
N LEU B 470 2.51 13.86 -23.94
CA LEU B 470 3.62 14.74 -24.34
C LEU B 470 4.64 14.85 -23.22
N VAL B 471 5.86 14.38 -23.47
CA VAL B 471 6.93 14.59 -22.50
C VAL B 471 7.97 15.58 -23.05
N MET B 472 8.21 16.69 -22.35
CA MET B 472 9.25 17.62 -22.78
C MET B 472 10.07 18.26 -21.65
N ARG B 473 11.25 18.74 -22.00
CA ARG B 473 12.13 19.39 -21.02
C ARG B 473 12.59 20.80 -21.47
N HIS B 474 12.32 21.83 -20.67
CA HIS B 474 12.71 23.21 -21.01
C HIS B 474 14.21 23.47 -20.79
N GLY B 475 14.85 22.60 -20.01
CA GLY B 475 16.30 22.66 -19.81
C GLY B 475 16.80 23.85 -19.01
N ASN B 476 18.13 24.05 -19.00
CA ASN B 476 18.76 25.18 -18.32
C ASN B 476 18.53 26.52 -19.01
N GLN B 484 18.72 27.94 -27.74
CA GLN B 484 17.97 27.62 -26.53
C GLN B 484 16.66 26.89 -26.84
N LEU B 485 16.33 25.88 -26.04
CA LEU B 485 15.17 25.03 -26.28
C LEU B 485 13.84 25.64 -25.84
N GLY B 486 12.79 25.48 -26.64
CA GLY B 486 11.47 25.98 -26.28
C GLY B 486 10.97 25.44 -24.95
N CYS B 487 10.09 26.22 -24.30
CA CYS B 487 9.36 25.68 -23.16
C CYS B 487 8.01 25.21 -23.67
N TYR B 488 7.25 24.57 -22.80
CA TYR B 488 5.91 24.11 -23.17
C TYR B 488 5.16 25.17 -23.96
N PHE B 489 5.31 26.43 -23.58
CA PHE B 489 4.49 27.50 -24.17
C PHE B 489 5.02 28.20 -25.41
N CYS B 490 6.26 27.91 -25.80
CA CYS B 490 6.84 28.60 -26.95
C CYS B 490 6.00 28.44 -28.20
N HIS B 491 5.51 27.23 -28.41
CA HIS B 491 4.71 26.93 -29.58
C HIS B 491 3.47 26.17 -29.15
N ASP B 492 2.44 26.21 -29.99
CA ASP B 492 1.27 25.39 -29.75
C ASP B 492 1.69 23.92 -29.75
N VAL B 493 1.06 23.13 -28.89
CA VAL B 493 1.47 21.74 -28.72
C VAL B 493 0.71 20.77 -29.64
N VAL B 494 -0.36 21.26 -30.27
CA VAL B 494 -1.02 20.57 -31.38
C VAL B 494 -1.56 21.65 -32.31
N ALA B 495 -1.72 21.32 -33.60
CA ALA B 495 -2.38 22.24 -34.49
C ALA B 495 -3.86 22.33 -34.12
N PRO B 496 -4.53 23.44 -34.47
CA PRO B 496 -5.99 23.47 -34.30
C PRO B 496 -6.71 22.65 -35.36
N THR B 497 -5.94 22.17 -36.34
CA THR B 497 -6.46 21.32 -37.43
C THR B 497 -6.57 19.86 -37.01
N ASP B 498 -5.69 19.45 -36.10
CA ASP B 498 -5.52 18.03 -35.73
C ASP B 498 -6.82 17.29 -35.38
N SER B 499 -6.68 15.98 -35.26
CA SER B 499 -7.73 15.07 -34.84
C SER B 499 -8.38 15.52 -33.52
N LEU B 500 -9.67 15.26 -33.34
CA LEU B 500 -10.38 15.65 -32.12
C LEU B 500 -9.80 14.97 -30.87
N THR B 501 -9.09 13.85 -31.04
CA THR B 501 -8.47 13.11 -29.93
C THR B 501 -6.99 13.49 -29.65
N ASP B 502 -6.42 14.32 -30.53
CA ASP B 502 -5.08 14.86 -30.34
C ASP B 502 -5.18 16.25 -29.70
N ARG B 503 -6.38 16.82 -29.74
CA ARG B 503 -6.69 18.11 -29.12
C ARG B 503 -7.25 17.91 -27.73
N THR B 504 -7.27 16.66 -27.27
CA THR B 504 -7.59 16.37 -25.87
C THR B 504 -6.37 16.60 -24.99
N LEU B 505 -5.20 16.75 -25.63
CA LEU B 505 -3.95 16.89 -24.91
C LEU B 505 -4.04 18.04 -23.91
N ASP B 506 -3.84 17.71 -22.64
CA ASP B 506 -3.79 18.68 -21.56
C ASP B 506 -5.11 19.41 -21.30
N GLN B 507 -6.22 18.80 -21.69
CA GLN B 507 -7.54 19.34 -21.36
C GLN B 507 -7.99 18.87 -19.99
N MET B 508 -8.58 19.77 -19.21
CA MET B 508 -8.94 19.45 -17.83
C MET B 508 -10.22 18.61 -17.75
N CYS B 509 -10.89 18.45 -18.89
CA CYS B 509 -12.15 17.74 -18.92
C CYS B 509 -12.00 16.30 -19.42
N THR B 510 -10.76 15.90 -19.74
CA THR B 510 -10.55 14.66 -20.48
C THR B 510 -10.37 13.41 -19.64
N VAL B 511 -11.05 12.35 -20.08
CA VAL B 511 -10.74 10.98 -19.64
C VAL B 511 -9.60 10.48 -20.52
N THR B 512 -8.72 9.66 -19.98
CA THR B 512 -7.64 9.10 -20.76
C THR B 512 -7.63 7.59 -20.67
N ARG B 513 -7.11 6.95 -21.70
CA ARG B 513 -6.86 5.52 -21.62
C ARG B 513 -5.79 5.34 -20.56
N PRO B 514 -6.11 4.56 -19.52
CA PRO B 514 -5.28 4.17 -18.38
C PRO B 514 -3.78 4.03 -18.69
N GLY B 515 -3.43 3.53 -19.87
CA GLY B 515 -2.04 3.27 -20.20
C GLY B 515 -1.20 4.50 -20.50
N VAL B 516 -1.88 5.58 -20.91
CA VAL B 516 -1.22 6.82 -21.30
C VAL B 516 -0.35 7.38 -20.17
N ALA B 517 -0.92 7.46 -18.97
CA ALA B 517 -0.21 7.97 -17.81
C ALA B 517 0.98 7.08 -17.42
N MET B 518 0.80 5.76 -17.52
CA MET B 518 1.92 4.83 -17.36
C MET B 518 3.06 5.12 -18.32
N MET B 519 2.76 5.13 -19.63
CA MET B 519 3.81 5.34 -20.63
C MET B 519 4.47 6.72 -20.41
N ALA B 520 3.65 7.76 -20.26
CA ALA B 520 4.17 9.12 -20.07
C ALA B 520 5.10 9.21 -18.87
N SER B 521 4.64 8.68 -17.74
CA SER B 521 5.45 8.68 -16.53
C SER B 521 6.83 8.06 -16.73
N SER B 522 6.84 6.85 -17.31
CA SER B 522 8.10 6.16 -17.49
C SER B 522 9.05 6.98 -18.35
N LEU B 523 8.56 7.47 -19.49
CA LEU B 523 9.41 8.23 -20.39
C LEU B 523 9.92 9.51 -19.74
N ALA B 524 9.05 10.24 -19.05
CA ALA B 524 9.50 11.37 -18.25
C ALA B 524 10.68 11.05 -17.30
N VAL B 525 10.59 9.96 -16.54
CA VAL B 525 11.67 9.62 -15.61
C VAL B 525 12.95 9.14 -16.31
N GLU B 526 12.80 8.32 -17.35
CA GLU B 526 13.96 7.90 -18.15
C GLU B 526 14.63 9.09 -18.86
N LEU B 527 13.83 10.09 -19.22
CA LEU B 527 14.35 11.30 -19.84
C LEU B 527 15.14 12.12 -18.84
N MET B 528 14.73 12.05 -17.57
CA MET B 528 15.43 12.77 -16.52
C MET B 528 16.79 12.14 -16.24
N THR B 529 16.81 10.83 -16.04
CA THR B 529 18.04 10.16 -15.65
C THR B 529 19.06 10.30 -16.78
N SER B 530 18.60 10.21 -18.02
CA SER B 530 19.48 10.30 -19.17
C SER B 530 20.02 11.73 -19.25
N LEU B 531 19.21 12.67 -18.77
CA LEU B 531 19.52 14.10 -18.89
C LEU B 531 20.54 14.52 -17.84
N LEU B 532 20.47 13.88 -16.67
CA LEU B 532 21.43 14.07 -15.59
C LEU B 532 22.87 13.64 -15.98
N GLN B 533 22.97 12.70 -16.90
CA GLN B 533 24.25 12.17 -17.34
C GLN B 533 25.05 13.16 -18.18
N THR B 534 26.35 12.89 -18.25
CA THR B 534 27.29 13.66 -19.04
C THR B 534 27.02 13.45 -20.52
N LYS B 535 26.78 14.54 -21.26
CA LYS B 535 26.59 14.48 -22.71
C LYS B 535 27.91 14.19 -23.43
N TYR B 536 27.85 13.39 -24.49
CA TYR B 536 29.04 13.09 -25.31
C TYR B 536 29.45 14.28 -26.17
N SER B 537 30.66 14.21 -26.75
CA SER B 537 31.17 15.29 -27.60
C SER B 537 30.38 15.43 -28.91
N GLY B 538 29.81 16.61 -29.12
CA GLY B 538 29.16 16.96 -30.36
C GLY B 538 27.83 16.31 -30.73
N SER B 539 27.29 15.47 -29.84
CA SER B 539 25.97 14.86 -30.10
C SER B 539 25.08 15.04 -28.88
N GLU B 540 23.77 14.93 -29.08
CA GLU B 540 22.82 15.06 -27.98
C GLU B 540 22.49 13.67 -27.43
N THR B 541 23.54 12.98 -26.99
CA THR B 541 23.39 11.65 -26.43
C THR B 541 24.19 11.53 -25.14
N THR B 542 23.76 10.64 -24.26
CA THR B 542 24.53 10.31 -23.08
C THR B 542 24.74 8.82 -23.03
N VAL B 543 25.16 8.34 -21.88
CA VAL B 543 25.41 6.93 -21.72
C VAL B 543 24.08 6.16 -21.65
N LEU B 544 22.98 6.85 -21.37
CA LEU B 544 21.66 6.22 -21.32
C LEU B 544 20.85 6.39 -22.62
N GLY B 545 21.45 7.04 -23.62
CA GLY B 545 20.83 7.20 -24.93
C GLY B 545 20.62 8.65 -25.33
N ASP B 546 19.69 8.87 -26.26
CA ASP B 546 19.30 10.21 -26.68
C ASP B 546 18.70 11.01 -25.52
N ILE B 547 18.70 12.33 -25.68
CA ILE B 547 18.06 13.23 -24.72
C ILE B 547 17.17 14.18 -25.54
N PRO B 548 16.08 13.64 -26.10
CA PRO B 548 15.19 14.46 -26.94
C PRO B 548 14.59 15.64 -26.18
N HIS B 549 14.27 16.70 -26.91
CA HIS B 549 13.62 17.86 -26.33
C HIS B 549 12.21 17.47 -25.97
N GLN B 550 11.46 17.06 -26.99
CA GLN B 550 10.09 16.62 -26.84
C GLN B 550 9.91 15.18 -27.32
N ILE B 551 9.08 14.42 -26.61
CA ILE B 551 8.63 13.10 -27.02
C ILE B 551 7.10 13.12 -27.09
N ARG B 552 6.52 12.54 -28.14
CA ARG B 552 5.07 12.52 -28.31
C ARG B 552 4.62 11.11 -28.72
N GLY B 553 3.66 10.54 -28.02
CA GLY B 553 3.23 9.17 -28.31
C GLY B 553 1.73 8.97 -28.44
N PHE B 554 1.33 8.00 -29.25
CA PHE B 554 -0.08 7.65 -29.44
C PHE B 554 -0.29 6.15 -29.30
N LEU B 555 -1.31 5.76 -28.55
CA LEU B 555 -1.62 4.36 -28.30
C LEU B 555 -2.40 3.69 -29.43
N HIS B 556 -3.29 4.46 -30.07
CA HIS B 556 -4.12 3.90 -31.13
C HIS B 556 -3.25 3.27 -32.22
N ASN B 557 -2.01 3.74 -32.37
CA ASN B 557 -1.13 3.12 -33.36
C ASN B 557 0.26 2.80 -32.83
N PHE B 558 0.38 2.75 -31.49
CA PHE B 558 1.62 2.34 -30.85
C PHE B 558 2.81 3.02 -31.50
N SER B 559 2.85 4.34 -31.42
CA SER B 559 3.88 5.10 -32.12
C SER B 559 4.47 6.21 -31.23
N ILE B 560 5.71 6.58 -31.52
CA ILE B 560 6.42 7.58 -30.72
C ILE B 560 7.08 8.57 -31.65
N LEU B 561 6.94 9.86 -31.35
CA LEU B 561 7.68 10.89 -32.07
C LEU B 561 8.66 11.56 -31.12
N LYS B 562 9.83 11.93 -31.65
CA LYS B 562 10.76 12.79 -30.94
C LYS B 562 10.85 14.06 -31.78
N LEU B 563 10.92 15.22 -31.14
CA LEU B 563 11.04 16.47 -31.89
C LEU B 563 11.62 17.63 -31.10
N GLU B 564 11.87 18.73 -31.78
CA GLU B 564 12.58 19.86 -31.20
C GLU B 564 11.95 21.22 -31.52
N THR B 565 12.13 22.15 -30.60
CA THR B 565 11.47 23.43 -30.71
C THR B 565 12.32 24.54 -30.09
N PRO B 566 12.61 25.58 -30.90
CA PRO B 566 13.37 26.75 -30.46
C PRO B 566 12.60 27.60 -29.45
N ALA B 567 13.30 28.34 -28.60
CA ALA B 567 12.67 29.33 -27.74
C ALA B 567 11.97 30.37 -28.64
N TYR B 568 10.76 30.78 -28.24
CA TYR B 568 9.99 31.76 -29.02
C TYR B 568 10.10 33.18 -28.44
N GLU B 569 10.43 34.13 -29.31
CA GLU B 569 10.63 35.52 -28.88
C GLU B 569 9.44 36.04 -28.09
N HIS B 570 8.24 35.74 -28.58
CA HIS B 570 6.99 36.28 -28.04
C HIS B 570 6.22 35.27 -27.20
N CYS B 571 6.93 34.32 -26.62
CA CYS B 571 6.29 33.31 -25.79
C CYS B 571 5.87 33.88 -24.43
N PRO B 572 4.65 33.53 -23.97
CA PRO B 572 4.12 34.14 -22.75
C PRO B 572 4.81 33.68 -21.46
N ALA B 573 5.71 32.71 -21.54
CA ALA B 573 6.28 32.10 -20.33
C ALA B 573 7.80 32.24 -20.16
N CYS B 574 8.51 32.53 -21.25
CA CYS B 574 9.96 32.67 -21.17
C CYS B 574 10.55 33.71 -22.12
N SER B 575 9.69 34.35 -22.91
CA SER B 575 10.14 35.46 -23.73
C SER B 575 10.85 36.43 -22.82
N PRO B 576 11.92 37.07 -23.32
CA PRO B 576 12.78 37.85 -22.44
C PRO B 576 12.06 39.10 -21.94
N LYS B 577 11.05 39.58 -22.66
CA LYS B 577 10.32 40.75 -22.19
C LYS B 577 9.31 40.38 -21.11
N VAL B 578 8.95 39.11 -21.05
CA VAL B 578 8.10 38.59 -19.99
C VAL B 578 8.88 38.36 -18.71
N ILE B 579 10.13 37.94 -18.84
CA ILE B 579 10.98 37.75 -17.67
C ILE B 579 11.39 39.09 -17.09
N GLU B 580 11.60 40.09 -17.95
CA GLU B 580 11.90 41.45 -17.52
C GLU B 580 10.79 41.95 -16.60
N ALA B 581 9.58 42.06 -17.16
CA ALA B 581 8.40 42.48 -16.39
C ALA B 581 8.32 41.80 -15.02
N PHE B 582 8.66 40.52 -14.95
CA PHE B 582 8.58 39.79 -13.69
C PHE B 582 9.53 40.34 -12.63
N THR B 583 10.83 40.11 -12.81
CA THR B 583 11.81 40.47 -11.79
C THR B 583 11.71 41.96 -11.42
N ASP B 584 11.05 42.73 -12.27
CA ASP B 584 10.80 44.14 -11.99
C ASP B 584 9.53 44.33 -11.15
N LEU B 585 8.40 43.81 -11.67
CA LEU B 585 7.09 44.07 -11.10
C LEU B 585 6.50 42.90 -10.31
N GLY B 586 7.37 42.03 -9.81
CA GLY B 586 7.00 40.87 -9.00
C GLY B 586 5.62 40.27 -9.17
N TRP B 587 5.00 39.96 -8.05
CA TRP B 587 3.67 39.35 -8.03
C TRP B 587 2.59 40.24 -8.66
N GLU B 588 2.77 41.56 -8.57
CA GLU B 588 1.80 42.50 -9.13
C GLU B 588 1.65 42.23 -10.61
N PHE B 589 2.76 41.88 -11.26
CA PHE B 589 2.75 41.52 -12.67
C PHE B 589 2.00 40.22 -12.90
N VAL B 590 2.31 39.21 -12.08
CA VAL B 590 1.69 37.90 -12.20
C VAL B 590 0.17 38.01 -12.08
N LYS B 591 -0.27 38.70 -11.04
CA LYS B 591 -1.68 38.95 -10.75
C LYS B 591 -2.46 39.43 -11.98
N LYS B 592 -1.93 40.45 -12.66
CA LYS B 592 -2.54 40.99 -13.87
C LYS B 592 -2.53 39.96 -14.99
N ALA B 593 -1.47 39.15 -15.03
CA ALA B 593 -1.32 38.11 -16.04
C ALA B 593 -2.34 37.00 -15.84
N LEU B 594 -2.53 36.58 -14.59
CA LEU B 594 -3.52 35.55 -14.28
C LEU B 594 -4.93 36.03 -14.65
N GLU B 595 -5.18 37.32 -14.45
CA GLU B 595 -6.49 37.92 -14.69
C GLU B 595 -6.71 38.45 -16.12
N HIS B 596 -5.73 39.18 -16.66
CA HIS B 596 -5.87 39.75 -17.99
C HIS B 596 -4.86 39.15 -18.99
N PRO B 597 -5.10 37.92 -19.43
CA PRO B 597 -4.21 37.24 -20.38
C PRO B 597 -3.89 38.06 -21.63
N LEU B 598 -4.80 38.93 -22.07
CA LEU B 598 -4.51 39.77 -23.22
C LEU B 598 -3.40 40.77 -22.90
N TYR B 599 -3.23 41.06 -21.62
CA TYR B 599 -2.16 41.93 -21.14
C TYR B 599 -0.81 41.22 -21.26
N LEU B 600 -0.78 39.96 -20.86
CA LEU B 600 0.41 39.11 -21.00
C LEU B 600 0.91 39.06 -22.45
N GLU B 601 -0.04 39.04 -23.39
CA GLU B 601 0.25 39.09 -24.81
C GLU B 601 1.08 40.33 -25.18
N GLU B 602 0.75 41.46 -24.56
CA GLU B 602 1.39 42.73 -24.87
C GLU B 602 2.85 42.78 -24.40
N ILE B 603 3.14 42.11 -23.28
CA ILE B 603 4.49 42.10 -22.75
C ILE B 603 5.45 41.31 -23.63
N SER B 604 4.98 40.16 -24.12
CA SER B 604 5.80 39.30 -24.96
C SER B 604 5.86 39.83 -26.39
N GLY B 605 4.81 40.52 -26.81
CA GLY B 605 4.74 41.07 -28.15
C GLY B 605 3.77 40.33 -29.06
N THR C 23 29.25 -40.39 -14.44
CA THR C 23 27.99 -39.69 -14.62
C THR C 23 28.18 -38.22 -14.32
N PHE C 24 29.19 -37.93 -13.51
CA PHE C 24 29.38 -36.60 -12.93
C PHE C 24 30.52 -35.81 -13.58
N LEU C 25 31.46 -36.49 -14.22
CA LEU C 25 32.45 -35.79 -15.03
C LEU C 25 31.86 -35.61 -16.43
N THR C 26 30.75 -36.30 -16.67
CA THR C 26 29.91 -36.09 -17.84
C THR C 26 29.22 -34.74 -17.73
N THR C 27 28.34 -34.60 -16.72
CA THR C 27 27.67 -33.34 -16.46
C THR C 27 28.63 -32.29 -15.87
N GLY C 28 29.27 -32.64 -14.76
CA GLY C 28 29.99 -31.68 -13.95
C GLY C 28 29.08 -31.36 -12.78
N GLN C 29 28.16 -32.29 -12.51
CA GLN C 29 27.15 -32.13 -11.48
C GLN C 29 27.10 -33.39 -10.61
N ILE C 30 26.75 -33.22 -9.33
CA ILE C 30 26.67 -34.34 -8.40
C ILE C 30 25.31 -34.47 -7.71
N THR C 31 25.04 -35.67 -7.21
CA THR C 31 23.83 -35.98 -6.46
C THR C 31 24.04 -35.62 -4.99
N PRO C 32 22.96 -35.66 -4.19
CA PRO C 32 23.12 -35.55 -2.74
C PRO C 32 24.00 -36.67 -2.19
N GLU C 33 23.76 -37.90 -2.62
CA GLU C 33 24.55 -39.05 -2.19
C GLU C 33 26.03 -38.84 -2.46
N GLU C 34 26.35 -38.27 -3.62
CA GLU C 34 27.74 -38.06 -4.02
C GLU C 34 28.40 -36.83 -3.37
N PHE C 35 27.63 -35.77 -3.15
CA PHE C 35 28.12 -34.58 -2.45
C PHE C 35 28.67 -34.98 -1.08
N VAL C 36 28.00 -35.92 -0.43
CA VAL C 36 28.43 -36.42 0.88
C VAL C 36 29.80 -37.10 0.79
N GLN C 37 30.06 -37.79 -0.31
CA GLN C 37 31.33 -38.49 -0.51
C GLN C 37 32.47 -37.50 -0.74
N ALA C 38 32.29 -36.64 -1.73
CA ALA C 38 33.29 -35.64 -2.11
C ALA C 38 33.73 -34.78 -0.92
N GLY C 39 32.89 -34.77 0.11
CA GLY C 39 33.07 -33.95 1.29
C GLY C 39 33.45 -34.71 2.55
N ASP C 40 33.12 -35.99 2.61
CA ASP C 40 33.68 -36.85 3.64
C ASP C 40 35.18 -36.97 3.38
N TYR C 41 35.50 -37.05 2.09
CA TYR C 41 36.87 -37.03 1.61
C TYR C 41 37.59 -35.71 1.94
N LEU C 42 36.96 -34.59 1.62
CA LEU C 42 37.54 -33.29 1.93
C LEU C 42 37.88 -33.15 3.41
N ALA C 43 36.94 -33.45 4.30
CA ALA C 43 37.15 -33.34 5.75
C ALA C 43 38.19 -34.32 6.29
N HIS C 44 38.47 -35.37 5.52
CA HIS C 44 39.52 -36.31 5.88
C HIS C 44 40.85 -35.80 5.34
N MET C 45 40.87 -35.31 4.11
CA MET C 45 42.10 -34.77 3.51
C MET C 45 42.48 -33.41 4.10
N PHE C 46 41.56 -32.47 4.12
CA PHE C 46 41.82 -31.17 4.74
C PHE C 46 40.96 -31.00 5.98
N PRO C 47 41.43 -31.58 7.09
CA PRO C 47 40.72 -31.77 8.35
C PRO C 47 40.26 -30.45 8.91
N THR C 48 40.62 -29.38 8.22
CA THR C 48 40.26 -28.04 8.65
C THR C 48 38.79 -27.78 8.28
N TRP C 49 38.35 -28.38 7.18
CA TRP C 49 36.94 -28.42 6.86
C TRP C 49 36.27 -29.45 7.74
N LYS C 50 35.13 -29.08 8.31
CA LYS C 50 34.36 -30.02 9.11
C LYS C 50 32.91 -30.06 8.61
N TRP C 51 32.22 -31.18 8.86
CA TRP C 51 30.78 -31.24 8.65
C TRP C 51 30.11 -30.53 9.82
N ASN C 52 28.95 -29.94 9.56
CA ASN C 52 28.17 -29.34 10.62
C ASN C 52 27.99 -30.30 11.79
N GLU C 53 27.54 -29.78 12.95
CA GLU C 53 27.14 -30.63 14.06
C GLU C 53 25.63 -30.61 14.12
N GLU C 54 25.04 -31.71 14.60
CA GLU C 54 23.61 -31.72 14.87
C GLU C 54 23.29 -30.60 15.88
N SER C 55 22.64 -29.53 15.42
CA SER C 55 22.29 -28.41 16.30
C SER C 55 20.88 -27.84 16.06
N SER C 56 20.33 -27.24 17.11
CA SER C 56 18.91 -26.84 17.15
C SER C 56 18.61 -25.61 16.31
N ASP C 57 19.64 -24.93 15.84
CA ASP C 57 19.42 -23.70 15.07
C ASP C 57 19.58 -23.88 13.55
N ILE C 58 19.87 -25.11 13.13
CA ILE C 58 19.87 -25.44 11.71
C ILE C 58 18.44 -25.70 11.22
N SER C 59 18.16 -25.31 9.98
CA SER C 59 16.90 -25.70 9.34
C SER C 59 17.17 -26.85 8.38
N TYR C 60 17.02 -28.07 8.88
CA TYR C 60 17.48 -29.28 8.17
C TYR C 60 16.84 -29.53 6.79
N ARG C 61 17.58 -30.23 5.92
CA ARG C 61 17.04 -30.76 4.67
C ARG C 61 17.09 -32.28 4.70
N ASP C 62 16.01 -32.92 4.27
CA ASP C 62 15.82 -34.35 4.43
C ASP C 62 16.51 -35.22 3.38
N PHE C 63 16.98 -34.61 2.29
CA PHE C 63 17.69 -35.37 1.27
C PHE C 63 19.15 -35.63 1.65
N LEU C 64 19.60 -34.99 2.72
CA LEU C 64 20.89 -35.29 3.30
C LEU C 64 20.69 -35.72 4.75
N PRO C 65 21.71 -36.35 5.36
CA PRO C 65 21.75 -36.70 6.79
C PRO C 65 21.83 -35.44 7.66
N LYS C 66 21.50 -35.55 8.95
CA LYS C 66 21.48 -34.36 9.80
C LYS C 66 22.89 -33.80 9.97
N ASN C 67 23.86 -34.72 9.97
CA ASN C 67 25.26 -34.39 10.20
C ASN C 67 26.07 -34.33 8.91
N LYS C 68 25.38 -34.27 7.78
CA LYS C 68 26.04 -34.05 6.50
C LYS C 68 25.26 -33.06 5.66
N GLN C 69 24.79 -32.00 6.31
CA GLN C 69 24.02 -30.95 5.66
C GLN C 69 24.93 -30.03 4.83
N PHE C 70 26.05 -29.63 5.43
CA PHE C 70 26.95 -28.63 4.84
C PHE C 70 28.35 -28.59 5.52
N LEU C 71 29.35 -28.11 4.78
CA LEU C 71 30.72 -28.04 5.29
C LEU C 71 31.12 -26.65 5.81
N ILE C 72 32.01 -26.62 6.81
CA ILE C 72 32.46 -25.36 7.42
C ILE C 72 33.98 -25.32 7.58
N ILE C 73 34.58 -24.18 7.21
CA ILE C 73 35.94 -23.85 7.66
C ILE C 73 35.88 -22.50 8.35
N ARG C 74 36.64 -22.35 9.42
CA ARG C 74 36.51 -21.16 10.27
C ARG C 74 37.73 -20.22 10.23
N LYS C 75 37.48 -18.92 10.09
CA LYS C 75 38.52 -17.93 10.27
C LYS C 75 39.73 -18.14 9.37
N VAL C 76 39.49 -18.26 8.07
CA VAL C 76 40.60 -18.25 7.13
C VAL C 76 41.01 -16.80 6.87
N PRO C 77 42.31 -16.49 7.03
CA PRO C 77 42.80 -15.12 6.93
C PRO C 77 42.88 -14.58 5.51
N ALA C 78 42.57 -13.29 5.36
CA ALA C 78 42.85 -12.55 4.13
C ALA C 78 43.65 -11.30 4.50
N ASP C 79 44.90 -11.20 4.05
CA ASP C 79 45.78 -10.10 4.48
C ASP C 79 45.70 -8.89 3.57
N LYS C 80 45.55 -9.14 2.27
CA LYS C 80 45.34 -8.08 1.29
C LYS C 80 43.88 -8.12 0.84
N ARG C 81 43.52 -7.26 -0.10
CA ARG C 81 42.17 -7.23 -0.67
C ARG C 81 42.20 -7.76 -2.11
N ALA C 82 41.04 -8.15 -2.64
CA ALA C 82 40.96 -8.78 -3.96
C ALA C 82 41.41 -7.88 -5.12
N GLU C 83 41.45 -6.57 -4.89
CA GLU C 83 41.84 -5.64 -5.95
C GLU C 83 43.35 -5.40 -6.00
N GLN C 84 44.10 -6.26 -5.30
CA GLN C 84 45.55 -6.10 -5.22
C GLN C 84 46.21 -7.37 -4.65
N ALA C 85 45.59 -8.52 -4.93
CA ALA C 85 46.10 -9.80 -4.46
C ALA C 85 45.33 -10.95 -5.11
N ILE C 131 27.94 13.12 19.06
CA ILE C 131 27.50 12.01 18.23
C ILE C 131 28.43 10.79 18.42
N ASP C 132 29.74 11.03 18.47
CA ASP C 132 30.72 10.09 19.05
C ASP C 132 31.75 10.90 19.84
N ASP C 133 31.70 10.93 21.18
CA ASP C 133 30.72 10.26 22.06
C ASP C 133 30.95 8.76 22.32
N ILE C 134 30.98 7.95 21.27
CA ILE C 134 31.39 6.55 21.42
C ILE C 134 32.92 6.52 21.51
N ASP C 135 33.54 7.32 20.66
CA ASP C 135 34.99 7.40 20.61
C ASP C 135 35.50 8.10 21.88
N GLU C 136 34.76 9.11 22.31
CA GLU C 136 35.07 9.82 23.54
C GLU C 136 34.58 9.05 24.78
N LEU C 137 33.99 7.88 24.55
CA LEU C 137 33.55 6.98 25.60
C LEU C 137 34.55 5.84 25.74
N ILE C 138 35.02 5.34 24.60
CA ILE C 138 36.03 4.30 24.56
C ILE C 138 37.33 4.81 25.17
N GLN C 139 37.69 6.06 24.86
CA GLN C 139 38.91 6.64 25.39
C GLN C 139 38.96 6.68 26.92
N ASP C 140 37.82 6.92 27.58
CA ASP C 140 37.83 7.07 29.03
C ASP C 140 37.61 5.77 29.79
N MET C 141 36.96 4.80 29.14
CA MET C 141 36.79 3.48 29.72
C MET C 141 38.13 2.76 29.69
N GLU C 142 38.99 3.19 28.77
CA GLU C 142 40.36 2.72 28.66
C GLU C 142 41.16 2.71 29.97
N ILE C 143 41.86 1.59 30.22
CA ILE C 143 42.84 1.46 31.28
C ILE C 143 44.22 1.72 30.74
N LYS C 144 45.03 2.51 31.44
CA LYS C 144 46.37 2.82 30.92
C LYS C 144 47.49 2.38 31.87
N MET C 165 48.13 -5.66 8.24
CA MET C 165 48.49 -5.28 9.60
C MET C 165 47.20 -4.92 10.36
N ALA C 166 46.26 -4.41 9.59
CA ALA C 166 44.91 -4.06 10.03
C ALA C 166 44.32 -3.22 8.91
N GLN C 167 43.26 -3.70 8.30
CA GLN C 167 42.71 -4.97 8.71
C GLN C 167 43.39 -6.15 7.99
N GLU C 168 43.89 -7.08 8.79
CA GLU C 168 43.89 -8.46 8.39
C GLU C 168 42.39 -8.77 8.46
N ARG C 169 41.90 -9.71 7.68
CA ARG C 169 40.51 -10.12 7.84
C ARG C 169 40.45 -11.61 8.03
N TYR C 170 39.32 -12.10 8.53
CA TYR C 170 39.16 -13.53 8.74
C TYR C 170 37.81 -13.97 8.22
N TYR C 171 37.84 -15.04 7.42
CA TYR C 171 36.65 -15.48 6.72
C TYR C 171 36.14 -16.86 7.16
N ASP C 172 34.82 -16.96 7.33
CA ASP C 172 34.19 -18.24 7.55
C ASP C 172 33.63 -18.68 6.21
N LEU C 173 33.95 -19.89 5.79
CA LEU C 173 33.48 -20.39 4.52
C LEU C 173 32.59 -21.58 4.78
N TYR C 174 31.41 -21.57 4.16
CA TYR C 174 30.44 -22.65 4.27
C TYR C 174 30.16 -23.24 2.87
N ILE C 175 30.08 -24.55 2.78
CA ILE C 175 29.77 -25.19 1.49
C ILE C 175 28.43 -25.89 1.55
N ALA C 176 27.49 -25.43 0.72
CA ALA C 176 26.15 -25.98 0.68
C ALA C 176 25.91 -26.77 -0.61
N TYR C 177 24.83 -27.56 -0.63
CA TYR C 177 24.43 -28.24 -1.86
C TYR C 177 23.17 -27.58 -2.43
N SER C 178 23.23 -27.18 -3.71
CA SER C 178 22.04 -26.62 -4.36
C SER C 178 21.21 -27.75 -4.96
N THR C 179 19.89 -27.63 -4.91
CA THR C 179 19.05 -28.64 -5.55
C THR C 179 18.63 -28.15 -6.93
N SER C 180 18.37 -26.85 -7.04
CA SER C 180 17.92 -26.27 -8.29
C SER C 180 18.97 -26.42 -9.39
N TYR C 181 20.22 -26.56 -8.97
CA TYR C 181 21.29 -27.00 -9.84
C TYR C 181 21.92 -28.18 -9.11
N ARG C 182 22.68 -29.00 -9.79
CA ARG C 182 23.34 -30.10 -9.09
C ARG C 182 24.78 -29.76 -8.72
N VAL C 183 24.97 -28.61 -8.08
CA VAL C 183 26.30 -28.11 -7.72
C VAL C 183 26.40 -27.58 -6.28
N PRO C 184 27.62 -27.65 -5.71
CA PRO C 184 27.86 -26.97 -4.43
C PRO C 184 27.74 -25.46 -4.61
N LYS C 185 27.20 -24.79 -3.59
CA LYS C 185 27.16 -23.34 -3.56
C LYS C 185 27.93 -22.92 -2.33
N MET C 186 28.83 -21.93 -2.47
CA MET C 186 29.59 -21.48 -1.33
C MET C 186 29.05 -20.16 -0.78
N TYR C 187 29.09 -20.03 0.56
CA TYR C 187 28.78 -18.76 1.24
C TYR C 187 29.97 -18.33 2.07
N ILE C 188 30.22 -17.03 2.16
CA ILE C 188 31.34 -16.56 3.00
C ILE C 188 30.93 -15.47 4.01
N VAL C 189 31.38 -15.61 5.26
CA VAL C 189 31.06 -14.67 6.34
C VAL C 189 32.34 -14.16 6.97
N GLY C 190 32.53 -12.83 6.95
CA GLY C 190 33.81 -12.22 7.28
C GLY C 190 33.92 -11.49 8.62
N PHE C 191 35.14 -11.34 9.09
CA PHE C 191 35.42 -10.60 10.31
C PHE C 191 36.62 -9.73 10.03
N ASN C 192 36.66 -8.57 10.67
CA ASN C 192 37.78 -7.63 10.60
C ASN C 192 38.82 -8.04 11.64
N SER C 193 39.93 -7.32 11.70
CA SER C 193 41.04 -7.72 12.58
C SER C 193 40.72 -7.71 14.09
N ASN C 194 39.68 -6.99 14.50
CA ASN C 194 39.23 -7.01 15.89
C ASN C 194 38.31 -8.17 16.13
N GLY C 195 38.09 -8.98 15.10
CA GLY C 195 37.26 -10.16 15.20
C GLY C 195 35.79 -9.86 15.24
N SER C 196 35.39 -8.62 14.94
CA SER C 196 33.97 -8.26 14.82
C SER C 196 33.55 -8.39 13.34
N PRO C 197 32.24 -8.60 13.08
CA PRO C 197 31.73 -8.89 11.72
C PRO C 197 31.94 -7.77 10.70
N LEU C 198 32.12 -8.15 9.43
CA LEU C 198 32.25 -7.18 8.34
C LEU C 198 30.89 -6.81 7.72
N SER C 199 30.71 -5.52 7.44
CA SER C 199 29.58 -5.05 6.62
C SER C 199 29.58 -5.73 5.25
N PRO C 200 28.39 -5.91 4.65
CA PRO C 200 28.32 -6.48 3.30
C PRO C 200 29.19 -5.70 2.29
N GLU C 201 29.16 -4.37 2.35
CA GLU C 201 30.04 -3.55 1.54
C GLU C 201 31.51 -4.01 1.63
N GLN C 202 31.99 -4.24 2.84
CA GLN C 202 33.38 -4.65 3.06
C GLN C 202 33.72 -6.01 2.47
N MET C 203 32.79 -6.95 2.60
CA MET C 203 33.04 -8.30 2.17
C MET C 203 33.23 -8.35 0.67
N PHE C 204 32.56 -7.46 -0.05
CA PHE C 204 32.67 -7.42 -1.50
C PHE C 204 34.09 -7.11 -1.98
N GLU C 205 34.82 -6.31 -1.21
CA GLU C 205 36.22 -6.01 -1.53
C GLU C 205 37.09 -7.26 -1.71
N ASP C 206 36.66 -8.39 -1.13
CA ASP C 206 37.44 -9.63 -1.20
C ASP C 206 36.95 -10.63 -2.25
N ILE C 207 35.86 -10.26 -2.93
CA ILE C 207 35.42 -10.94 -4.16
C ILE C 207 36.16 -10.38 -5.38
N SER C 208 36.66 -11.26 -6.24
CA SER C 208 37.31 -10.83 -7.49
C SER C 208 36.32 -10.03 -8.34
N ALA C 209 36.79 -8.91 -8.90
CA ALA C 209 35.93 -7.96 -9.63
C ALA C 209 35.02 -8.56 -10.72
N ASP C 210 35.46 -9.64 -11.36
CA ASP C 210 34.59 -10.27 -12.34
C ASP C 210 33.44 -10.98 -11.64
N TYR C 211 33.78 -11.82 -10.67
CA TYR C 211 32.81 -12.66 -9.97
C TYR C 211 31.87 -11.83 -9.10
N ARG C 212 32.28 -10.61 -8.78
CA ARG C 212 31.51 -9.71 -7.93
C ARG C 212 30.42 -8.99 -8.72
N THR C 213 30.78 -8.57 -9.93
CA THR C 213 29.90 -7.75 -10.73
C THR C 213 28.88 -8.57 -11.54
N LYS C 214 28.87 -9.89 -11.40
CA LYS C 214 27.98 -10.72 -12.23
C LYS C 214 27.36 -11.93 -11.51
N THR C 215 28.05 -12.42 -10.47
CA THR C 215 27.65 -13.64 -9.78
C THR C 215 27.80 -13.58 -8.27
N ALA C 216 27.64 -12.38 -7.69
CA ALA C 216 27.75 -12.22 -6.23
C ALA C 216 26.49 -11.62 -5.64
N THR C 217 25.97 -12.25 -4.59
CA THR C 217 24.76 -11.71 -3.97
C THR C 217 24.85 -11.72 -2.44
N ILE C 218 23.99 -10.94 -1.79
CA ILE C 218 23.87 -10.92 -0.34
C ILE C 218 22.69 -11.81 0.04
N GLU C 219 22.86 -12.61 1.09
CA GLU C 219 21.90 -13.68 1.39
C GLU C 219 22.13 -14.18 2.83
N LYS C 220 21.06 -14.57 3.52
CA LYS C 220 21.19 -15.22 4.81
C LYS C 220 21.73 -16.64 4.58
N LEU C 221 22.48 -17.18 5.54
CA LEU C 221 22.78 -18.59 5.45
C LEU C 221 21.47 -19.36 5.62
N PRO C 222 21.07 -20.09 4.56
CA PRO C 222 19.76 -20.74 4.46
C PRO C 222 19.64 -22.04 5.26
N PHE C 223 20.68 -22.42 5.99
CA PHE C 223 20.63 -23.63 6.81
C PHE C 223 20.58 -23.32 8.30
N TYR C 224 20.65 -22.05 8.66
CA TYR C 224 20.38 -21.60 10.02
C TYR C 224 19.01 -20.91 10.06
N LYS C 225 18.36 -20.93 11.22
CA LYS C 225 17.04 -20.32 11.33
C LYS C 225 17.17 -18.82 11.60
N ASN C 226 17.36 -18.48 12.87
CA ASN C 226 17.75 -17.13 13.25
C ASN C 226 19.00 -16.80 12.43
N SER C 227 18.82 -16.07 11.34
CA SER C 227 19.89 -16.04 10.34
C SER C 227 20.79 -14.81 10.18
N VAL C 228 21.93 -15.09 9.56
CA VAL C 228 23.12 -14.25 9.52
C VAL C 228 23.43 -13.86 8.08
N LEU C 229 23.79 -12.60 7.84
CA LEU C 229 24.10 -12.18 6.47
C LEU C 229 25.43 -12.74 5.98
N SER C 230 25.50 -12.98 4.67
CA SER C 230 26.71 -13.49 4.02
C SER C 230 26.69 -13.10 2.55
N VAL C 231 27.84 -13.25 1.88
CA VAL C 231 27.89 -13.12 0.43
C VAL C 231 27.67 -14.52 -0.13
N SER C 232 26.81 -14.65 -1.14
CA SER C 232 26.62 -15.94 -1.81
C SER C 232 27.19 -15.93 -3.23
N ILE C 233 27.50 -17.12 -3.75
CA ILE C 233 28.23 -17.26 -5.00
C ILE C 233 28.14 -18.67 -5.61
N HIS C 234 27.19 -18.96 -6.50
CA HIS C 234 25.97 -18.21 -6.86
C HIS C 234 25.63 -18.77 -8.24
N PRO C 235 25.11 -20.00 -8.30
CA PRO C 235 24.81 -20.64 -9.58
C PRO C 235 23.30 -20.59 -9.91
N CYS C 236 22.89 -20.19 -11.11
CA CYS C 236 23.71 -19.51 -12.13
C CYS C 236 25.03 -20.18 -12.58
N LYS C 237 25.02 -20.75 -13.78
CA LYS C 237 26.20 -21.39 -14.36
C LYS C 237 26.75 -22.51 -13.46
N HIS C 238 28.05 -22.49 -13.20
CA HIS C 238 28.70 -23.54 -12.42
C HIS C 238 28.49 -24.91 -13.08
N ALA C 239 29.47 -25.36 -13.84
CA ALA C 239 29.47 -26.71 -14.43
C ALA C 239 28.49 -26.95 -15.58
N ASN C 240 28.62 -26.24 -16.72
CA ASN C 240 29.52 -25.12 -16.98
C ASN C 240 30.93 -25.18 -16.37
N VAL C 241 31.26 -24.13 -15.61
CA VAL C 241 32.63 -23.90 -15.13
C VAL C 241 33.29 -25.10 -14.46
N MET C 242 32.52 -25.99 -13.85
CA MET C 242 33.10 -27.16 -13.19
C MET C 242 33.43 -28.29 -14.16
N LYS C 243 32.57 -28.50 -15.15
CA LYS C 243 32.82 -29.50 -16.17
C LYS C 243 34.00 -29.10 -17.07
N ILE C 244 34.23 -27.80 -17.22
CA ILE C 244 35.40 -27.30 -17.95
C ILE C 244 36.67 -27.71 -17.21
N LEU C 245 36.66 -27.53 -15.87
CA LEU C 245 37.77 -27.97 -15.01
C LEU C 245 37.86 -29.49 -14.98
N LEU C 246 36.80 -30.15 -15.43
CA LEU C 246 36.77 -31.60 -15.55
C LEU C 246 36.99 -32.02 -17.01
N ASP C 247 37.07 -31.03 -17.89
CA ASP C 247 37.54 -31.26 -19.27
C ASP C 247 39.06 -31.19 -19.26
N LYS C 248 39.62 -31.24 -18.05
CA LYS C 248 41.06 -31.29 -17.82
C LYS C 248 41.33 -32.42 -16.83
N LEU C 283 40.54 -40.30 -10.32
CA LEU C 283 39.61 -39.57 -11.16
C LEU C 283 38.17 -39.70 -10.63
N ARG C 284 38.04 -40.23 -9.42
CA ARG C 284 36.73 -40.55 -8.83
C ARG C 284 35.96 -39.31 -8.38
N VAL C 285 34.80 -39.54 -7.77
CA VAL C 285 33.92 -38.45 -7.35
C VAL C 285 34.26 -37.93 -5.95
N ASP C 286 35.20 -38.58 -5.28
CA ASP C 286 35.64 -38.18 -3.94
C ASP C 286 36.31 -36.81 -3.96
N GLN C 287 36.90 -36.49 -5.11
CA GLN C 287 37.74 -35.32 -5.23
C GLN C 287 37.02 -34.17 -5.93
N TYR C 288 35.70 -34.31 -6.09
CA TYR C 288 34.89 -33.27 -6.72
C TYR C 288 34.98 -31.94 -5.97
N LEU C 289 34.93 -32.00 -4.64
CA LEU C 289 34.95 -30.77 -3.84
C LEU C 289 36.35 -30.19 -3.71
N ILE C 290 37.36 -31.03 -3.95
CA ILE C 290 38.74 -30.55 -3.98
C ILE C 290 38.95 -29.64 -5.20
N VAL C 291 38.35 -30.02 -6.32
CA VAL C 291 38.41 -29.25 -7.56
C VAL C 291 37.54 -28.00 -7.50
N PHE C 292 36.39 -28.13 -6.85
CA PHE C 292 35.52 -26.98 -6.64
C PHE C 292 36.29 -25.90 -5.88
N LEU C 293 37.04 -26.31 -4.86
CA LEU C 293 37.82 -25.38 -4.04
C LEU C 293 38.91 -24.66 -4.83
N LYS C 294 39.44 -25.34 -5.84
CA LYS C 294 40.42 -24.73 -6.73
C LYS C 294 39.74 -23.57 -7.48
N PHE C 295 38.51 -23.79 -7.92
CA PHE C 295 37.71 -22.74 -8.55
C PHE C 295 37.50 -21.58 -7.58
N ILE C 296 36.71 -21.83 -6.54
CA ILE C 296 36.42 -20.86 -5.48
C ILE C 296 37.58 -19.91 -5.16
N THR C 297 38.79 -20.44 -5.21
CA THR C 297 39.99 -19.68 -4.89
C THR C 297 40.18 -18.50 -5.83
N SER C 298 39.70 -18.61 -7.07
CA SER C 298 39.78 -17.52 -8.02
C SER C 298 38.70 -16.48 -7.78
N VAL C 299 37.67 -16.88 -7.03
CA VAL C 299 36.61 -15.96 -6.65
C VAL C 299 37.10 -15.07 -5.51
N THR C 300 37.74 -15.68 -4.52
CA THR C 300 38.23 -14.96 -3.35
C THR C 300 39.73 -15.16 -3.22
N PRO C 301 40.49 -14.53 -4.12
CA PRO C 301 41.94 -14.76 -4.30
C PRO C 301 42.83 -14.25 -3.18
N SER C 302 42.25 -13.50 -2.23
CA SER C 302 43.00 -12.90 -1.10
C SER C 302 42.83 -13.68 0.22
N ILE C 303 41.91 -14.63 0.23
CA ILE C 303 41.79 -15.58 1.33
C ILE C 303 42.85 -16.68 1.17
N GLN C 304 43.57 -17.00 2.24
CA GLN C 304 44.60 -18.03 2.19
C GLN C 304 44.08 -19.33 1.62
N HIS C 305 45.00 -20.12 1.06
CA HIS C 305 44.69 -21.42 0.48
C HIS C 305 44.90 -22.61 1.43
N ASP C 306 44.03 -22.68 2.45
CA ASP C 306 43.95 -23.76 3.44
C ASP C 306 43.21 -24.96 2.85
N TYR C 307 43.00 -24.91 1.54
CA TYR C 307 42.14 -25.87 0.86
C TYR C 307 42.59 -26.11 -0.59
N THR D 23 -23.28 44.86 -17.81
CA THR D 23 -22.43 44.15 -16.87
C THR D 23 -22.58 42.63 -17.04
N PHE D 24 -23.60 42.07 -16.41
CA PHE D 24 -23.85 40.64 -16.47
C PHE D 24 -24.28 40.16 -17.86
N LEU D 25 -25.21 40.89 -18.47
CA LEU D 25 -25.65 40.55 -19.83
C LEU D 25 -24.47 40.58 -20.80
N THR D 26 -23.50 41.45 -20.53
CA THR D 26 -22.26 41.50 -21.28
C THR D 26 -21.45 40.23 -20.98
N THR D 27 -21.10 40.04 -19.72
CA THR D 27 -20.32 38.87 -19.30
C THR D 27 -21.14 37.58 -19.36
N GLY D 28 -22.32 37.59 -18.76
CA GLY D 28 -23.13 36.39 -18.67
C GLY D 28 -23.07 35.82 -17.26
N GLN D 29 -22.42 36.56 -16.37
CA GLN D 29 -22.17 36.11 -15.00
C GLN D 29 -22.80 37.06 -13.97
N ILE D 30 -22.93 36.59 -12.73
CA ILE D 30 -23.48 37.41 -11.66
C ILE D 30 -22.58 37.47 -10.43
N THR D 31 -22.55 38.64 -9.78
CA THR D 31 -21.92 38.78 -8.48
C THR D 31 -22.77 38.06 -7.44
N PRO D 32 -22.14 37.64 -6.33
CA PRO D 32 -22.93 37.05 -5.23
C PRO D 32 -24.02 38.00 -4.73
N GLU D 33 -23.83 39.30 -4.95
CA GLU D 33 -24.82 40.30 -4.57
C GLU D 33 -25.99 40.33 -5.56
N GLU D 34 -25.71 39.99 -6.82
CA GLU D 34 -26.76 39.89 -7.85
C GLU D 34 -27.58 38.60 -7.67
N PHE D 35 -26.91 37.54 -7.22
CA PHE D 35 -27.57 36.27 -6.95
C PHE D 35 -28.73 36.47 -5.96
N VAL D 36 -28.40 37.04 -4.81
CA VAL D 36 -29.40 37.34 -3.79
C VAL D 36 -30.55 38.16 -4.39
N GLN D 37 -30.25 38.92 -5.44
CA GLN D 37 -31.26 39.74 -6.10
C GLN D 37 -32.23 38.93 -6.94
N ALA D 38 -31.69 38.06 -7.80
CA ALA D 38 -32.54 37.25 -8.65
C ALA D 38 -33.21 36.18 -7.82
N GLY D 39 -32.48 35.71 -6.80
CA GLY D 39 -32.96 34.69 -5.90
C GLY D 39 -34.20 35.15 -5.17
N ASP D 40 -34.11 36.33 -4.55
CA ASP D 40 -35.24 36.92 -3.83
C ASP D 40 -36.42 37.18 -4.75
N TYR D 41 -36.10 37.56 -6.00
CA TYR D 41 -37.10 37.83 -7.02
C TYR D 41 -37.82 36.53 -7.42
N LEU D 42 -37.05 35.50 -7.73
CA LEU D 42 -37.60 34.18 -8.06
C LEU D 42 -38.52 33.63 -6.98
N ALA D 43 -38.07 33.70 -5.72
CA ALA D 43 -38.86 33.22 -4.58
C ALA D 43 -40.09 34.08 -4.35
N HIS D 44 -40.03 35.31 -4.81
CA HIS D 44 -41.17 36.20 -4.67
C HIS D 44 -42.24 35.85 -5.71
N MET D 45 -41.82 35.72 -6.97
CA MET D 45 -42.76 35.45 -8.07
C MET D 45 -43.19 33.98 -8.21
N PHE D 46 -42.38 33.06 -7.68
CA PHE D 46 -42.76 31.65 -7.60
C PHE D 46 -42.43 31.15 -6.20
N PRO D 47 -43.27 31.54 -5.24
CA PRO D 47 -43.07 31.31 -3.80
C PRO D 47 -42.83 29.84 -3.50
N THR D 48 -42.86 29.03 -4.55
CA THR D 48 -42.69 27.59 -4.41
C THR D 48 -41.20 27.26 -4.27
N TRP D 49 -40.38 28.22 -4.68
CA TRP D 49 -38.96 28.18 -4.42
C TRP D 49 -38.70 28.87 -3.09
N LYS D 50 -37.72 28.37 -2.35
CA LYS D 50 -37.40 28.94 -1.04
C LYS D 50 -35.88 29.06 -0.83
N TRP D 51 -35.47 30.05 -0.04
CA TRP D 51 -34.10 30.12 0.44
C TRP D 51 -33.96 29.13 1.58
N ASN D 52 -32.78 28.57 1.75
CA ASN D 52 -32.52 27.69 2.87
C ASN D 52 -32.89 28.33 4.22
N GLU D 53 -33.02 27.49 5.24
CA GLU D 53 -33.03 27.95 6.62
C GLU D 53 -31.60 27.88 7.16
N GLU D 54 -31.35 28.54 8.28
CA GLU D 54 -30.10 28.33 8.99
C GLU D 54 -30.24 27.04 9.79
N SER D 55 -29.46 26.02 9.42
CA SER D 55 -29.34 24.85 10.27
C SER D 55 -27.85 24.53 10.48
N SER D 56 -27.57 23.64 11.42
CA SER D 56 -26.18 23.35 11.77
C SER D 56 -25.52 22.38 10.80
N ASP D 57 -26.31 21.79 9.90
CA ASP D 57 -25.76 20.84 8.92
C ASP D 57 -25.40 21.48 7.58
N ILE D 58 -25.68 22.78 7.46
CA ILE D 58 -25.28 23.55 6.28
C ILE D 58 -23.84 24.03 6.42
N SER D 59 -23.05 23.80 5.39
CA SER D 59 -21.69 24.32 5.31
C SER D 59 -21.73 25.69 4.64
N TYR D 60 -21.85 26.74 5.44
CA TYR D 60 -22.07 28.09 4.89
C TYR D 60 -20.89 28.63 4.10
N ARG D 61 -21.11 29.75 3.44
CA ARG D 61 -20.07 30.49 2.73
C ARG D 61 -20.07 31.92 3.23
N ASP D 62 -18.91 32.43 3.59
CA ASP D 62 -18.78 33.78 4.16
C ASP D 62 -19.37 34.88 3.26
N PHE D 63 -19.16 34.76 1.96
CA PHE D 63 -19.55 35.80 1.00
C PHE D 63 -21.06 35.91 0.81
N LEU D 64 -21.79 34.84 1.13
CA LEU D 64 -23.24 34.91 1.14
C LEU D 64 -23.78 35.02 2.56
N PRO D 65 -24.90 35.73 2.72
CA PRO D 65 -25.55 35.75 4.03
C PRO D 65 -25.94 34.33 4.43
N LYS D 66 -26.05 34.08 5.73
CA LYS D 66 -26.37 32.75 6.21
C LYS D 66 -27.70 32.22 5.64
N ASN D 67 -28.63 33.15 5.43
CA ASN D 67 -30.00 32.79 5.04
C ASN D 67 -30.31 33.02 3.55
N LYS D 68 -29.28 33.24 2.75
CA LYS D 68 -29.44 33.37 1.31
C LYS D 68 -28.32 32.60 0.61
N GLN D 69 -28.05 31.40 1.13
CA GLN D 69 -26.98 30.52 0.63
C GLN D 69 -27.35 29.80 -0.67
N PHE D 70 -28.52 29.20 -0.69
CA PHE D 70 -28.98 28.42 -1.82
C PHE D 70 -30.50 28.33 -1.81
N LEU D 71 -31.08 28.38 -3.00
CA LEU D 71 -32.54 28.26 -3.11
C LEU D 71 -32.91 26.79 -3.28
N ILE D 72 -34.17 26.46 -2.99
CA ILE D 72 -34.61 25.07 -3.02
C ILE D 72 -36.13 24.91 -3.28
N ILE D 73 -36.48 23.95 -4.14
CA ILE D 73 -37.87 23.55 -4.39
C ILE D 73 -38.02 22.05 -4.17
N ARG D 74 -39.16 21.65 -3.59
CA ARG D 74 -39.32 20.31 -3.08
C ARG D 74 -40.34 19.50 -3.88
N LYS D 75 -40.01 18.24 -4.18
CA LYS D 75 -40.97 17.28 -4.71
C LYS D 75 -41.72 17.70 -5.96
N VAL D 76 -41.03 18.22 -6.98
CA VAL D 76 -41.68 18.51 -8.26
C VAL D 76 -41.88 17.20 -9.05
N PRO D 77 -43.14 16.90 -9.45
CA PRO D 77 -43.45 15.62 -10.10
C PRO D 77 -42.75 15.42 -11.43
N ALA D 78 -42.27 14.20 -11.66
CA ALA D 78 -41.80 13.80 -12.99
C ALA D 78 -42.67 12.62 -13.43
N ASP D 79 -43.49 12.86 -14.46
CA ASP D 79 -44.53 11.91 -14.89
C ASP D 79 -43.91 10.79 -15.71
N LYS D 80 -43.02 11.17 -16.62
CA LYS D 80 -42.37 10.24 -17.53
C LYS D 80 -40.85 10.37 -17.43
N ARG D 81 -40.12 9.50 -18.12
CA ARG D 81 -38.66 9.63 -18.16
C ARG D 81 -38.23 10.60 -19.26
N ALA D 82 -36.99 11.08 -19.16
CA ALA D 82 -36.53 12.20 -19.98
C ALA D 82 -36.56 11.95 -21.48
N GLU D 83 -36.15 10.76 -21.90
CA GLU D 83 -36.06 10.48 -23.34
C GLU D 83 -37.34 9.88 -23.91
N GLN D 84 -38.48 10.46 -23.50
CA GLN D 84 -39.77 10.22 -24.12
C GLN D 84 -40.78 11.24 -23.58
N ALA D 85 -40.24 12.40 -23.20
CA ALA D 85 -41.02 13.57 -22.81
C ALA D 85 -40.27 14.84 -23.16
N ILE D 134 -36.98 -10.86 1.60
CA ILE D 134 -37.48 -9.50 1.61
C ILE D 134 -38.90 -9.46 1.09
N ASP D 135 -39.06 -9.75 -0.19
CA ASP D 135 -40.39 -9.83 -0.78
C ASP D 135 -41.25 -10.75 0.09
N GLU D 136 -40.63 -11.77 0.66
CA GLU D 136 -41.32 -12.67 1.59
C GLU D 136 -41.73 -11.94 2.85
N LEU D 137 -40.76 -11.30 3.50
CA LEU D 137 -41.00 -10.48 4.69
C LEU D 137 -42.09 -9.42 4.44
N ILE D 138 -41.95 -8.68 3.35
CA ILE D 138 -42.95 -7.69 2.97
C ILE D 138 -44.32 -8.34 2.84
N GLN D 139 -44.33 -9.62 2.44
CA GLN D 139 -45.58 -10.38 2.34
C GLN D 139 -46.06 -10.85 3.73
N ASP D 140 -45.17 -11.43 4.51
CA ASP D 140 -45.55 -11.89 5.85
C ASP D 140 -46.08 -10.75 6.71
N MET D 141 -45.54 -9.55 6.51
CA MET D 141 -45.92 -8.42 7.34
C MET D 141 -47.11 -7.65 6.79
N GLU D 142 -47.55 -8.01 5.60
CA GLU D 142 -48.78 -7.44 5.09
C GLU D 142 -49.88 -7.62 6.12
N ILE D 143 -50.62 -6.54 6.39
CA ILE D 143 -51.80 -6.64 7.24
C ILE D 143 -53.02 -6.17 6.47
N ALA D 166 -40.97 3.46 -14.65
CA ALA D 166 -42.38 3.24 -14.92
C ALA D 166 -43.25 4.32 -14.28
N GLN D 167 -43.28 4.32 -12.96
CA GLN D 167 -44.24 5.13 -12.20
C GLN D 167 -43.85 6.62 -12.10
N GLU D 168 -44.55 7.38 -11.24
CA GLU D 168 -44.29 8.79 -11.03
C GLU D 168 -42.98 9.02 -10.29
N ARG D 169 -42.36 10.17 -10.50
CA ARG D 169 -41.21 10.50 -9.67
C ARG D 169 -41.30 11.92 -9.11
N TYR D 170 -40.60 12.14 -8.00
CA TYR D 170 -40.57 13.46 -7.38
C TYR D 170 -39.16 13.97 -7.23
N TYR D 171 -38.95 15.24 -7.59
CA TYR D 171 -37.60 15.82 -7.57
C TYR D 171 -37.47 17.05 -6.69
N ASP D 172 -36.48 17.04 -5.82
CA ASP D 172 -36.06 18.25 -5.11
C ASP D 172 -34.97 18.92 -5.92
N LEU D 173 -35.14 20.20 -6.24
CA LEU D 173 -34.10 20.89 -6.98
C LEU D 173 -33.47 21.95 -6.10
N TYR D 174 -32.15 22.05 -6.13
CA TYR D 174 -31.43 23.11 -5.42
C TYR D 174 -30.71 24.00 -6.43
N ILE D 175 -30.65 25.29 -6.13
CA ILE D 175 -29.85 26.23 -6.91
C ILE D 175 -28.81 26.91 -6.02
N ALA D 176 -27.54 26.71 -6.35
CA ALA D 176 -26.43 27.30 -5.60
C ALA D 176 -25.58 28.17 -6.51
N TYR D 177 -24.72 28.99 -5.92
CA TYR D 177 -23.82 29.85 -6.69
C TYR D 177 -22.47 29.18 -6.90
N SER D 178 -21.96 29.24 -8.13
CA SER D 178 -20.61 28.74 -8.40
C SER D 178 -19.60 29.87 -8.32
N THR D 179 -18.54 29.67 -7.55
CA THR D 179 -17.50 30.68 -7.42
C THR D 179 -16.65 30.72 -8.67
N SER D 180 -16.28 29.53 -9.14
CA SER D 180 -15.38 29.39 -10.27
C SER D 180 -15.91 30.00 -11.57
N TYR D 181 -17.11 29.58 -11.97
CA TYR D 181 -17.79 30.16 -13.13
C TYR D 181 -18.90 31.07 -12.62
N ARG D 182 -18.60 32.35 -12.44
CA ARG D 182 -19.50 33.27 -11.74
C ARG D 182 -20.99 33.19 -12.17
N VAL D 183 -21.61 32.03 -11.98
CA VAL D 183 -22.97 31.78 -12.44
C VAL D 183 -23.70 30.79 -11.51
N PRO D 184 -25.03 30.64 -11.67
CA PRO D 184 -25.80 29.65 -10.89
C PRO D 184 -25.43 28.20 -11.25
N LYS D 185 -25.72 27.27 -10.34
CA LYS D 185 -25.30 25.87 -10.48
C LYS D 185 -26.42 24.92 -10.03
N MET D 186 -26.70 23.91 -10.84
CA MET D 186 -27.89 23.07 -10.69
C MET D 186 -27.65 21.72 -10.00
N TYR D 187 -28.41 21.42 -8.95
CA TYR D 187 -28.40 20.08 -8.33
C TYR D 187 -29.79 19.50 -8.15
N ILE D 188 -29.97 18.21 -8.46
CA ILE D 188 -31.28 17.56 -8.29
C ILE D 188 -31.24 16.26 -7.49
N VAL D 189 -32.26 16.06 -6.64
CA VAL D 189 -32.39 14.86 -5.81
C VAL D 189 -33.77 14.22 -5.97
N GLY D 190 -33.77 12.94 -6.34
CA GLY D 190 -34.96 12.26 -6.83
C GLY D 190 -35.58 11.19 -5.94
N PHE D 191 -36.90 11.06 -6.08
CA PHE D 191 -37.69 10.14 -5.29
C PHE D 191 -38.58 9.35 -6.24
N ASN D 192 -38.77 8.08 -5.95
CA ASN D 192 -39.65 7.23 -6.74
C ASN D 192 -41.09 7.44 -6.25
N SER D 193 -42.03 6.69 -6.85
CA SER D 193 -43.45 6.85 -6.52
C SER D 193 -43.78 6.44 -5.09
N ASN D 194 -42.82 5.84 -4.40
CA ASN D 194 -43.05 5.42 -3.02
C ASN D 194 -42.50 6.42 -2.02
N GLY D 195 -41.82 7.44 -2.52
CA GLY D 195 -41.17 8.44 -1.68
C GLY D 195 -39.74 8.07 -1.26
N SER D 196 -39.19 6.98 -1.78
CA SER D 196 -37.80 6.57 -1.50
C SER D 196 -36.80 7.21 -2.45
N PRO D 197 -35.55 7.33 -1.99
CA PRO D 197 -34.54 7.98 -2.82
C PRO D 197 -34.26 7.16 -4.07
N LEU D 198 -34.05 7.84 -5.19
CA LEU D 198 -33.72 7.19 -6.44
C LEU D 198 -32.22 6.91 -6.48
N SER D 199 -31.82 5.88 -7.23
CA SER D 199 -30.39 5.61 -7.40
C SER D 199 -29.78 6.61 -8.37
N PRO D 200 -28.47 6.86 -8.23
CA PRO D 200 -27.86 7.86 -9.11
C PRO D 200 -28.00 7.49 -10.60
N GLU D 201 -28.14 6.21 -10.91
CA GLU D 201 -28.33 5.81 -12.30
C GLU D 201 -29.80 5.78 -12.73
N GLN D 202 -30.71 5.99 -11.78
CA GLN D 202 -32.13 6.17 -12.12
C GLN D 202 -32.40 7.62 -12.46
N MET D 203 -31.83 8.52 -11.66
CA MET D 203 -31.94 9.94 -11.93
C MET D 203 -31.42 10.29 -13.32
N PHE D 204 -30.47 9.49 -13.81
CA PHE D 204 -29.91 9.76 -15.13
C PHE D 204 -30.97 9.61 -16.21
N GLU D 205 -31.91 8.67 -16.01
CA GLU D 205 -33.02 8.48 -16.97
C GLU D 205 -33.78 9.78 -17.21
N ASP D 206 -33.68 10.71 -16.25
CA ASP D 206 -34.43 11.96 -16.27
C ASP D 206 -33.58 13.15 -16.68
N ILE D 207 -32.42 12.87 -17.28
CA ILE D 207 -31.60 13.90 -17.91
C ILE D 207 -31.61 13.70 -19.41
N SER D 208 -31.81 14.78 -20.17
CA SER D 208 -31.83 14.72 -21.64
C SER D 208 -30.53 14.11 -22.20
N ALA D 209 -30.66 13.35 -23.29
CA ALA D 209 -29.54 12.59 -23.88
C ALA D 209 -28.21 13.33 -23.98
N ASP D 210 -28.20 14.48 -24.65
CA ASP D 210 -26.96 15.23 -24.87
C ASP D 210 -26.32 15.73 -23.57
N TYR D 211 -27.14 16.19 -22.62
CA TYR D 211 -26.66 16.62 -21.31
C TYR D 211 -26.16 15.43 -20.48
N ARG D 212 -26.84 14.30 -20.65
CA ARG D 212 -26.60 13.08 -19.87
C ARG D 212 -25.19 12.52 -20.03
N THR D 213 -24.71 12.52 -21.27
CA THR D 213 -23.45 11.86 -21.58
C THR D 213 -22.30 12.85 -21.75
N LYS D 214 -22.58 14.13 -21.55
CA LYS D 214 -21.62 15.19 -21.85
C LYS D 214 -21.37 16.18 -20.71
N THR D 215 -22.42 16.54 -19.98
CA THR D 215 -22.36 17.67 -19.05
C THR D 215 -23.13 17.42 -17.76
N ALA D 216 -22.92 16.27 -17.14
CA ALA D 216 -23.65 15.92 -15.92
C ALA D 216 -22.87 14.93 -15.08
N THR D 217 -23.07 14.97 -13.76
CA THR D 217 -22.32 14.08 -12.90
C THR D 217 -22.93 13.87 -11.51
N ILE D 218 -22.43 12.86 -10.81
CA ILE D 218 -22.90 12.55 -9.45
C ILE D 218 -22.08 13.34 -8.45
N GLU D 219 -22.72 13.86 -7.39
CA GLU D 219 -22.05 14.81 -6.52
C GLU D 219 -22.69 14.95 -5.14
N LYS D 220 -21.86 14.93 -4.10
CA LYS D 220 -22.24 15.38 -2.77
C LYS D 220 -22.82 16.78 -2.92
N LEU D 221 -24.02 17.05 -2.43
CA LEU D 221 -24.49 18.43 -2.35
C LEU D 221 -23.47 19.22 -1.53
N PRO D 222 -22.80 20.20 -2.18
CA PRO D 222 -21.61 20.84 -1.58
C PRO D 222 -21.90 21.68 -0.34
N PHE D 223 -23.15 22.08 -0.16
CA PHE D 223 -23.51 23.02 0.90
C PHE D 223 -24.06 22.36 2.16
N TYR D 224 -24.15 21.04 2.15
CA TYR D 224 -24.55 20.31 3.34
C TYR D 224 -23.31 19.67 3.94
N LYS D 225 -23.21 19.70 5.27
CA LYS D 225 -21.96 19.27 5.90
C LYS D 225 -21.67 17.79 5.65
N ASN D 226 -22.26 16.90 6.46
CA ASN D 226 -22.22 15.48 6.12
C ASN D 226 -23.34 15.24 5.12
N SER D 227 -22.98 14.79 3.92
CA SER D 227 -23.80 15.09 2.75
C SER D 227 -24.43 13.97 1.91
N VAL D 228 -25.17 14.42 0.89
CA VAL D 228 -26.28 13.72 0.24
C VAL D 228 -26.01 13.60 -1.28
N LEU D 229 -26.07 12.39 -1.85
CA LEU D 229 -25.77 12.24 -3.29
C LEU D 229 -26.83 12.82 -4.24
N SER D 230 -26.35 13.44 -5.32
CA SER D 230 -27.23 14.07 -6.30
C SER D 230 -26.65 14.00 -7.70
N VAL D 231 -27.43 14.50 -8.65
CA VAL D 231 -26.97 14.71 -10.00
C VAL D 231 -26.80 16.21 -10.22
N SER D 232 -25.58 16.62 -10.61
CA SER D 232 -25.29 18.02 -10.92
C SER D 232 -25.08 18.22 -12.43
N ILE D 233 -25.22 19.46 -12.87
CA ILE D 233 -25.00 19.84 -14.25
C ILE D 233 -23.94 20.95 -14.28
N HIS D 234 -22.78 20.64 -14.86
CA HIS D 234 -21.65 21.56 -14.92
C HIS D 234 -21.98 22.98 -15.39
N PRO D 235 -21.44 23.99 -14.69
CA PRO D 235 -21.48 25.40 -15.12
C PRO D 235 -20.56 25.66 -16.31
N CYS D 236 -19.76 24.67 -16.71
CA CYS D 236 -18.95 24.77 -17.92
C CYS D 236 -19.87 25.18 -19.06
N LYS D 237 -19.47 26.23 -19.77
CA LYS D 237 -20.38 26.93 -20.67
C LYS D 237 -21.32 27.75 -19.81
N HIS D 238 -22.60 27.39 -19.82
CA HIS D 238 -23.61 28.09 -19.01
C HIS D 238 -23.72 29.59 -19.33
N ALA D 239 -22.63 30.19 -19.81
CA ALA D 239 -22.66 31.60 -20.16
C ALA D 239 -21.35 32.06 -20.78
N ASN D 240 -21.17 31.89 -22.10
CA ASN D 240 -22.04 31.14 -23.01
C ASN D 240 -23.58 31.18 -22.82
N VAL D 241 -24.18 30.00 -22.68
CA VAL D 241 -25.64 29.81 -22.66
C VAL D 241 -26.48 31.01 -22.19
N MET D 242 -26.32 31.38 -20.93
CA MET D 242 -27.09 32.46 -20.33
C MET D 242 -26.93 33.77 -21.09
N LYS D 243 -25.78 33.95 -21.72
CA LYS D 243 -25.53 35.13 -22.55
C LYS D 243 -26.29 35.07 -23.88
N ILE D 244 -26.55 33.86 -24.39
CA ILE D 244 -27.32 33.66 -25.62
C ILE D 244 -28.80 33.97 -25.43
N LEU D 245 -29.42 33.22 -24.52
CA LEU D 245 -30.84 33.31 -24.23
C LEU D 245 -31.23 34.68 -23.68
N LEU D 246 -30.36 35.24 -22.85
CA LEU D 246 -30.55 36.59 -22.32
C LEU D 246 -30.95 37.54 -23.45
N ASP D 247 -30.05 37.73 -24.40
CA ASP D 247 -30.22 38.67 -25.51
C ASP D 247 -31.55 38.58 -26.24
N LYS D 248 -32.64 38.42 -25.49
CA LYS D 248 -33.95 38.32 -26.12
C LYS D 248 -34.77 39.60 -26.02
N VAL D 249 -35.38 39.95 -27.14
CA VAL D 249 -36.13 41.19 -27.30
C VAL D 249 -37.49 41.11 -26.61
N ARG D 284 -32.67 43.51 -17.36
CA ARG D 284 -33.17 43.59 -16.00
C ARG D 284 -32.72 42.36 -15.18
N VAL D 285 -31.77 42.58 -14.27
CA VAL D 285 -31.05 41.49 -13.56
C VAL D 285 -31.89 40.64 -12.60
N ASP D 286 -32.95 41.22 -12.04
CA ASP D 286 -33.78 40.55 -11.05
C ASP D 286 -34.25 39.18 -11.53
N GLN D 287 -34.50 39.04 -12.82
CA GLN D 287 -34.96 37.78 -13.37
C GLN D 287 -33.87 37.03 -14.17
N TYR D 288 -32.63 37.14 -13.72
CA TYR D 288 -31.55 36.33 -14.25
C TYR D 288 -31.87 34.86 -14.01
N LEU D 289 -32.65 34.60 -12.96
CA LEU D 289 -32.95 33.24 -12.55
C LEU D 289 -34.18 32.63 -13.24
N ILE D 290 -35.05 33.47 -13.78
CA ILE D 290 -36.19 32.97 -14.52
C ILE D 290 -35.75 32.54 -15.93
N VAL D 291 -34.75 33.23 -16.47
CA VAL D 291 -34.15 32.82 -17.72
C VAL D 291 -33.42 31.51 -17.48
N PHE D 292 -32.53 31.52 -16.49
CA PHE D 292 -31.77 30.33 -16.12
C PHE D 292 -32.65 29.09 -15.91
N LEU D 293 -33.85 29.29 -15.37
CA LEU D 293 -34.76 28.18 -15.10
C LEU D 293 -35.32 27.55 -16.37
N LYS D 294 -35.58 28.36 -17.38
CA LYS D 294 -36.13 27.86 -18.64
C LYS D 294 -35.03 27.09 -19.39
N PHE D 295 -33.80 27.56 -19.27
CA PHE D 295 -32.66 26.79 -19.72
C PHE D 295 -32.71 25.38 -19.12
N ILE D 296 -32.75 25.32 -17.79
CA ILE D 296 -32.78 24.06 -17.06
C ILE D 296 -33.85 23.07 -17.54
N THR D 297 -35.08 23.54 -17.72
CA THR D 297 -36.16 22.67 -18.17
C THR D 297 -35.74 21.92 -19.44
N SER D 298 -34.84 22.52 -20.21
CA SER D 298 -34.29 21.86 -21.39
C SER D 298 -33.46 20.65 -20.96
N VAL D 299 -32.91 20.72 -19.75
CA VAL D 299 -32.04 19.68 -19.22
C VAL D 299 -32.84 18.53 -18.60
N THR D 300 -33.86 18.88 -17.82
CA THR D 300 -34.72 17.89 -17.16
C THR D 300 -36.17 18.09 -17.60
N PRO D 301 -36.48 17.76 -18.87
CA PRO D 301 -37.76 18.10 -19.52
C PRO D 301 -38.96 17.27 -19.05
N SER D 302 -38.69 16.19 -18.31
CA SER D 302 -39.72 15.31 -17.77
C SER D 302 -40.32 15.88 -16.48
N ILE D 303 -39.52 16.69 -15.79
CA ILE D 303 -39.95 17.31 -14.54
C ILE D 303 -40.85 18.47 -14.88
N GLN D 304 -42.04 18.49 -14.29
CA GLN D 304 -43.04 19.48 -14.64
C GLN D 304 -42.52 20.90 -14.40
N HIS D 305 -43.01 21.85 -15.18
CA HIS D 305 -42.57 23.24 -15.10
C HIS D 305 -43.71 24.23 -15.39
N ASP D 306 -43.45 25.50 -15.09
CA ASP D 306 -44.50 26.52 -15.14
C ASP D 306 -43.93 27.93 -15.36
ZN ZN E . 5.37 -21.75 -31.85
ZN ZN F . 8.71 29.65 -24.01
#